data_3PLV
# 
_entry.id   3PLV 
# 
_audit_conform.dict_name       mmcif_pdbx.dic 
_audit_conform.dict_version    5.379 
_audit_conform.dict_location   http://mmcif.pdb.org/dictionaries/ascii/mmcif_pdbx.dic 
# 
loop_
_database_2.database_id 
_database_2.database_code 
_database_2.pdbx_database_accession 
_database_2.pdbx_DOI 
PDB   3PLV         pdb_00003plv 10.2210/pdb3plv/pdb 
RCSB  RCSB062532   ?            ?                   
WWPDB D_1000062532 ?            ?                   
# 
_pdbx_database_related.db_name        PDB 
_pdbx_database_related.db_id          3PLU 
_pdbx_database_related.details        'Hub-1 protein with HINDI motif bound' 
_pdbx_database_related.content_type   unspecified 
# 
_pdbx_database_status.status_code                     REL 
_pdbx_database_status.entry_id                        3PLV 
_pdbx_database_status.recvd_initial_deposition_date   2010-11-15 
_pdbx_database_status.deposit_site                    RCSB 
_pdbx_database_status.process_site                    RCSB 
_pdbx_database_status.status_code_sf                  REL 
_pdbx_database_status.status_code_mr                  ? 
_pdbx_database_status.SG_entry                        ? 
_pdbx_database_status.status_code_cs                  ? 
_pdbx_database_status.pdb_format_compatible           Y 
_pdbx_database_status.status_code_nmr_data            ? 
_pdbx_database_status.methods_development_category    ? 
# 
loop_
_audit_author.name 
_audit_author.pdbx_ordinal 
'Mishra, S.K.'   1 
'Ammon, T.'      2 
'Popowicz, G.M.' 3 
'Krajewski, M.'  4 
'Nagel, R.J.'    5 
'Ares, M.'       6 
'Holak, T.A.'    7 
'Jentsch, S.'    8 
# 
_citation.id                        primary 
_citation.title                     'Role of the ubiquitin-like protein Hub1 in splice-site usage and alternative splicing.' 
_citation.journal_abbrev            Nature 
_citation.journal_volume            474 
_citation.page_first                173 
_citation.page_last                 178 
_citation.year                      2011 
_citation.journal_id_ASTM           NATUAS 
_citation.country                   UK 
_citation.journal_id_ISSN           0028-0836 
_citation.journal_id_CSD            0006 
_citation.book_publisher            ? 
_citation.pdbx_database_id_PubMed   21614000 
_citation.pdbx_database_id_DOI      10.1038/nature10143 
# 
loop_
_citation_author.citation_id 
_citation_author.name 
_citation_author.ordinal 
_citation_author.identifier_ORCID 
primary 'Mishra, S.K.'   1 ? 
primary 'Ammon, T.'      2 ? 
primary 'Popowicz, G.M.' 3 ? 
primary 'Krajewski, M.'  4 ? 
primary 'Nagel, R.J.'    5 ? 
primary 'Ares, M.'       6 ? 
primary 'Holak, T.A.'    7 ? 
primary 'Jentsch, S.'    8 ? 
# 
_cell.entry_id           3PLV 
_cell.length_a           36.720 
_cell.length_b           83.570 
_cell.length_c           35.110 
_cell.angle_alpha        90.00 
_cell.angle_beta         90.00 
_cell.angle_gamma        90.00 
_cell.Z_PDB              4 
_cell.pdbx_unique_axis   ? 
_cell.length_a_esd       ? 
_cell.length_b_esd       ? 
_cell.length_c_esd       ? 
_cell.angle_alpha_esd    ? 
_cell.angle_beta_esd     ? 
_cell.angle_gamma_esd    ? 
# 
_symmetry.entry_id                         3PLV 
_symmetry.space_group_name_H-M             'P 21 21 2' 
_symmetry.pdbx_full_space_group_name_H-M   ? 
_symmetry.cell_setting                     ? 
_symmetry.Int_Tables_number                18 
_symmetry.space_group_name_Hall            ? 
# 
loop_
_entity.id 
_entity.type 
_entity.src_method 
_entity.pdbx_description 
_entity.formula_weight 
_entity.pdbx_number_of_molecules 
_entity.pdbx_ec 
_entity.pdbx_mutation 
_entity.pdbx_fragment 
_entity.details 
1 polymer man 'Ubiquitin-like modifier HUB1'                              10440.913 1   ? A20G ?               ? 
2 polymer syn '66 kDa U4/U6.U5 small nuclear ribonucleoprotein component' 2282.634  1   ? ?    'HINDII domain' ? 
3 water   nat water                                                       18.015    157 ? ?    ?               ? 
# 
loop_
_entity_poly.entity_id 
_entity_poly.type 
_entity_poly.nstd_linkage 
_entity_poly.nstd_monomer 
_entity_poly.pdbx_seq_one_letter_code 
_entity_poly.pdbx_seq_one_letter_code_can 
_entity_poly.pdbx_strand_id 
_entity_poly.pdbx_target_identifier 
1 'polypeptide(L)' no no 
;MGSSHHHHHHSSGLVPRGSHMIEVVVNDRLGKKVRVKCLGEDSVGDFKKVLSLQIGTQPNKIVLQKGGSVLKDHISLEDY
EVHDQTNLELYYL
;
;MGSSHHHHHHSSGLVPRGSHMIEVVVNDRLGKKVRVKCLGEDSVGDFKKVLSLQIGTQPNKIVLQKGGSVLKDHISLEDY
EVHDQTNLELYYL
;
A ? 
2 'polypeptide(L)' no no SLSIEETNELRASLGLKLIPP                                                                            
SLSIEETNELRASLGLKLIPP                                                                            C ? 
# 
loop_
_entity_poly_seq.entity_id 
_entity_poly_seq.num 
_entity_poly_seq.mon_id 
_entity_poly_seq.hetero 
1 1  MET n 
1 2  GLY n 
1 3  SER n 
1 4  SER n 
1 5  HIS n 
1 6  HIS n 
1 7  HIS n 
1 8  HIS n 
1 9  HIS n 
1 10 HIS n 
1 11 SER n 
1 12 SER n 
1 13 GLY n 
1 14 LEU n 
1 15 VAL n 
1 16 PRO n 
1 17 ARG n 
1 18 GLY n 
1 19 SER n 
1 20 HIS n 
1 21 MET n 
1 22 ILE n 
1 23 GLU n 
1 24 VAL n 
1 25 VAL n 
1 26 VAL n 
1 27 ASN n 
1 28 ASP n 
1 29 ARG n 
1 30 LEU n 
1 31 GLY n 
1 32 LYS n 
1 33 LYS n 
1 34 VAL n 
1 35 ARG n 
1 36 VAL n 
1 37 LYS n 
1 38 CYS n 
1 39 LEU n 
1 40 GLY n 
1 41 GLU n 
1 42 ASP n 
1 43 SER n 
1 44 VAL n 
1 45 GLY n 
1 46 ASP n 
1 47 PHE n 
1 48 LYS n 
1 49 LYS n 
1 50 VAL n 
1 51 LEU n 
1 52 SER n 
1 53 LEU n 
1 54 GLN n 
1 55 ILE n 
1 56 GLY n 
1 57 THR n 
1 58 GLN n 
1 59 PRO n 
1 60 ASN n 
1 61 LYS n 
1 62 ILE n 
1 63 VAL n 
1 64 LEU n 
1 65 GLN n 
1 66 LYS n 
1 67 GLY n 
1 68 GLY n 
1 69 SER n 
1 70 VAL n 
1 71 LEU n 
1 72 LYS n 
1 73 ASP n 
1 74 HIS n 
1 75 ILE n 
1 76 SER n 
1 77 LEU n 
1 78 GLU n 
1 79 ASP n 
1 80 TYR n 
1 81 GLU n 
1 82 VAL n 
1 83 HIS n 
1 84 ASP n 
1 85 GLN n 
1 86 THR n 
1 87 ASN n 
1 88 LEU n 
1 89 GLU n 
1 90 LEU n 
1 91 TYR n 
1 92 TYR n 
1 93 LEU n 
2 1  SER n 
2 2  LEU n 
2 3  SER n 
2 4  ILE n 
2 5  GLU n 
2 6  GLU n 
2 7  THR n 
2 8  ASN n 
2 9  GLU n 
2 10 LEU n 
2 11 ARG n 
2 12 ALA n 
2 13 SER n 
2 14 LEU n 
2 15 GLY n 
2 16 LEU n 
2 17 LYS n 
2 18 LEU n 
2 19 ILE n 
2 20 PRO n 
2 21 PRO n 
# 
_entity_src_gen.entity_id                          1 
_entity_src_gen.pdbx_src_id                        1 
_entity_src_gen.pdbx_alt_source_flag               sample 
_entity_src_gen.pdbx_seq_type                      ? 
_entity_src_gen.pdbx_beg_seq_num                   ? 
_entity_src_gen.pdbx_end_seq_num                   ? 
_entity_src_gen.gene_src_common_name               
;brewer's yeast,lager beer yeast,yeast
;
_entity_src_gen.gene_src_genus                     ? 
_entity_src_gen.pdbx_gene_src_gene                 'HUB1, YNR032C-A' 
_entity_src_gen.gene_src_species                   ? 
_entity_src_gen.gene_src_strain                    ? 
_entity_src_gen.gene_src_tissue                    ? 
_entity_src_gen.gene_src_tissue_fraction           ? 
_entity_src_gen.gene_src_details                   ? 
_entity_src_gen.pdbx_gene_src_fragment             ? 
_entity_src_gen.pdbx_gene_src_scientific_name      'Saccharomyces cerevisiae' 
_entity_src_gen.pdbx_gene_src_ncbi_taxonomy_id     4932 
_entity_src_gen.pdbx_gene_src_variant              ? 
_entity_src_gen.pdbx_gene_src_cell_line            ? 
_entity_src_gen.pdbx_gene_src_atcc                 ? 
_entity_src_gen.pdbx_gene_src_organ                ? 
_entity_src_gen.pdbx_gene_src_organelle            ? 
_entity_src_gen.pdbx_gene_src_cell                 ? 
_entity_src_gen.pdbx_gene_src_cellular_location    ? 
_entity_src_gen.host_org_common_name               ? 
_entity_src_gen.pdbx_host_org_scientific_name      'Escherichia coli' 
_entity_src_gen.pdbx_host_org_ncbi_taxonomy_id     562 
_entity_src_gen.host_org_genus                     ? 
_entity_src_gen.pdbx_host_org_gene                 ? 
_entity_src_gen.pdbx_host_org_organ                ? 
_entity_src_gen.host_org_species                   ? 
_entity_src_gen.pdbx_host_org_tissue               ? 
_entity_src_gen.pdbx_host_org_tissue_fraction      ? 
_entity_src_gen.pdbx_host_org_strain               BL21DE3 
_entity_src_gen.pdbx_host_org_variant              ? 
_entity_src_gen.pdbx_host_org_cell_line            ? 
_entity_src_gen.pdbx_host_org_atcc                 ? 
_entity_src_gen.pdbx_host_org_culture_collection   ? 
_entity_src_gen.pdbx_host_org_cell                 ? 
_entity_src_gen.pdbx_host_org_organelle            ? 
_entity_src_gen.pdbx_host_org_cellular_location    ? 
_entity_src_gen.pdbx_host_org_vector_type          plasmid 
_entity_src_gen.pdbx_host_org_vector               ? 
_entity_src_gen.host_org_details                   ? 
_entity_src_gen.expression_system_id               ? 
_entity_src_gen.plasmid_name                       pET-28 
_entity_src_gen.plasmid_details                    ? 
_entity_src_gen.pdbx_description                   ? 
# 
_pdbx_entity_src_syn.entity_id              2 
_pdbx_entity_src_syn.pdbx_src_id            1 
_pdbx_entity_src_syn.pdbx_alt_source_flag   sample 
_pdbx_entity_src_syn.pdbx_beg_seq_num       ? 
_pdbx_entity_src_syn.pdbx_end_seq_num       ? 
_pdbx_entity_src_syn.organism_scientific    'Saccharomyces cerevisiae' 
_pdbx_entity_src_syn.organism_common_name   
;brewer's yeast,lager beer yeast,yeast
;
_pdbx_entity_src_syn.ncbi_taxonomy_id       4932 
_pdbx_entity_src_syn.details                ? 
# 
loop_
_struct_ref.id 
_struct_ref.db_name 
_struct_ref.db_code 
_struct_ref.pdbx_db_accession 
_struct_ref.entity_id 
_struct_ref.pdbx_seq_one_letter_code 
_struct_ref.pdbx_align_begin 
_struct_ref.pdbx_db_isoform 
1 UNP HUB1_YEAST  Q6Q546 1 MIEVVVNDRLGKKVRVKCLAEDSVGDFKKVLSLQIGTQPNKIVLQKGGSVLKDHISLEDYEVHDQTNLELYYL 1  ? 
2 UNP SNU66_YEAST Q12420 2 SLSIEETNELRASLGLKLIPP                                                     37 ? 
# 
loop_
_struct_ref_seq.align_id 
_struct_ref_seq.ref_id 
_struct_ref_seq.pdbx_PDB_id_code 
_struct_ref_seq.pdbx_strand_id 
_struct_ref_seq.seq_align_beg 
_struct_ref_seq.pdbx_seq_align_beg_ins_code 
_struct_ref_seq.seq_align_end 
_struct_ref_seq.pdbx_seq_align_end_ins_code 
_struct_ref_seq.pdbx_db_accession 
_struct_ref_seq.db_align_beg 
_struct_ref_seq.pdbx_db_align_beg_ins_code 
_struct_ref_seq.db_align_end 
_struct_ref_seq.pdbx_db_align_end_ins_code 
_struct_ref_seq.pdbx_auth_seq_align_beg 
_struct_ref_seq.pdbx_auth_seq_align_end 
1 1 3PLV A 21 ? 93 ? Q6Q546 1  ? 73 ? 1  73 
2 2 3PLV C 1  ? 21 ? Q12420 37 ? 57 ? 37 57 
# 
loop_
_struct_ref_seq_dif.align_id 
_struct_ref_seq_dif.pdbx_pdb_id_code 
_struct_ref_seq_dif.mon_id 
_struct_ref_seq_dif.pdbx_pdb_strand_id 
_struct_ref_seq_dif.seq_num 
_struct_ref_seq_dif.pdbx_pdb_ins_code 
_struct_ref_seq_dif.pdbx_seq_db_name 
_struct_ref_seq_dif.pdbx_seq_db_accession_code 
_struct_ref_seq_dif.db_mon_id 
_struct_ref_seq_dif.pdbx_seq_db_seq_num 
_struct_ref_seq_dif.details 
_struct_ref_seq_dif.pdbx_auth_seq_num 
_struct_ref_seq_dif.pdbx_ordinal 
1 3PLV MET A 1  ? UNP Q6Q546 ?   ?  'expression tag'      81  1  
1 3PLV GLY A 2  ? UNP Q6Q546 ?   ?  'expression tag'      82  2  
1 3PLV SER A 3  ? UNP Q6Q546 ?   ?  'expression tag'      83  3  
1 3PLV SER A 4  ? UNP Q6Q546 ?   ?  'expression tag'      84  4  
1 3PLV HIS A 5  ? UNP Q6Q546 ?   ?  'expression tag'      85  5  
1 3PLV HIS A 6  ? UNP Q6Q546 ?   ?  'expression tag'      86  6  
1 3PLV HIS A 7  ? UNP Q6Q546 ?   ?  'expression tag'      87  7  
1 3PLV HIS A 8  ? UNP Q6Q546 ?   ?  'expression tag'      88  8  
1 3PLV HIS A 9  ? UNP Q6Q546 ?   ?  'expression tag'      89  9  
1 3PLV HIS A 10 ? UNP Q6Q546 ?   ?  'expression tag'      90  10 
1 3PLV SER A 11 ? UNP Q6Q546 ?   ?  'expression tag'      91  11 
1 3PLV SER A 12 ? UNP Q6Q546 ?   ?  'expression tag'      92  12 
1 3PLV GLY A 13 ? UNP Q6Q546 ?   ?  'expression tag'      93  13 
1 3PLV LEU A 14 ? UNP Q6Q546 ?   ?  'expression tag'      94  14 
1 3PLV VAL A 15 ? UNP Q6Q546 ?   ?  'expression tag'      95  15 
1 3PLV PRO A 16 ? UNP Q6Q546 ?   ?  'expression tag'      96  16 
1 3PLV ARG A 17 ? UNP Q6Q546 ?   ?  'expression tag'      97  17 
1 3PLV GLY A 18 ? UNP Q6Q546 ?   ?  'expression tag'      98  18 
1 3PLV SER A 19 ? UNP Q6Q546 ?   ?  'expression tag'      99  19 
1 3PLV HIS A 20 ? UNP Q6Q546 ?   ?  'expression tag'      100 20 
1 3PLV GLY A 40 ? UNP Q6Q546 ALA 20 'engineered mutation' 20  21 
# 
loop_
_chem_comp.id 
_chem_comp.type 
_chem_comp.mon_nstd_flag 
_chem_comp.name 
_chem_comp.pdbx_synonyms 
_chem_comp.formula 
_chem_comp.formula_weight 
ALA 'L-peptide linking' y ALANINE         ? 'C3 H7 N O2'     89.093  
ARG 'L-peptide linking' y ARGININE        ? 'C6 H15 N4 O2 1' 175.209 
ASN 'L-peptide linking' y ASPARAGINE      ? 'C4 H8 N2 O3'    132.118 
ASP 'L-peptide linking' y 'ASPARTIC ACID' ? 'C4 H7 N O4'     133.103 
CYS 'L-peptide linking' y CYSTEINE        ? 'C3 H7 N O2 S'   121.158 
GLN 'L-peptide linking' y GLUTAMINE       ? 'C5 H10 N2 O3'   146.144 
GLU 'L-peptide linking' y 'GLUTAMIC ACID' ? 'C5 H9 N O4'     147.129 
GLY 'peptide linking'   y GLYCINE         ? 'C2 H5 N O2'     75.067  
HIS 'L-peptide linking' y HISTIDINE       ? 'C6 H10 N3 O2 1' 156.162 
HOH non-polymer         . WATER           ? 'H2 O'           18.015  
ILE 'L-peptide linking' y ISOLEUCINE      ? 'C6 H13 N O2'    131.173 
LEU 'L-peptide linking' y LEUCINE         ? 'C6 H13 N O2'    131.173 
LYS 'L-peptide linking' y LYSINE          ? 'C6 H15 N2 O2 1' 147.195 
MET 'L-peptide linking' y METHIONINE      ? 'C5 H11 N O2 S'  149.211 
PHE 'L-peptide linking' y PHENYLALANINE   ? 'C9 H11 N O2'    165.189 
PRO 'L-peptide linking' y PROLINE         ? 'C5 H9 N O2'     115.130 
SER 'L-peptide linking' y SERINE          ? 'C3 H7 N O3'     105.093 
THR 'L-peptide linking' y THREONINE       ? 'C4 H9 N O3'     119.119 
TYR 'L-peptide linking' y TYROSINE        ? 'C9 H11 N O3'    181.189 
VAL 'L-peptide linking' y VALINE          ? 'C5 H11 N O2'    117.146 
# 
_exptl.entry_id          3PLV 
_exptl.method            'X-RAY DIFFRACTION' 
_exptl.crystals_number   1 
# 
_exptl_crystal.id                    1 
_exptl_crystal.density_meas          ? 
_exptl_crystal.density_Matthews      2.12 
_exptl_crystal.density_percent_sol   41.90 
_exptl_crystal.description           ? 
_exptl_crystal.F_000                 ? 
_exptl_crystal.preparation           ? 
# 
_exptl_crystal_grow.crystal_id      1 
_exptl_crystal_grow.method          'VAPOR DIFFUSION, SITTING DROP' 
_exptl_crystal_grow.temp            290 
_exptl_crystal_grow.temp_details    ? 
_exptl_crystal_grow.pH              6.9 
_exptl_crystal_grow.pdbx_details    '0.2M Ammonium Iodide, 20% PEG 3350, pH 6.9, VAPOR DIFFUSION, SITTING DROP, temperature 290K' 
_exptl_crystal_grow.pdbx_pH_range   ? 
# 
_diffrn.id                     1 
_diffrn.ambient_temp           90 
_diffrn.ambient_temp_details   ? 
_diffrn.crystal_id             1 
# 
_diffrn_detector.diffrn_id              1 
_diffrn_detector.detector               CCD 
_diffrn_detector.type                   'MAR CCD 165 mm' 
_diffrn_detector.pdbx_collection_date   2006-05-09 
_diffrn_detector.details                mirrors 
# 
_diffrn_radiation.diffrn_id                        1 
_diffrn_radiation.wavelength_id                    1 
_diffrn_radiation.pdbx_monochromatic_or_laue_m_l   M 
_diffrn_radiation.monochromator                    Si-111 
_diffrn_radiation.pdbx_diffrn_protocol             'SINGLE WAVELENGTH' 
_diffrn_radiation.pdbx_scattering_type             x-ray 
# 
_diffrn_radiation_wavelength.id           1 
_diffrn_radiation_wavelength.wavelength   1.05 
_diffrn_radiation_wavelength.wt           1.0 
# 
_diffrn_source.diffrn_id                   1 
_diffrn_source.source                      SYNCHROTRON 
_diffrn_source.type                        'MPG/DESY, HAMBURG BEAMLINE BW6' 
_diffrn_source.pdbx_synchrotron_site       'MPG/DESY, HAMBURG' 
_diffrn_source.pdbx_synchrotron_beamline   BW6 
_diffrn_source.pdbx_wavelength             ? 
_diffrn_source.pdbx_wavelength_list        1.05 
# 
_reflns.entry_id                     3PLV 
_reflns.observed_criterion_sigma_I   2 
_reflns.observed_criterion_sigma_F   2 
_reflns.d_resolution_low             45 
_reflns.d_resolution_high            1.9 
_reflns.number_obs                   8959 
_reflns.number_all                   9009 
_reflns.percent_possible_obs         99.4 
_reflns.pdbx_Rmerge_I_obs            ? 
_reflns.pdbx_Rsym_value              ? 
_reflns.pdbx_netI_over_sigmaI        ? 
_reflns.B_iso_Wilson_estimate        ? 
_reflns.pdbx_redundancy              ? 
_reflns.R_free_details               ? 
_reflns.limit_h_max                  ? 
_reflns.limit_h_min                  ? 
_reflns.limit_k_max                  ? 
_reflns.limit_k_min                  ? 
_reflns.limit_l_max                  ? 
_reflns.limit_l_min                  ? 
_reflns.observed_criterion_F_max     ? 
_reflns.observed_criterion_F_min     ? 
_reflns.pdbx_chi_squared             ? 
_reflns.pdbx_scaling_rejects         ? 
_reflns.pdbx_ordinal                 1 
_reflns.pdbx_diffrn_id               1 
# 
_reflns_shell.d_res_high             1.9 
_reflns_shell.d_res_low              2.0 
_reflns_shell.percent_possible_all   97.8 
_reflns_shell.Rmerge_I_obs           0.136 
_reflns_shell.pdbx_Rsym_value        ? 
_reflns_shell.meanI_over_sigI_obs    9.96 
_reflns_shell.pdbx_redundancy        ? 
_reflns_shell.percent_possible_obs   ? 
_reflns_shell.number_unique_all      ? 
_reflns_shell.number_measured_all    ? 
_reflns_shell.number_measured_obs    ? 
_reflns_shell.number_unique_obs      ? 
_reflns_shell.pdbx_chi_squared       ? 
_reflns_shell.pdbx_ordinal           1 
_reflns_shell.pdbx_diffrn_id         1 
# 
_refine.entry_id                                 3PLV 
_refine.ls_number_reflns_obs                     8559 
_refine.ls_number_reflns_all                     8559 
_refine.pdbx_ls_sigma_I                          ? 
_refine.pdbx_ls_sigma_F                          2 
_refine.pdbx_data_cutoff_high_absF               ? 
_refine.pdbx_data_cutoff_low_absF                ? 
_refine.pdbx_data_cutoff_high_rms_absF           ? 
_refine.ls_d_res_low                             41.78 
_refine.ls_d_res_high                            1.90 
_refine.ls_percent_reflns_obs                    99.66 
_refine.ls_R_factor_obs                          0.20301 
_refine.ls_R_factor_all                          ? 
_refine.ls_R_factor_R_work                       0.20099 
_refine.ls_R_factor_R_free                       0.24177 
_refine.ls_R_factor_R_free_error                 ? 
_refine.ls_R_factor_R_free_error_details         ? 
_refine.ls_percent_reflns_R_free                 4.7 
_refine.ls_number_reflns_R_free                  425 
_refine.ls_number_parameters                     ? 
_refine.ls_number_restraints                     ? 
_refine.occupancy_min                            ? 
_refine.occupancy_max                            ? 
_refine.correlation_coeff_Fo_to_Fc               0.925 
_refine.correlation_coeff_Fo_to_Fc_free          0.891 
_refine.B_iso_mean                               11.774 
_refine.aniso_B[1][1]                            -0.49 
_refine.aniso_B[2][2]                            -0.18 
_refine.aniso_B[3][3]                            0.67 
_refine.aniso_B[1][2]                            0.00 
_refine.aniso_B[1][3]                            0.00 
_refine.aniso_B[2][3]                            0.00 
_refine.solvent_model_details                    MASK 
_refine.solvent_model_param_ksol                 ? 
_refine.solvent_model_param_bsol                 ? 
_refine.pdbx_solvent_vdw_probe_radii             1.40 
_refine.pdbx_solvent_ion_probe_radii             0.80 
_refine.pdbx_solvent_shrinkage_radii             0.80 
_refine.pdbx_ls_cross_valid_method               THROUGHOUT 
_refine.details                                  'HYDROGENS HAVE BEEN ADDED IN THE RIDING POSITIONS' 
_refine.pdbx_starting_model                      'PDB entry 1UBI' 
_refine.pdbx_method_to_determine_struct          'MOLECULAR REPLACEMENT' 
_refine.pdbx_isotropic_thermal_model             ? 
_refine.pdbx_stereochemistry_target_values       'MAXIMUM LIKELIHOOD' 
_refine.pdbx_stereochem_target_val_spec_case     ? 
_refine.pdbx_R_Free_selection_details            RANDOM 
_refine.pdbx_overall_ESU_R_Free                  0.155 
_refine.overall_SU_ML                            0.116 
_refine.overall_SU_B                             3.910 
_refine.overall_SU_R_Cruickshank_DPI             ? 
_refine.ls_redundancy_reflns_obs                 ? 
_refine.B_iso_min                                ? 
_refine.B_iso_max                                ? 
_refine.overall_SU_R_free                        ? 
_refine.ls_wR_factor_R_free                      ? 
_refine.ls_wR_factor_R_work                      ? 
_refine.overall_FOM_free_R_set                   ? 
_refine.overall_FOM_work_R_set                   ? 
_refine.pdbx_overall_phase_error                 ? 
_refine.pdbx_refine_id                           'X-RAY DIFFRACTION' 
_refine.pdbx_overall_ESU_R                       ? 
_refine.pdbx_diffrn_id                           1 
_refine.pdbx_TLS_residual_ADP_flag               ? 
_refine.pdbx_overall_SU_R_free_Cruickshank_DPI   ? 
_refine.pdbx_overall_SU_R_Blow_DPI               ? 
_refine.pdbx_overall_SU_R_free_Blow_DPI          ? 
# 
_refine_hist.pdbx_refine_id                   'X-RAY DIFFRACTION' 
_refine_hist.cycle_id                         LAST 
_refine_hist.pdbx_number_atoms_protein        780 
_refine_hist.pdbx_number_atoms_nucleic_acid   0 
_refine_hist.pdbx_number_atoms_ligand         0 
_refine_hist.number_atoms_solvent             157 
_refine_hist.number_atoms_total               937 
_refine_hist.d_res_high                       1.90 
_refine_hist.d_res_low                        41.78 
# 
loop_
_refine_ls_restr.type 
_refine_ls_restr.dev_ideal 
_refine_ls_restr.dev_ideal_target 
_refine_ls_restr.weight 
_refine_ls_restr.number 
_refine_ls_restr.pdbx_refine_id 
_refine_ls_restr.pdbx_restraint_function 
r_bond_refined_d             0.008  0.022  ? 790  'X-RAY DIFFRACTION' ? 
r_bond_other_d               ?      ?      ? ?    'X-RAY DIFFRACTION' ? 
r_angle_refined_deg          1.191  2.008  ? 1066 'X-RAY DIFFRACTION' ? 
r_angle_other_deg            ?      ?      ? ?    'X-RAY DIFFRACTION' ? 
r_dihedral_angle_1_deg       5.544  5.000  ? 99   'X-RAY DIFFRACTION' ? 
r_dihedral_angle_2_deg       38.816 25.312 ? 32   'X-RAY DIFFRACTION' ? 
r_dihedral_angle_3_deg       12.051 15.000 ? 151  'X-RAY DIFFRACTION' ? 
r_dihedral_angle_4_deg       17.214 15.000 ? 4    'X-RAY DIFFRACTION' ? 
r_chiral_restr               0.088  0.200  ? 129  'X-RAY DIFFRACTION' ? 
r_gen_planes_refined         0.004  0.020  ? 565  'X-RAY DIFFRACTION' ? 
r_gen_planes_other           ?      ?      ? ?    'X-RAY DIFFRACTION' ? 
r_nbd_refined                0.182  0.200  ? 347  'X-RAY DIFFRACTION' ? 
r_nbd_other                  ?      ?      ? ?    'X-RAY DIFFRACTION' ? 
r_nbtor_refined              0.294  0.200  ? 533  'X-RAY DIFFRACTION' ? 
r_nbtor_other                ?      ?      ? ?    'X-RAY DIFFRACTION' ? 
r_xyhbond_nbd_refined        0.128  0.200  ? 103  'X-RAY DIFFRACTION' ? 
r_xyhbond_nbd_other          ?      ?      ? ?    'X-RAY DIFFRACTION' ? 
r_metal_ion_refined          ?      ?      ? ?    'X-RAY DIFFRACTION' ? 
r_metal_ion_other            ?      ?      ? ?    'X-RAY DIFFRACTION' ? 
r_symmetry_vdw_refined       0.166  0.200  ? 40   'X-RAY DIFFRACTION' ? 
r_symmetry_vdw_other         ?      ?      ? ?    'X-RAY DIFFRACTION' ? 
r_symmetry_hbond_refined     0.124  0.200  ? 23   'X-RAY DIFFRACTION' ? 
r_symmetry_hbond_other       ?      ?      ? ?    'X-RAY DIFFRACTION' ? 
r_symmetry_metal_ion_refined ?      ?      ? ?    'X-RAY DIFFRACTION' ? 
r_symmetry_metal_ion_other   ?      ?      ? ?    'X-RAY DIFFRACTION' ? 
r_mcbond_it                  ?      ?      ? ?    'X-RAY DIFFRACTION' ? 
r_mcbond_other               ?      ?      ? ?    'X-RAY DIFFRACTION' ? 
r_mcangle_it                 ?      ?      ? ?    'X-RAY DIFFRACTION' ? 
r_scbond_it                  ?      ?      ? ?    'X-RAY DIFFRACTION' ? 
r_scangle_it                 ?      ?      ? ?    'X-RAY DIFFRACTION' ? 
r_rigid_bond_restr           ?      ?      ? ?    'X-RAY DIFFRACTION' ? 
r_sphericity_free            ?      ?      ? ?    'X-RAY DIFFRACTION' ? 
r_sphericity_bonded          ?      ?      ? ?    'X-RAY DIFFRACTION' ? 
# 
_refine_ls_shell.pdbx_total_number_of_bins_used   20 
_refine_ls_shell.d_res_high                       1.900 
_refine_ls_shell.d_res_low                        1.949 
_refine_ls_shell.number_reflns_R_work             624 
_refine_ls_shell.R_factor_R_work                  0.283 
_refine_ls_shell.percent_reflns_obs               97.76 
_refine_ls_shell.R_factor_R_free                  0.291 
_refine_ls_shell.R_factor_R_free_error            ? 
_refine_ls_shell.percent_reflns_R_free            ? 
_refine_ls_shell.number_reflns_R_free             32 
_refine_ls_shell.number_reflns_all                ? 
_refine_ls_shell.R_factor_all                     ? 
_refine_ls_shell.number_reflns_obs                ? 
_refine_ls_shell.redundancy_reflns_obs            ? 
_refine_ls_shell.pdbx_refine_id                   'X-RAY DIFFRACTION' 
# 
_struct.entry_id                  3PLV 
_struct.title                     'Structure of Hub-1 protein in complex with Snu66 peptide (HINDII)' 
_struct.pdbx_model_details        ? 
_struct.pdbx_CASP_flag            ? 
_struct.pdbx_model_type_details   ? 
# 
_struct_keywords.entry_id        3PLV 
_struct_keywords.pdbx_keywords   'PEPTIDE BINDING PROTEIN' 
_struct_keywords.text            'Ubiquitin-like, PEPTIDE BINDING PROTEIN' 
# 
loop_
_struct_asym.id 
_struct_asym.pdbx_blank_PDB_chainid_flag 
_struct_asym.pdbx_modified 
_struct_asym.entity_id 
_struct_asym.details 
A N N 1 ? 
B N N 2 ? 
C N N 3 ? 
D N N 3 ? 
# 
_struct_biol.id        1 
_struct_biol.details   ? 
# 
loop_
_struct_conf.conf_type_id 
_struct_conf.id 
_struct_conf.pdbx_PDB_helix_id 
_struct_conf.beg_label_comp_id 
_struct_conf.beg_label_asym_id 
_struct_conf.beg_label_seq_id 
_struct_conf.pdbx_beg_PDB_ins_code 
_struct_conf.end_label_comp_id 
_struct_conf.end_label_asym_id 
_struct_conf.end_label_seq_id 
_struct_conf.pdbx_end_PDB_ins_code 
_struct_conf.beg_auth_comp_id 
_struct_conf.beg_auth_asym_id 
_struct_conf.beg_auth_seq_id 
_struct_conf.end_auth_comp_id 
_struct_conf.end_auth_asym_id 
_struct_conf.end_auth_seq_id 
_struct_conf.pdbx_PDB_helix_class 
_struct_conf.details 
_struct_conf.pdbx_PDB_helix_length 
HELX_P HELX_P1 1 SER A 43 ? GLY A 56 ? SER A 23 GLY A 36 1 ? 14 
HELX_P HELX_P2 2 GLN A 58 ? ASN A 60 ? GLN A 38 ASN A 40 5 ? 3  
HELX_P HELX_P3 3 LEU A 77 ? GLU A 81 ? LEU A 57 GLU A 61 5 ? 5  
HELX_P HELX_P4 4 SER B 3  ? LEU B 14 ? SER C 39 LEU C 50 1 ? 12 
# 
_struct_conf_type.id          HELX_P 
_struct_conf_type.criteria    ? 
_struct_conf_type.reference   ? 
# 
_struct_sheet.id               A 
_struct_sheet.type             ? 
_struct_sheet.number_strands   5 
_struct_sheet.details          ? 
# 
loop_
_struct_sheet_order.sheet_id 
_struct_sheet_order.range_id_1 
_struct_sheet_order.range_id_2 
_struct_sheet_order.offset 
_struct_sheet_order.sense 
A 1 2 ? anti-parallel 
A 2 3 ? parallel      
A 3 4 ? anti-parallel 
A 4 5 ? anti-parallel 
# 
loop_
_struct_sheet_range.sheet_id 
_struct_sheet_range.id 
_struct_sheet_range.beg_label_comp_id 
_struct_sheet_range.beg_label_asym_id 
_struct_sheet_range.beg_label_seq_id 
_struct_sheet_range.pdbx_beg_PDB_ins_code 
_struct_sheet_range.end_label_comp_id 
_struct_sheet_range.end_label_asym_id 
_struct_sheet_range.end_label_seq_id 
_struct_sheet_range.pdbx_end_PDB_ins_code 
_struct_sheet_range.beg_auth_comp_id 
_struct_sheet_range.beg_auth_asym_id 
_struct_sheet_range.beg_auth_seq_id 
_struct_sheet_range.end_auth_comp_id 
_struct_sheet_range.end_auth_asym_id 
_struct_sheet_range.end_auth_seq_id 
A 1 LYS A 33 ? LEU A 39 ? LYS A 13 LEU A 19 
A 2 MET A 21 ? ASN A 27 ? MET A 1  ASN A 7  
A 3 ASN A 87 ? TYR A 92 ? ASN A 67 TYR A 72 
A 4 ILE A 62 ? LYS A 66 ? ILE A 42 LYS A 46 
A 5 SER A 69 ? VAL A 70 ? SER A 49 VAL A 50 
# 
loop_
_pdbx_struct_sheet_hbond.sheet_id 
_pdbx_struct_sheet_hbond.range_id_1 
_pdbx_struct_sheet_hbond.range_id_2 
_pdbx_struct_sheet_hbond.range_1_label_atom_id 
_pdbx_struct_sheet_hbond.range_1_label_comp_id 
_pdbx_struct_sheet_hbond.range_1_label_asym_id 
_pdbx_struct_sheet_hbond.range_1_label_seq_id 
_pdbx_struct_sheet_hbond.range_1_PDB_ins_code 
_pdbx_struct_sheet_hbond.range_1_auth_atom_id 
_pdbx_struct_sheet_hbond.range_1_auth_comp_id 
_pdbx_struct_sheet_hbond.range_1_auth_asym_id 
_pdbx_struct_sheet_hbond.range_1_auth_seq_id 
_pdbx_struct_sheet_hbond.range_2_label_atom_id 
_pdbx_struct_sheet_hbond.range_2_label_comp_id 
_pdbx_struct_sheet_hbond.range_2_label_asym_id 
_pdbx_struct_sheet_hbond.range_2_label_seq_id 
_pdbx_struct_sheet_hbond.range_2_PDB_ins_code 
_pdbx_struct_sheet_hbond.range_2_auth_atom_id 
_pdbx_struct_sheet_hbond.range_2_auth_comp_id 
_pdbx_struct_sheet_hbond.range_2_auth_asym_id 
_pdbx_struct_sheet_hbond.range_2_auth_seq_id 
A 1 2 O VAL A 34 ? O VAL A 14 N VAL A 26 ? N VAL A 6  
A 2 3 N VAL A 25 ? N VAL A 5  O LEU A 88 ? O LEU A 68 
A 3 4 O GLU A 89 ? O GLU A 69 N GLN A 65 ? N GLN A 45 
A 4 5 N LYS A 66 ? N LYS A 46 O SER A 69 ? O SER A 49 
# 
_atom_sites.entry_id                    3PLV 
_atom_sites.fract_transf_matrix[1][1]   0.02231003 
_atom_sites.fract_transf_matrix[1][2]   0.01336605 
_atom_sites.fract_transf_matrix[1][3]   0.00807759 
_atom_sites.fract_transf_matrix[2][1]   -0.00361291 
_atom_sites.fract_transf_matrix[2][2]   -0.00084456 
_atom_sites.fract_transf_matrix[2][3]   0.01137624 
_atom_sites.fract_transf_matrix[3][1]   0.01388635 
_atom_sites.fract_transf_matrix[3][2]   -0.02473396 
_atom_sites.fract_transf_matrix[3][3]   0.00257386 
_atom_sites.fract_transf_vector[1]      -0.376680 
_atom_sites.fract_transf_vector[2]      0.148976 
_atom_sites.fract_transf_vector[3]      -0.234350 
# 
loop_
_atom_type.symbol 
C 
N 
O 
S 
# 
loop_
_atom_site.group_PDB 
_atom_site.id 
_atom_site.type_symbol 
_atom_site.label_atom_id 
_atom_site.label_alt_id 
_atom_site.label_comp_id 
_atom_site.label_asym_id 
_atom_site.label_entity_id 
_atom_site.label_seq_id 
_atom_site.pdbx_PDB_ins_code 
_atom_site.Cartn_x 
_atom_site.Cartn_y 
_atom_site.Cartn_z 
_atom_site.occupancy 
_atom_site.B_iso_or_equiv 
_atom_site.pdbx_formal_charge 
_atom_site.auth_seq_id 
_atom_site.auth_comp_id 
_atom_site.auth_asym_id 
_atom_site.auth_atom_id 
_atom_site.pdbx_PDB_model_num 
ATOM   1   N N   . LEU A 1 14 ? 22.459  8.446   2.941   1.00 12.15 ? 94  LEU A N   1 
ATOM   2   C CA  . LEU A 1 14 ? 21.504  7.668   3.785   1.00 12.46 ? 94  LEU A CA  1 
ATOM   3   C C   . LEU A 1 14 ? 20.111  7.690   3.196   1.00 12.64 ? 94  LEU A C   1 
ATOM   4   O O   . LEU A 1 14 ? 19.694  8.691   2.593   1.00 12.01 ? 94  LEU A O   1 
ATOM   5   C CB  . LEU A 1 14 ? 21.416  8.244   5.211   1.00 11.99 ? 94  LEU A CB  1 
ATOM   6   C CG  . LEU A 1 14 ? 22.628  8.147   6.146   1.00 12.76 ? 94  LEU A CG  1 
ATOM   7   C CD1 . LEU A 1 14 ? 22.404  8.991   7.417   1.00 11.52 ? 94  LEU A CD1 1 
ATOM   8   C CD2 . LEU A 1 14 ? 22.930  6.691   6.483   1.00 12.25 ? 94  LEU A CD2 1 
ATOM   9   N N   . VAL A 1 15 ? 19.393  6.590   3.404   1.00 12.09 ? 95  VAL A N   1 
ATOM   10  C CA  . VAL A 1 15 ? 17.960  6.531   3.145   1.00 13.66 ? 95  VAL A CA  1 
ATOM   11  C C   . VAL A 1 15 ? 17.265  6.654   4.511   1.00 13.00 ? 95  VAL A C   1 
ATOM   12  O O   . VAL A 1 15 ? 17.460  5.798   5.382   1.00 13.98 ? 95  VAL A O   1 
ATOM   13  C CB  . VAL A 1 15 ? 17.548  5.214   2.415   1.00 13.65 ? 95  VAL A CB  1 
ATOM   14  C CG1 . VAL A 1 15 ? 16.047  5.186   2.144   1.00 13.37 ? 95  VAL A CG1 1 
ATOM   15  C CG2 . VAL A 1 15 ? 18.330  5.044   1.103   1.00 15.17 ? 95  VAL A CG2 1 
ATOM   16  N N   . PRO A 1 16 ? 16.491  7.740   4.714   1.00 13.76 ? 96  PRO A N   1 
ATOM   17  C CA  . PRO A 1 16 ? 15.824  8.031   5.987   1.00 13.85 ? 96  PRO A CA  1 
ATOM   18  C C   . PRO A 1 16 ? 14.535  7.237   6.256   1.00 13.70 ? 96  PRO A C   1 
ATOM   19  O O   . PRO A 1 16 ? 13.938  6.686   5.336   1.00 13.50 ? 96  PRO A O   1 
ATOM   20  C CB  . PRO A 1 16 ? 15.507  9.527   5.888   1.00 12.96 ? 96  PRO A CB  1 
ATOM   21  C CG  . PRO A 1 16 ? 15.462  9.830   4.456   1.00 14.83 ? 96  PRO A CG  1 
ATOM   22  C CD  . PRO A 1 16 ? 16.242  8.790   3.707   1.00 13.52 ? 96  PRO A CD  1 
ATOM   23  N N   . ARG A 1 17 ? 14.130  7.208   7.524   1.00 14.67 ? 97  ARG A N   1 
ATOM   24  C CA  . ARG A 1 17 ? 12.919  6.520   7.972   1.00 15.52 ? 97  ARG A CA  1 
ATOM   25  C C   . ARG A 1 17 ? 11.731  6.882   7.094   1.00 14.59 ? 97  ARG A C   1 
ATOM   26  O O   . ARG A 1 17 ? 11.501  8.056   6.794   1.00 14.17 ? 97  ARG A O   1 
ATOM   27  C CB  . ARG A 1 17 ? 12.633  6.851   9.445   1.00 16.64 ? 97  ARG A CB  1 
ATOM   28  C CG  . ARG A 1 17 ? 11.260  6.412   9.955   1.00 20.41 ? 97  ARG A CG  1 
ATOM   29  C CD  . ARG A 1 17 ? 11.258  6.121   11.454  1.00 27.25 ? 97  ARG A CD  1 
ATOM   30  N NE  . ARG A 1 17 ? 11.628  7.283   12.259  1.00 32.23 ? 97  ARG A NE  1 
ATOM   31  C CZ  . ARG A 1 17 ? 11.580  7.327   13.590  1.00 35.20 ? 97  ARG A CZ  1 
ATOM   32  N NH1 . ARG A 1 17 ? 11.938  8.435   14.225  1.00 36.11 ? 97  ARG A NH1 1 
ATOM   33  N NH2 . ARG A 1 17 ? 11.169  6.273   14.290  1.00 35.45 ? 97  ARG A NH2 1 
ATOM   34  N N   . GLY A 1 18 ? 10.992  5.862   6.669   1.00 13.42 ? 98  GLY A N   1 
ATOM   35  C CA  . GLY A 1 18 ? 9.851   6.077   5.794   1.00 12.92 ? 98  GLY A CA  1 
ATOM   36  C C   . GLY A 1 18 ? 10.162  5.951   4.312   1.00 12.90 ? 98  GLY A C   1 
ATOM   37  O O   . GLY A 1 18 ? 9.252   5.995   3.497   1.00 12.29 ? 98  GLY A O   1 
ATOM   38  N N   . SER A 1 19 ? 11.430  5.779   3.946   1.00 12.99 ? 99  SER A N   1 
ATOM   39  C CA  . SER A 1 19 ? 11.748  5.538   2.523   1.00 12.84 ? 99  SER A CA  1 
ATOM   40  C C   . SER A 1 19 ? 12.488  4.230   2.230   1.00 12.29 ? 99  SER A C   1 
ATOM   41  O O   . SER A 1 19 ? 13.133  4.093   1.193   1.00 11.35 ? 99  SER A O   1 
ATOM   42  C CB  . SER A 1 19 ? 12.398  6.758   1.841   1.00 13.38 ? 99  SER A CB  1 
ATOM   43  O OG  . SER A 1 19 ? 13.179  7.512   2.738   1.00 20.46 ? 99  SER A OG  1 
ATOM   44  N N   . HIS A 1 20 ? 12.356  3.266   3.142   1.00 10.82 ? 100 HIS A N   1 
ATOM   45  C CA  . HIS A 1 20 ? 12.797  1.899   2.909   1.00 10.81 ? 100 HIS A CA  1 
ATOM   46  C C   . HIS A 1 20 ? 11.584  1.066   2.535   1.00 10.13 ? 100 HIS A C   1 
ATOM   47  O O   . HIS A 1 20 ? 10.480  1.348   2.990   1.00 11.28 ? 100 HIS A O   1 
ATOM   48  C CB  . HIS A 1 20 ? 13.461  1.331   4.162   1.00 10.84 ? 100 HIS A CB  1 
ATOM   49  C CG  . HIS A 1 20 ? 14.771  1.975   4.486   1.00 13.44 ? 100 HIS A CG  1 
ATOM   50  N ND1 . HIS A 1 20 ? 15.983  1.397   4.168   1.00 16.16 ? 100 HIS A ND1 1 
ATOM   51  C CD2 . HIS A 1 20 ? 15.061  3.160   5.072   1.00 11.70 ? 100 HIS A CD2 1 
ATOM   52  C CE1 . HIS A 1 20 ? 16.962  2.192   4.558   1.00 14.18 ? 100 HIS A CE1 1 
ATOM   53  N NE2 . HIS A 1 20 ? 16.430  3.266   5.110   1.00 15.23 ? 100 HIS A NE2 1 
ATOM   54  N N   . MET A 1 21 ? 11.787  0.048   1.700   1.00 10.84 ? 1   MET A N   1 
ATOM   55  C CA  . MET A 1 21 ? 10.696  -0.838  1.297   1.00 9.26  ? 1   MET A CA  1 
ATOM   56  C C   . MET A 1 21 ? 10.072  -1.497  2.523   1.00 8.57  ? 1   MET A C   1 
ATOM   57  O O   . MET A 1 21 ? 10.774  -1.978  3.419   1.00 8.63  ? 1   MET A O   1 
ATOM   58  C CB  . MET A 1 21 ? 11.185  -1.909  0.312   1.00 11.42 ? 1   MET A CB  1 
ATOM   59  C CG  . MET A 1 21 ? 10.076  -2.748  -0.351  1.00 12.12 ? 1   MET A CG  1 
ATOM   60  S SD  . MET A 1 21 ? 9.553   -4.215  0.586   1.00 17.72 ? 1   MET A SD  1 
ATOM   61  C CE  . MET A 1 21 ? 11.008  -5.266  0.440   1.00 19.09 ? 1   MET A CE  1 
ATOM   62  N N   . ILE A 1 22 ? 8.746   -1.470  2.568   1.00 6.41  ? 2   ILE A N   1 
ATOM   63  C CA  . ILE A 1 22 ? 7.989   -2.314  3.477   1.00 6.14  ? 2   ILE A CA  1 
ATOM   64  C C   . ILE A 1 22 ? 6.988   -3.083  2.622   1.00 6.35  ? 2   ILE A C   1 
ATOM   65  O O   . ILE A 1 22 ? 6.596   -2.618  1.543   1.00 6.38  ? 2   ILE A O   1 
ATOM   66  C CB  . ILE A 1 22 ? 7.301   -1.519  4.630   1.00 5.98  ? 2   ILE A CB  1 
ATOM   67  C CG1 . ILE A 1 22 ? 6.307   -0.487  4.095   1.00 3.89  ? 2   ILE A CG1 1 
ATOM   68  C CG2 . ILE A 1 22 ? 8.345   -0.852  5.549   1.00 5.32  ? 2   ILE A CG2 1 
ATOM   69  C CD1 . ILE A 1 22 ? 5.389   0.099   5.165   1.00 7.57  ? 2   ILE A CD1 1 
ATOM   70  N N   . GLU A 1 23 ? 6.618   -4.270  3.078   1.00 6.00  ? 3   GLU A N   1 
ATOM   71  C CA  . GLU A 1 23 ? 5.630   -5.070  2.372   1.00 7.11  ? 3   GLU A CA  1 
ATOM   72  C C   . GLU A 1 23 ? 4.389   -5.214  3.247   1.00 5.29  ? 3   GLU A C   1 
ATOM   73  O O   . GLU A 1 23 ? 4.427   -5.872  4.285   1.00 6.30  ? 3   GLU A O   1 
ATOM   74  C CB  . GLU A 1 23 ? 6.202   -6.437  2.001   1.00 6.61  ? 3   GLU A CB  1 
ATOM   75  C CG  . GLU A 1 23 ? 5.258   -7.299  1.179   1.00 9.42  ? 3   GLU A CG  1 
ATOM   76  C CD  . GLU A 1 23 ? 5.863   -8.655  0.827   1.00 12.57 ? 3   GLU A CD  1 
ATOM   77  O OE1 . GLU A 1 23 ? 6.161   -8.880  -0.370  1.00 15.66 ? 3   GLU A OE1 1 
ATOM   78  O OE2 . GLU A 1 23 ? 6.050   -9.481  1.748   1.00 16.15 ? 3   GLU A OE2 1 
ATOM   79  N N   . VAL A 1 24 ? 3.295   -4.604  2.798   1.00 3.98  ? 4   VAL A N   1 
ATOM   80  C CA  . VAL A 1 24 ? 2.034   -4.576  3.523   1.00 3.68  ? 4   VAL A CA  1 
ATOM   81  C C   . VAL A 1 24 ? 1.115   -5.677  3.001   1.00 4.49  ? 4   VAL A C   1 
ATOM   82  O O   . VAL A 1 24 ? 0.993   -5.874  1.785   1.00 5.88  ? 4   VAL A O   1 
ATOM   83  C CB  . VAL A 1 24 ? 1.355   -3.187  3.361   1.00 3.28  ? 4   VAL A CB  1 
ATOM   84  C CG1 . VAL A 1 24 ? 0.059   -3.110  4.159   1.00 2.60  ? 4   VAL A CG1 1 
ATOM   85  C CG2 . VAL A 1 24 ? 2.309   -2.082  3.824   1.00 2.00  ? 4   VAL A CG2 1 
ATOM   86  N N   . VAL A 1 25 ? 0.483   -6.404  3.920   1.00 4.05  ? 5   VAL A N   1 
ATOM   87  C CA  . VAL A 1 25 ? -0.382  -7.523  3.550   1.00 4.02  ? 5   VAL A CA  1 
ATOM   88  C C   . VAL A 1 25 ? -1.843  -7.066  3.572   1.00 3.23  ? 5   VAL A C   1 
ATOM   89  O O   . VAL A 1 25 ? -2.344  -6.645  4.600   1.00 4.34  ? 5   VAL A O   1 
ATOM   90  C CB  . VAL A 1 25 ? -0.152  -8.747  4.483   1.00 3.99  ? 5   VAL A CB  1 
ATOM   91  C CG1 . VAL A 1 25 ? -1.046  -9.917  4.078   1.00 2.07  ? 5   VAL A CG1 1 
ATOM   92  C CG2 . VAL A 1 25 ? 1.309   -9.171  4.456   1.00 8.22  ? 5   VAL A CG2 1 
ATOM   93  N N   . VAL A 1 26 ? -2.509  -7.115  2.420   1.00 4.37  ? 6   VAL A N   1 
ATOM   94  C CA  . VAL A 1 26 ? -3.910  -6.717  2.314   1.00 3.01  ? 6   VAL A CA  1 
ATOM   95  C C   . VAL A 1 26 ? -4.770  -7.977  2.257   1.00 3.33  ? 6   VAL A C   1 
ATOM   96  O O   . VAL A 1 26 ? -4.491  -8.901  1.492   1.00 3.97  ? 6   VAL A O   1 
ATOM   97  C CB  . VAL A 1 26 ? -4.174  -5.781  1.084   1.00 4.53  ? 6   VAL A CB  1 
ATOM   98  C CG1 . VAL A 1 26 ? -5.660  -5.405  0.958   1.00 2.30  ? 6   VAL A CG1 1 
ATOM   99  C CG2 . VAL A 1 26 ? -3.327  -4.519  1.169   1.00 2.00  ? 6   VAL A CG2 1 
ATOM   100 N N   . ASN A 1 27 ? -5.811  -7.997  3.083   1.00 4.01  ? 7   ASN A N   1 
ATOM   101 C CA  . ASN A 1 27 ? -6.632  -9.194  3.311   1.00 3.59  ? 7   ASN A CA  1 
ATOM   102 C C   . ASN A 1 27 ? -8.078  -8.928  2.911   1.00 4.17  ? 7   ASN A C   1 
ATOM   103 O O   . ASN A 1 27 ? -8.713  -8.037  3.473   1.00 3.69  ? 7   ASN A O   1 
ATOM   104 C CB  . ASN A 1 27 ? -6.571  -9.562  4.797   1.00 4.89  ? 7   ASN A CB  1 
ATOM   105 C CG  . ASN A 1 27 ? -5.165  -9.913  5.260   1.00 4.50  ? 7   ASN A CG  1 
ATOM   106 O OD1 . ASN A 1 27 ? -4.756  -11.060 5.180   1.00 7.95  ? 7   ASN A OD1 1 
ATOM   107 N ND2 . ASN A 1 27 ? -4.430  -8.925  5.763   1.00 4.43  ? 7   ASN A ND2 1 
ATOM   108 N N   . ASP A 1 28 ? -8.604  -9.682  1.944   1.00 4.80  ? 8   ASP A N   1 
ATOM   109 C CA  . ASP A 1 28 ? -9.966  -9.426  1.450   1.00 5.24  ? 8   ASP A CA  1 
ATOM   110 C C   . ASP A 1 28 ? -11.055 -10.234 2.168   1.00 5.19  ? 8   ASP A C   1 
ATOM   111 O O   . ASP A 1 28 ? -10.765 -10.991 3.102   1.00 5.22  ? 8   ASP A O   1 
ATOM   112 C CB  . ASP A 1 28 ? -10.070 -9.544  -0.086  1.00 5.42  ? 8   ASP A CB  1 
ATOM   113 C CG  . ASP A 1 28 ? -10.083 -10.989 -0.601  1.00 3.83  ? 8   ASP A CG  1 
ATOM   114 O OD1 . ASP A 1 28 ? -10.223 -11.948 0.191   1.00 3.27  ? 8   ASP A OD1 1 
ATOM   115 O OD2 . ASP A 1 28 ? -9.939  -11.151 -1.834  1.00 4.65  ? 8   ASP A OD2 1 
ATOM   116 N N   . ARG A 1 29 ? -12.297 -10.052 1.724   1.00 4.77  ? 9   ARG A N   1 
ATOM   117 C CA  . ARG A 1 29 ? -13.476 -10.661 2.367   1.00 6.82  ? 9   ARG A CA  1 
ATOM   118 C C   . ARG A 1 29 ? -13.652 -12.140 2.040   1.00 6.11  ? 9   ARG A C   1 
ATOM   119 O O   . ARG A 1 29 ? -14.617 -12.784 2.480   1.00 6.54  ? 9   ARG A O   1 
ATOM   120 C CB  . ARG A 1 29 ? -14.754 -9.887  2.004   1.00 7.25  ? 9   ARG A CB  1 
ATOM   121 C CG  . ARG A 1 29 ? -14.770 -8.387  2.367   1.00 11.45 ? 9   ARG A CG  1 
ATOM   122 C CD  . ARG A 1 29 ? -14.500 -8.154  3.828   1.00 15.76 ? 9   ARG A CD  1 
ATOM   123 N NE  . ARG A 1 29 ? -13.065 -8.033  4.081   1.00 17.02 ? 9   ARG A NE  1 
ATOM   124 C CZ  . ARG A 1 29 ? -12.458 -8.442  5.189   1.00 17.71 ? 9   ARG A CZ  1 
ATOM   125 N NH1 . ARG A 1 29 ? -13.155 -9.023  6.167   1.00 14.75 ? 9   ARG A NH1 1 
ATOM   126 N NH2 . ARG A 1 29 ? -11.144 -8.286  5.311   1.00 11.55 ? 9   ARG A NH2 1 
ATOM   127 N N   . LEU A 1 30 ? -12.722 -12.666 1.252   1.00 6.84  ? 10  LEU A N   1 
ATOM   128 C CA  . LEU A 1 30 ? -12.656 -14.097 0.949   1.00 6.80  ? 10  LEU A CA  1 
ATOM   129 C C   . LEU A 1 30 ? -11.402 -14.750 1.520   1.00 7.13  ? 10  LEU A C   1 
ATOM   130 O O   . LEU A 1 30 ? -11.104 -15.908 1.214   1.00 7.33  ? 10  LEU A O   1 
ATOM   131 C CB  . LEU A 1 30 ? -12.722 -14.309 -0.563  1.00 6.26  ? 10  LEU A CB  1 
ATOM   132 C CG  . LEU A 1 30 ? -14.074 -13.965 -1.179  1.00 8.00  ? 10  LEU A CG  1 
ATOM   133 C CD1 . LEU A 1 30 ? -14.019 -14.102 -2.680  1.00 7.73  ? 10  LEU A CD1 1 
ATOM   134 C CD2 . LEU A 1 30 ? -15.165 -14.850 -0.587  1.00 7.21  ? 10  LEU A CD2 1 
ATOM   135 N N   . GLY A 1 31 ? -10.671 -14.004 2.349   1.00 5.92  ? 11  GLY A N   1 
ATOM   136 C CA  . GLY A 1 31 ? -9.447  -14.506 2.968   1.00 7.05  ? 11  GLY A CA  1 
ATOM   137 C C   . GLY A 1 31 ? -8.237  -14.642 2.059   1.00 7.04  ? 11  GLY A C   1 
ATOM   138 O O   . GLY A 1 31 ? -7.305  -15.394 2.365   1.00 8.23  ? 11  GLY A O   1 
ATOM   139 N N   . LYS A 1 32 ? -8.250  -13.932 0.936   1.00 6.16  ? 12  LYS A N   1 
ATOM   140 C CA  . LYS A 1 32 ? -7.090  -13.880 0.062   1.00 6.79  ? 12  LYS A CA  1 
ATOM   141 C C   . LYS A 1 32 ? -6.161  -12.765 0.515   1.00 7.17  ? 12  LYS A C   1 
ATOM   142 O O   . LYS A 1 32 ? -6.620  -11.715 0.940   1.00 6.40  ? 12  LYS A O   1 
ATOM   143 C CB  . LYS A 1 32 ? -7.505  -13.665 -1.392  1.00 6.40  ? 12  LYS A CB  1 
ATOM   144 C CG  . LYS A 1 32 ? -8.431  -14.749 -1.946  1.00 8.39  ? 12  LYS A CG  1 
ATOM   145 C CD  . LYS A 1 32 ? -7.705  -16.062 -2.164  1.00 12.87 ? 12  LYS A CD  1 
ATOM   146 C CE  . LYS A 1 32 ? -8.592  -17.073 -2.885  1.00 17.27 ? 12  LYS A CE  1 
ATOM   147 N NZ  . LYS A 1 32 ? -7.926  -18.397 -2.989  1.00 20.30 ? 12  LYS A NZ  1 
ATOM   148 N N   . LYS A 1 33 ? -4.857  -13.029 0.449   1.00 7.05  ? 13  LYS A N   1 
ATOM   149 C CA  . LYS A 1 33 ? -3.836  -12.058 0.824   1.00 7.44  ? 13  LYS A CA  1 
ATOM   150 C C   . LYS A 1 33 ? -3.118  -11.564 -0.421  1.00 6.98  ? 13  LYS A C   1 
ATOM   151 O O   . LYS A 1 33 ? -2.810  -12.336 -1.343  1.00 7.13  ? 13  LYS A O   1 
ATOM   152 C CB  . LYS A 1 33 ? -2.823  -12.661 1.810   1.00 7.09  ? 13  LYS A CB  1 
ATOM   153 C CG  . LYS A 1 33 ? -3.378  -12.997 3.210   1.00 7.82  ? 13  LYS A CG  1 
ATOM   154 C CD  . LYS A 1 33 ? -2.295  -13.629 4.114   1.00 8.03  ? 13  LYS A CD  1 
ATOM   155 C CE  . LYS A 1 33 ? -2.686  -13.642 5.586   1.00 9.29  ? 13  LYS A CE  1 
ATOM   156 N NZ  . LYS A 1 33 ? -2.538  -12.295 6.231   1.00 12.95 ? 13  LYS A NZ  1 
ATOM   157 N N   . VAL A 1 34 ? -2.893  -10.260 -0.461  1.00 6.68  ? 14  VAL A N   1 
ATOM   158 C CA  . VAL A 1 34 ? -2.127  -9.643  -1.528  1.00 6.15  ? 14  VAL A CA  1 
ATOM   159 C C   . VAL A 1 34 ? -1.073  -8.802  -0.834  1.00 5.60  ? 14  VAL A C   1 
ATOM   160 O O   . VAL A 1 34 ? -1.394  -8.016  0.049   1.00 6.05  ? 14  VAL A O   1 
ATOM   161 C CB  . VAL A 1 34 ? -3.008  -8.752  -2.439  1.00 5.78  ? 14  VAL A CB  1 
ATOM   162 C CG1 . VAL A 1 34 ? -2.140  -7.993  -3.446  1.00 7.40  ? 14  VAL A CG1 1 
ATOM   163 C CG2 . VAL A 1 34 ? -4.025  -9.600  -3.201  1.00 7.24  ? 14  VAL A CG2 1 
ATOM   164 N N   . ARG A 1 35 ? 0.177   -8.987  -1.236  1.00 6.94  ? 15  ARG A N   1 
ATOM   165 C CA  . ARG A 1 35 ? 1.289   -8.220  -0.701  1.00 7.22  ? 15  ARG A CA  1 
ATOM   166 C C   . ARG A 1 35 ? 1.606   -7.041  -1.607  1.00 7.13  ? 15  ARG A C   1 
ATOM   167 O O   . ARG A 1 35 ? 1.748   -7.200  -2.823  1.00 8.13  ? 15  ARG A O   1 
ATOM   168 C CB  . ARG A 1 35 ? 2.506   -9.110  -0.526  1.00 8.46  ? 15  ARG A CB  1 
ATOM   169 C CG  . ARG A 1 35 ? 2.442   -9.956  0.725   1.00 12.04 ? 15  ARG A CG  1 
ATOM   170 C CD  . ARG A 1 35 ? 3.278   -11.211 0.644   1.00 16.37 ? 15  ARG A CD  1 
ATOM   171 N NE  . ARG A 1 35 ? 2.682   -12.238 1.494   1.00 20.94 ? 15  ARG A NE  1 
ATOM   172 C CZ  . ARG A 1 35 ? 2.906   -12.378 2.801   1.00 24.59 ? 15  ARG A CZ  1 
ATOM   173 N NH1 . ARG A 1 35 ? 3.747   -11.571 3.443   1.00 18.35 ? 15  ARG A NH1 1 
ATOM   174 N NH2 . ARG A 1 35 ? 2.284   -13.344 3.468   1.00 26.18 ? 15  ARG A NH2 1 
ATOM   175 N N   . VAL A 1 36 ? 1.699   -5.857  -1.004  1.00 6.12  ? 16  VAL A N   1 
ATOM   176 C CA  . VAL A 1 36 ? 2.054   -4.633  -1.721  1.00 4.21  ? 16  VAL A CA  1 
ATOM   177 C C   . VAL A 1 36 ? 3.335   -4.031  -1.123  1.00 5.27  ? 16  VAL A C   1 
ATOM   178 O O   . VAL A 1 36 ? 3.376   -3.634  0.049   1.00 4.23  ? 16  VAL A O   1 
ATOM   179 C CB  . VAL A 1 36 ? 0.904   -3.574  -1.705  1.00 4.35  ? 16  VAL A CB  1 
ATOM   180 C CG1 . VAL A 1 36 ? 1.301   -2.316  -2.510  1.00 3.49  ? 16  VAL A CG1 1 
ATOM   181 C CG2 . VAL A 1 36 ? -0.406  -4.161  -2.248  1.00 2.00  ? 16  VAL A CG2 1 
ATOM   182 N N   . LYS A 1 37 ? 4.382   -4.002  -1.938  1.00 6.07  ? 17  LYS A N   1 
ATOM   183 C CA  . LYS A 1 37 ? 5.631   -3.317  -1.600  1.00 7.20  ? 17  LYS A CA  1 
ATOM   184 C C   . LYS A 1 37 ? 5.462   -1.801  -1.747  1.00 6.35  ? 17  LYS A C   1 
ATOM   185 O O   . LYS A 1 37 ? 4.934   -1.312  -2.744  1.00 6.03  ? 17  LYS A O   1 
ATOM   186 C CB  . LYS A 1 37 ? 6.781   -3.855  -2.462  1.00 8.13  ? 17  LYS A CB  1 
ATOM   187 C CG  . LYS A 1 37 ? 7.068   -5.351  -2.209  1.00 7.63  ? 17  LYS A CG  1 
ATOM   188 C CD  . LYS A 1 37 ? 8.168   -5.902  -3.101  1.00 10.79 ? 17  LYS A CD  1 
ATOM   189 C CE  . LYS A 1 37 ? 8.425   -7.382  -2.810  1.00 10.36 ? 17  LYS A CE  1 
ATOM   190 N NZ  . LYS A 1 37 ? 7.160   -8.174  -2.885  1.00 15.30 ? 17  LYS A NZ  1 
ATOM   191 N N   . CYS A 1 38 ? 5.877   -1.062  -0.720  1.00 6.50  ? 18  CYS A N   1 
ATOM   192 C CA  . CYS A 1 38 ? 5.662   0.378   -0.676  1.00 5.91  ? 18  CYS A CA  1 
ATOM   193 C C   . CYS A 1 38 ? 6.645   1.047   0.294   1.00 6.26  ? 18  CYS A C   1 
ATOM   194 O O   . CYS A 1 38 ? 7.592   0.405   0.770   1.00 6.03  ? 18  CYS A O   1 
ATOM   195 C CB  . CYS A 1 38 ? 4.209   0.685   -0.279  1.00 7.13  ? 18  CYS A CB  1 
ATOM   196 S SG  . CYS A 1 38 ? 3.725   -0.043  1.296   1.00 6.00  ? 18  CYS A SG  1 
ATOM   197 N N   . LEU A 1 39 ? 6.397   2.325   0.584   1.00 4.90  ? 19  LEU A N   1 
ATOM   198 C CA  . LEU A 1 39 ? 7.222   3.109   1.499   1.00 6.40  ? 19  LEU A CA  1 
ATOM   199 C C   . LEU A 1 39 ? 6.360   3.626   2.637   1.00 7.08  ? 19  LEU A C   1 
ATOM   200 O O   . LEU A 1 39 ? 5.189   3.983   2.433   1.00 7.06  ? 19  LEU A O   1 
ATOM   201 C CB  . LEU A 1 39 ? 7.877   4.297   0.774   1.00 5.01  ? 19  LEU A CB  1 
ATOM   202 C CG  . LEU A 1 39 ? 8.794   4.051   -0.440  1.00 7.01  ? 19  LEU A CG  1 
ATOM   203 C CD1 . LEU A 1 39 ? 9.337   5.364   -1.002  1.00 6.09  ? 19  LEU A CD1 1 
ATOM   204 C CD2 . LEU A 1 39 ? 9.943   3.122   -0.106  1.00 4.14  ? 19  LEU A CD2 1 
ATOM   205 N N   . GLY A 1 40 ? 6.930   3.670   3.838   1.00 6.02  ? 20  GLY A N   1 
ATOM   206 C CA  . GLY A 1 40 ? 6.188   4.154   4.999   1.00 6.62  ? 20  GLY A CA  1 
ATOM   207 C C   . GLY A 1 40 ? 5.646   5.558   4.791   1.00 7.78  ? 20  GLY A C   1 
ATOM   208 O O   . GLY A 1 40 ? 4.583   5.886   5.301   1.00 6.56  ? 20  GLY A O   1 
ATOM   209 N N   . GLU A 1 41 ? 6.376   6.370   4.020   1.00 7.64  ? 21  GLU A N   1 
ATOM   210 C CA  . GLU A 1 41 ? 6.021   7.772   3.755   1.00 8.25  ? 21  GLU A CA  1 
ATOM   211 C C   . GLU A 1 41 ? 4.850   7.962   2.777   1.00 7.53  ? 21  GLU A C   1 
ATOM   212 O O   . GLU A 1 41 ? 4.318   9.074   2.663   1.00 7.26  ? 21  GLU A O   1 
ATOM   213 C CB  . GLU A 1 41 ? 7.247   8.554   3.246   1.00 7.25  ? 21  GLU A CB  1 
ATOM   214 C CG  . GLU A 1 41 ? 7.605   8.267   1.781   1.00 9.07  ? 21  GLU A CG  1 
ATOM   215 C CD  . GLU A 1 41 ? 8.795   9.074   1.268   1.00 13.94 ? 21  GLU A CD  1 
ATOM   216 O OE1 . GLU A 1 41 ? 9.617   8.502   0.533   1.00 22.96 ? 21  GLU A OE1 1 
ATOM   217 O OE2 . GLU A 1 41 ? 8.914   10.269  1.600   1.00 17.39 ? 21  GLU A OE2 1 
ATOM   218 N N   . ASP A 1 42 ? 4.486   6.900   2.054   1.00 5.82  ? 22  ASP A N   1 
ATOM   219 C CA  . ASP A 1 42 ? 3.358   6.925   1.108   1.00 6.42  ? 22  ASP A CA  1 
ATOM   220 C C   . ASP A 1 42 ? 2.068   7.250   1.830   1.00 6.41  ? 22  ASP A C   1 
ATOM   221 O O   . ASP A 1 42 ? 1.832   6.747   2.925   1.00 5.18  ? 22  ASP A O   1 
ATOM   222 C CB  . ASP A 1 42 ? 3.152   5.553   0.467   1.00 5.13  ? 22  ASP A CB  1 
ATOM   223 C CG  . ASP A 1 42 ? 4.252   5.165   -0.494  1.00 5.28  ? 22  ASP A CG  1 
ATOM   224 O OD1 . ASP A 1 42 ? 5.089   6.012   -0.887  1.00 7.73  ? 22  ASP A OD1 1 
ATOM   225 O OD2 . ASP A 1 42 ? 4.252   3.983   -0.877  1.00 2.00  ? 22  ASP A OD2 1 
ATOM   226 N N   . SER A 1 43 ? 1.220   8.070   1.212   1.00 6.65  ? 23  SER A N   1 
ATOM   227 C CA  . SER A 1 43 ? -0.118  8.280   1.747   1.00 6.52  ? 23  SER A CA  1 
ATOM   228 C C   . SER A 1 43 ? -0.934  7.005   1.514   1.00 6.30  ? 23  SER A C   1 
ATOM   229 O O   . SER A 1 43 ? -0.642  6.238   0.598   1.00 6.77  ? 23  SER A O   1 
ATOM   230 C CB  . SER A 1 43 ? -0.801  9.468   1.063   1.00 6.36  ? 23  SER A CB  1 
ATOM   231 O OG  . SER A 1 43 ? -0.963  9.221   -0.330  1.00 4.28  ? 23  SER A OG  1 
ATOM   232 N N   . VAL A 1 44 ? -1.952  6.788   2.341   1.00 5.01  ? 24  VAL A N   1 
ATOM   233 C CA  . VAL A 1 44 ? -2.949  5.747   2.085   1.00 4.67  ? 24  VAL A CA  1 
ATOM   234 C C   . VAL A 1 44 ? -3.501  5.860   0.653   1.00 3.60  ? 24  VAL A C   1 
ATOM   235 O O   . VAL A 1 44 ? -3.741  4.849   -0.013  1.00 2.63  ? 24  VAL A O   1 
ATOM   236 C CB  . VAL A 1 44 ? -4.079  5.773   3.149   1.00 3.95  ? 24  VAL A CB  1 
ATOM   237 C CG1 . VAL A 1 44 ? -5.231  4.823   2.777   1.00 4.10  ? 24  VAL A CG1 1 
ATOM   238 C CG2 . VAL A 1 44 ? -3.513  5.403   4.517   1.00 2.20  ? 24  VAL A CG2 1 
ATOM   239 N N   . GLY A 1 45 ? -3.682  7.097   0.189   1.00 3.78  ? 25  GLY A N   1 
ATOM   240 C CA  . GLY A 1 45 ? -4.165  7.363   -1.165  1.00 4.00  ? 25  GLY A CA  1 
ATOM   241 C C   . GLY A 1 45 ? -3.223  6.800   -2.213  1.00 3.44  ? 25  GLY A C   1 
ATOM   242 O O   . GLY A 1 45 ? -3.645  6.117   -3.141  1.00 3.49  ? 25  GLY A O   1 
ATOM   243 N N   . ASP A 1 46 ? -1.935  7.080   -2.061  1.00 4.45  ? 26  ASP A N   1 
ATOM   244 C CA  . ASP A 1 46 ? -0.949  6.571   -3.002  1.00 4.94  ? 26  ASP A CA  1 
ATOM   245 C C   . ASP A 1 46 ? -0.760  5.065   -2.838  1.00 4.46  ? 26  ASP A C   1 
ATOM   246 O O   . ASP A 1 46 ? -0.504  4.364   -3.808  1.00 4.99  ? 26  ASP A O   1 
ATOM   247 C CB  . ASP A 1 46 ? 0.374   7.314   -2.854  1.00 6.63  ? 26  ASP A CB  1 
ATOM   248 C CG  . ASP A 1 46 ? 0.310   8.726   -3.425  1.00 7.23  ? 26  ASP A CG  1 
ATOM   249 O OD1 . ASP A 1 46 ? -0.659  9.052   -4.151  1.00 13.78 ? 26  ASP A OD1 1 
ATOM   250 O OD2 . ASP A 1 46 ? 1.237   9.506   -3.163  1.00 12.96 ? 26  ASP A OD2 1 
ATOM   251 N N   . PHE A 1 47 ? -0.910  4.562   -1.612  1.00 4.16  ? 27  PHE A N   1 
ATOM   252 C CA  . PHE A 1 47 ? -0.949  3.097   -1.415  1.00 2.20  ? 27  PHE A CA  1 
ATOM   253 C C   . PHE A 1 47 ? -2.093  2.430   -2.188  1.00 3.00  ? 27  PHE A C   1 
ATOM   254 O O   . PHE A 1 47 ? -1.905  1.389   -2.843  1.00 3.40  ? 27  PHE A O   1 
ATOM   255 C CB  . PHE A 1 47 ? -1.041  2.735   0.078   1.00 2.00  ? 27  PHE A CB  1 
ATOM   256 C CG  . PHE A 1 47 ? -1.062  1.249   0.333   1.00 2.27  ? 27  PHE A CG  1 
ATOM   257 C CD1 . PHE A 1 47 ? 0.128   0.514   0.343   1.00 2.73  ? 27  PHE A CD1 1 
ATOM   258 C CD2 . PHE A 1 47 ? -2.269  0.580   0.552   1.00 2.00  ? 27  PHE A CD2 1 
ATOM   259 C CE1 . PHE A 1 47 ? 0.116   -0.861  0.578   1.00 3.70  ? 27  PHE A CE1 1 
ATOM   260 C CE2 . PHE A 1 47 ? -2.291  -0.812  0.782   1.00 3.56  ? 27  PHE A CE2 1 
ATOM   261 C CZ  . PHE A 1 47 ? -1.098  -1.532  0.784   1.00 2.05  ? 27  PHE A CZ  1 
ATOM   262 N N   . LYS A 1 48 ? -3.285  3.015   -2.092  1.00 4.04  ? 28  LYS A N   1 
ATOM   263 C CA  . LYS A 1 48 ? -4.469  2.501   -2.783  1.00 3.48  ? 28  LYS A CA  1 
ATOM   264 C C   . LYS A 1 48 ? -4.287  2.470   -4.306  1.00 3.98  ? 28  LYS A C   1 
ATOM   265 O O   . LYS A 1 48 ? -4.797  1.567   -4.980  1.00 3.13  ? 28  LYS A O   1 
ATOM   266 C CB  . LYS A 1 48 ? -5.712  3.318   -2.422  1.00 2.95  ? 28  LYS A CB  1 
ATOM   267 C CG  . LYS A 1 48 ? -6.318  2.989   -1.041  1.00 2.83  ? 28  LYS A CG  1 
ATOM   268 C CD  . LYS A 1 48 ? -7.577  3.823   -0.795  1.00 2.03  ? 28  LYS A CD  1 
ATOM   269 C CE  . LYS A 1 48 ? -8.150  3.585   0.609   1.00 3.00  ? 28  LYS A CE  1 
ATOM   270 N NZ  . LYS A 1 48 ? -9.282  4.547   0.922   1.00 5.08  ? 28  LYS A NZ  1 
ATOM   271 N N   . LYS A 1 49 ? -3.569  3.458   -4.837  1.00 3.16  ? 29  LYS A N   1 
ATOM   272 C CA  . LYS A 1 49 ? -3.300  3.520   -6.273  1.00 4.09  ? 29  LYS A CA  1 
ATOM   273 C C   . LYS A 1 49 ? -2.536  2.282   -6.747  1.00 4.45  ? 29  LYS A C   1 
ATOM   274 O O   . LYS A 1 49 ? -2.903  1.671   -7.753  1.00 4.82  ? 29  LYS A O   1 
ATOM   275 C CB  . LYS A 1 49 ? -2.537  4.796   -6.638  1.00 4.21  ? 29  LYS A CB  1 
ATOM   276 C CG  . LYS A 1 49 ? -3.387  6.048   -6.574  1.00 6.13  ? 29  LYS A CG  1 
ATOM   277 C CD  . LYS A 1 49 ? -2.567  7.277   -6.911  1.00 12.37 ? 29  LYS A CD  1 
ATOM   278 C CE  . LYS A 1 49 ? -3.459  8.468   -7.171  1.00 13.53 ? 29  LYS A CE  1 
ATOM   279 N NZ  . LYS A 1 49 ? -2.637  9.608   -7.644  1.00 17.63 ? 29  LYS A NZ  1 
ATOM   280 N N   . VAL A 1 50 ? -1.500  1.890   -6.003  1.00 3.20  ? 30  VAL A N   1 
ATOM   281 C CA  . VAL A 1 50 ? -0.680  0.744   -6.387  1.00 2.50  ? 30  VAL A CA  1 
ATOM   282 C C   . VAL A 1 50 ? -1.446  -0.546  -6.104  1.00 2.92  ? 30  VAL A C   1 
ATOM   283 O O   . VAL A 1 50 ? -1.444  -1.476  -6.932  1.00 2.00  ? 30  VAL A O   1 
ATOM   284 C CB  . VAL A 1 50 ? 0.722   0.758   -5.673  1.00 2.00  ? 30  VAL A CB  1 
ATOM   285 C CG1 . VAL A 1 50 ? 1.517   -0.504  -5.968  1.00 2.00  ? 30  VAL A CG1 1 
ATOM   286 C CG2 . VAL A 1 50 ? 1.528   1.972   -6.092  1.00 2.14  ? 30  VAL A CG2 1 
ATOM   287 N N   . LEU A 1 51 ? -2.096  -0.606  -4.938  1.00 2.49  ? 31  LEU A N   1 
ATOM   288 C CA  . LEU A 1 51 ? -2.946  -1.752  -4.590  1.00 2.62  ? 31  LEU A CA  1 
ATOM   289 C C   . LEU A 1 51 ? -3.946  -2.064  -5.714  1.00 3.55  ? 31  LEU A C   1 
ATOM   290 O O   . LEU A 1 51 ? -4.083  -3.219  -6.120  1.00 2.31  ? 31  LEU A O   1 
ATOM   291 C CB  . LEU A 1 51 ? -3.681  -1.525  -3.258  1.00 2.46  ? 31  LEU A CB  1 
ATOM   292 C CG  . LEU A 1 51 ? -4.740  -2.580  -2.874  1.00 2.00  ? 31  LEU A CG  1 
ATOM   293 C CD1 . LEU A 1 51 ? -4.101  -3.962  -2.731  1.00 2.77  ? 31  LEU A CD1 1 
ATOM   294 C CD2 . LEU A 1 51 ? -5.452  -2.194  -1.581  1.00 2.58  ? 31  LEU A CD2 1 
ATOM   295 N N   . SER A 1 52 ? -4.615  -1.024  -6.212  1.00 4.24  ? 32  SER A N   1 
ATOM   296 C CA  . SER A 1 52 ? -5.681  -1.142  -7.212  1.00 5.02  ? 32  SER A CA  1 
ATOM   297 C C   . SER A 1 52 ? -5.192  -1.708  -8.539  1.00 5.89  ? 32  SER A C   1 
ATOM   298 O O   . SER A 1 52 ? -5.904  -2.464  -9.201  1.00 4.28  ? 32  SER A O   1 
ATOM   299 C CB  . SER A 1 52 ? -6.328  0.231   -7.462  1.00 5.80  ? 32  SER A CB  1 
ATOM   300 O OG  . SER A 1 52 ? -6.959  0.708   -6.280  1.00 6.85  ? 32  SER A OG  1 
ATOM   301 N N   . LEU A 1 53 ? -3.973  -1.334  -8.913  1.00 6.71  ? 33  LEU A N   1 
ATOM   302 C CA  . LEU A 1 53 ? -3.334  -1.870  -10.114 1.00 7.12  ? 33  LEU A CA  1 
ATOM   303 C C   . LEU A 1 53 ? -2.972  -3.344  -9.943  1.00 7.26  ? 33  LEU A C   1 
ATOM   304 O O   . LEU A 1 53 ? -3.040  -4.120  -10.898 1.00 8.21  ? 33  LEU A O   1 
ATOM   305 C CB  . LEU A 1 53 ? -2.107  -1.035  -10.480 1.00 6.60  ? 33  LEU A CB  1 
ATOM   306 C CG  . LEU A 1 53 ? -2.424  0.361   -11.024 1.00 8.06  ? 33  LEU A CG  1 
ATOM   307 C CD1 . LEU A 1 53 ? -1.243  1.312   -10.844 1.00 3.14  ? 33  LEU A CD1 1 
ATOM   308 C CD2 . LEU A 1 53 ? -2.868  0.281   -12.496 1.00 6.16  ? 33  LEU A CD2 1 
ATOM   309 N N   . GLN A 1 54 ? -2.613  -3.738  -8.724  1.00 6.90  ? 34  GLN A N   1 
ATOM   310 C CA  . GLN A 1 54 ? -2.321  -5.143  -8.442  1.00 5.76  ? 34  GLN A CA  1 
ATOM   311 C C   . GLN A 1 54 ? -3.572  -6.045  -8.372  1.00 6.63  ? 34  GLN A C   1 
ATOM   312 O O   . GLN A 1 54 ? -3.483  -7.238  -8.667  1.00 4.84  ? 34  GLN A O   1 
ATOM   313 C CB  . GLN A 1 54 ? -1.483  -5.289  -7.156  1.00 6.52  ? 34  GLN A CB  1 
ATOM   314 C CG  . GLN A 1 54 ? 0.023   -4.936  -7.303  1.00 5.41  ? 34  GLN A CG  1 
ATOM   315 C CD  . GLN A 1 54 ? 0.805   -5.136  -5.996  1.00 6.23  ? 34  GLN A CD  1 
ATOM   316 O OE1 . GLN A 1 54 ? 1.496   -4.233  -5.522  1.00 8.10  ? 34  GLN A OE1 1 
ATOM   317 N NE2 . GLN A 1 54 ? 0.672   -6.319  -5.399  1.00 7.75  ? 34  GLN A NE2 1 
ATOM   318 N N   . ILE A 1 55 ? -4.724  -5.484  -7.989  1.00 5.40  ? 35  ILE A N   1 
ATOM   319 C CA  . ILE A 1 55 ? -5.921  -6.301  -7.745  1.00 6.56  ? 35  ILE A CA  1 
ATOM   320 C C   . ILE A 1 55 ? -7.081  -6.056  -8.721  1.00 6.54  ? 35  ILE A C   1 
ATOM   321 O O   . ILE A 1 55 ? -8.106  -6.732  -8.650  1.00 7.79  ? 35  ILE A O   1 
ATOM   322 C CB  . ILE A 1 55 ? -6.390  -6.227  -6.256  1.00 5.36  ? 35  ILE A CB  1 
ATOM   323 C CG1 . ILE A 1 55 ? -7.034  -4.869  -5.942  1.00 8.47  ? 35  ILE A CG1 1 
ATOM   324 C CG2 . ILE A 1 55 ? -5.218  -6.516  -5.326  1.00 4.51  ? 35  ILE A CG2 1 
ATOM   325 C CD1 . ILE A 1 55 ? -7.610  -4.759  -4.545  1.00 7.00  ? 35  ILE A CD1 1 
ATOM   326 N N   . GLY A 1 56 ? -6.899  -5.101  -9.629  1.00 6.99  ? 36  GLY A N   1 
ATOM   327 C CA  . GLY A 1 56 ? -7.838  -4.880  -10.725 1.00 8.21  ? 36  GLY A CA  1 
ATOM   328 C C   . GLY A 1 56 ? -9.071  -4.107  -10.321 1.00 9.46  ? 36  GLY A C   1 
ATOM   329 O O   . GLY A 1 56 ? -10.186 -4.499  -10.670 1.00 9.33  ? 36  GLY A O   1 
ATOM   330 N N   . THR A 1 57 ? -8.869  -3.013  -9.586  1.00 9.66  ? 37  THR A N   1 
ATOM   331 C CA  . THR A 1 57 ? -9.964  -2.117  -9.190  1.00 9.59  ? 37  THR A CA  1 
ATOM   332 C C   . THR A 1 57 ? -9.508  -0.658  -9.315  1.00 9.82  ? 37  THR A C   1 
ATOM   333 O O   . THR A 1 57 ? -8.440  -0.386  -9.872  1.00 10.03 ? 37  THR A O   1 
ATOM   334 C CB  . THR A 1 57 ? -10.500 -2.452  -7.744  1.00 10.40 ? 37  THR A CB  1 
ATOM   335 O OG1 . THR A 1 57 ? -11.665 -1.664  -7.445  1.00 10.05 ? 37  THR A OG1 1 
ATOM   336 C CG2 . THR A 1 57 ? -9.436  -2.217  -6.663  1.00 9.22  ? 37  THR A CG2 1 
ATOM   337 N N   . GLN A 1 58 ? -10.330 0.267   -8.822  1.00 9.61  ? 38  GLN A N   1 
ATOM   338 C CA  . GLN A 1 58 ? -9.989  1.691   -8.727  1.00 9.60  ? 38  GLN A CA  1 
ATOM   339 C C   . GLN A 1 58 ? -9.990  2.099   -7.254  1.00 8.33  ? 38  GLN A C   1 
ATOM   340 O O   . GLN A 1 58 ? -10.798 1.570   -6.482  1.00 7.81  ? 38  GLN A O   1 
ATOM   341 C CB  . GLN A 1 58 ? -11.031 2.538   -9.460  1.00 9.57  ? 38  GLN A CB  1 
ATOM   342 C CG  . GLN A 1 58 ? -11.447 1.948   -10.793 1.00 14.95 ? 38  GLN A CG  1 
ATOM   343 N N   . PRO A 1 59 ? -9.112  3.049   -6.856  1.00 8.12  ? 39  PRO A N   1 
ATOM   344 C CA  . PRO A 1 59 ? -9.096  3.529   -5.464  1.00 7.88  ? 39  PRO A CA  1 
ATOM   345 C C   . PRO A 1 59 ? -10.461 3.936   -4.895  1.00 8.33  ? 39  PRO A C   1 
ATOM   346 O O   . PRO A 1 59 ? -10.739 3.639   -3.733  1.00 7.40  ? 39  PRO A O   1 
ATOM   347 C CB  . PRO A 1 59 ? -8.139  4.723   -5.521  1.00 7.90  ? 39  PRO A CB  1 
ATOM   348 C CG  . PRO A 1 59 ? -7.184  4.353   -6.611  1.00 7.09  ? 39  PRO A CG  1 
ATOM   349 C CD  . PRO A 1 59 ? -8.045  3.695   -7.652  1.00 9.22  ? 39  PRO A CD  1 
ATOM   350 N N   . ASN A 1 60 ? -11.310 4.585   -5.699  1.00 8.00  ? 40  ASN A N   1 
ATOM   351 C CA  . ASN A 1 60 ? -12.639 4.989   -5.227  1.00 9.86  ? 40  ASN A CA  1 
ATOM   352 C C   . ASN A 1 60 ? -13.628 3.832   -4.980  1.00 9.00  ? 40  ASN A C   1 
ATOM   353 O O   . ASN A 1 60 ? -14.742 4.055   -4.520  1.00 9.54  ? 40  ASN A O   1 
ATOM   354 C CB  . ASN A 1 60 ? -13.262 6.103   -6.112  1.00 10.29 ? 40  ASN A CB  1 
ATOM   355 C CG  . ASN A 1 60 ? -13.642 5.634   -7.526  1.00 14.28 ? 40  ASN A CG  1 
ATOM   356 O OD1 . ASN A 1 60 ? -13.932 6.464   -8.400  1.00 18.52 ? 40  ASN A OD1 1 
ATOM   357 N ND2 . ASN A 1 60 ? -13.662 4.331   -7.756  1.00 14.62 ? 40  ASN A ND2 1 
ATOM   358 N N   . LYS A 1 61 ? -13.218 2.604   -5.279  1.00 9.88  ? 41  LYS A N   1 
ATOM   359 C CA  . LYS A 1 61 ? -14.099 1.442   -5.079  1.00 9.68  ? 41  LYS A CA  1 
ATOM   360 C C   . LYS A 1 61 ? -13.816 0.729   -3.758  1.00 8.52  ? 41  LYS A C   1 
ATOM   361 O O   . LYS A 1 61 ? -14.554 -0.187  -3.365  1.00 9.67  ? 41  LYS A O   1 
ATOM   362 C CB  . LYS A 1 61 ? -13.967 0.432   -6.230  1.00 9.92  ? 41  LYS A CB  1 
ATOM   363 C CG  . LYS A 1 61 ? -14.205 0.967   -7.641  1.00 14.69 ? 41  LYS A CG  1 
ATOM   364 C CD  . LYS A 1 61 ? -15.597 1.583   -7.826  1.00 15.00 ? 41  LYS A CD  1 
ATOM   365 C CE  . LYS A 1 61 ? -15.945 1.755   -9.305  1.00 14.98 ? 41  LYS A CE  1 
ATOM   366 N NZ  . LYS A 1 61 ? -15.012 2.657   -10.055 1.00 13.36 ? 41  LYS A NZ  1 
ATOM   367 N N   . ILE A 1 62 ? -12.750 1.142   -3.081  1.00 7.86  ? 42  ILE A N   1 
ATOM   368 C CA  . ILE A 1 62 ? -12.229 0.384   -1.938  1.00 7.64  ? 42  ILE A CA  1 
ATOM   369 C C   . ILE A 1 62 ? -11.987 1.195   -0.662  1.00 6.73  ? 42  ILE A C   1 
ATOM   370 O O   . ILE A 1 62 ? -11.735 2.408   -0.699  1.00 7.50  ? 42  ILE A O   1 
ATOM   371 C CB  . ILE A 1 62 ? -10.934 -0.403  -2.310  1.00 8.12  ? 42  ILE A CB  1 
ATOM   372 C CG1 . ILE A 1 62 ? -9.824  0.549   -2.776  1.00 8.94  ? 42  ILE A CG1 1 
ATOM   373 C CG2 . ILE A 1 62 ? -11.237 -1.486  -3.369  1.00 6.91  ? 42  ILE A CG2 1 
ATOM   374 C CD1 . ILE A 1 62 ? -8.452  -0.091  -2.811  1.00 5.49  ? 42  ILE A CD1 1 
ATOM   375 N N   . VAL A 1 63 ? -12.086 0.485   0.459   1.00 5.27  ? 43  VAL A N   1 
ATOM   376 C CA  . VAL A 1 63 ? -11.872 0.996   1.805   1.00 4.56  ? 43  VAL A CA  1 
ATOM   377 C C   . VAL A 1 63 ? -10.835 0.076   2.468   1.00 4.30  ? 43  VAL A C   1 
ATOM   378 O O   . VAL A 1 63 ? -10.910 -1.150  2.322   1.00 3.89  ? 43  VAL A O   1 
ATOM   379 C CB  . VAL A 1 63 ? -13.185 0.952   2.635   1.00 6.14  ? 43  VAL A CB  1 
ATOM   380 C CG1 . VAL A 1 63 ? -12.926 1.289   4.101   1.00 6.91  ? 43  VAL A CG1 1 
ATOM   381 C CG2 . VAL A 1 63 ? -14.247 1.888   2.046   1.00 7.78  ? 43  VAL A CG2 1 
ATOM   382 N N   . LEU A 1 64 ? -9.869  0.667   3.172   1.00 3.75  ? 44  LEU A N   1 
ATOM   383 C CA  . LEU A 1 64 ? -8.900  -0.105  3.950   1.00 3.93  ? 44  LEU A CA  1 
ATOM   384 C C   . LEU A 1 64 ? -9.047  0.179   5.427   1.00 5.11  ? 44  LEU A C   1 
ATOM   385 O O   . LEU A 1 64 ? -9.317  1.317   5.825   1.00 5.44  ? 44  LEU A O   1 
ATOM   386 C CB  . LEU A 1 64 ? -7.464  0.185   3.516   1.00 3.54  ? 44  LEU A CB  1 
ATOM   387 C CG  . LEU A 1 64 ? -7.040  -0.359  2.153   1.00 5.01  ? 44  LEU A CG  1 
ATOM   388 C CD1 . LEU A 1 64 ? -5.716  0.279   1.752   1.00 5.12  ? 44  LEU A CD1 1 
ATOM   389 C CD2 . LEU A 1 64 ? -6.920  -1.887  2.195   1.00 2.00  ? 44  LEU A CD2 1 
ATOM   390 N N   . GLN A 1 65 ? -8.861  -0.864  6.228   1.00 4.70  ? 45  GLN A N   1 
ATOM   391 C CA  . GLN A 1 65 ? -8.906  -0.740  7.675   1.00 6.46  ? 45  GLN A CA  1 
ATOM   392 C C   . GLN A 1 65 ? -7.687  -1.406  8.285   1.00 7.22  ? 45  GLN A C   1 
ATOM   393 O O   . GLN A 1 65 ? -7.203  -2.431  7.784   1.00 6.55  ? 45  GLN A O   1 
ATOM   394 C CB  . GLN A 1 65 ? -10.134 -1.428  8.260   1.00 5.48  ? 45  GLN A CB  1 
ATOM   395 C CG  . GLN A 1 65 ? -11.482 -0.887  7.850   1.00 7.66  ? 45  GLN A CG  1 
ATOM   396 C CD  . GLN A 1 65 ? -12.588 -1.510  8.689   1.00 9.29  ? 45  GLN A CD  1 
ATOM   397 O OE1 . GLN A 1 65 ? -12.341 -2.386  9.521   1.00 14.21 ? 45  GLN A OE1 1 
ATOM   398 N NE2 . GLN A 1 65 ? -13.797 -1.051  8.492   1.00 7.23  ? 45  GLN A NE2 1 
ATOM   399 N N   . LYS A 1 66 ? -7.195  -0.811  9.363   1.00 8.04  ? 46  LYS A N   1 
ATOM   400 C CA  . LYS A 1 66 ? -6.207  -1.449  10.216  1.00 10.58 ? 46  LYS A CA  1 
ATOM   401 C C   . LYS A 1 66 ? -6.834  -1.671  11.584  1.00 12.79 ? 46  LYS A C   1 
ATOM   402 O O   . LYS A 1 66 ? -7.218  -0.720  12.263  1.00 13.20 ? 46  LYS A O   1 
ATOM   403 C CB  . LYS A 1 66 ? -4.953  -0.588  10.351  1.00 10.47 ? 46  LYS A CB  1 
ATOM   404 C CG  . LYS A 1 66 ? -3.844  -1.232  11.160  1.00 11.40 ? 46  LYS A CG  1 
ATOM   405 C CD  . LYS A 1 66 ? -2.631  -0.313  11.257  1.00 13.74 ? 46  LYS A CD  1 
ATOM   406 C CE  . LYS A 1 66 ? -1.561  -0.904  12.155  1.00 13.71 ? 46  LYS A CE  1 
ATOM   407 N NZ  . LYS A 1 66 ? -1.927  -0.860  13.597  1.00 17.86 ? 46  LYS A NZ  1 
ATOM   408 N N   . GLY A 1 67 ? -6.941  -2.939  11.964  1.00 16.10 ? 47  GLY A N   1 
ATOM   409 C CA  . GLY A 1 67 ? -7.479  -3.336  13.259  1.00 18.29 ? 47  GLY A CA  1 
ATOM   410 C C   . GLY A 1 67 ? -8.662  -2.504  13.707  1.00 19.15 ? 47  GLY A C   1 
ATOM   411 O O   . GLY A 1 67 ? -8.593  -1.817  14.730  1.00 19.89 ? 47  GLY A O   1 
ATOM   412 N N   . GLY A 1 68 ? -9.731  -2.546  12.919  1.00 18.82 ? 48  GLY A N   1 
ATOM   413 C CA  . GLY A 1 68 ? -10.981 -1.903  13.292  1.00 18.92 ? 48  GLY A CA  1 
ATOM   414 C C   . GLY A 1 68 ? -11.246 -0.550  12.669  1.00 17.50 ? 48  GLY A C   1 
ATOM   415 O O   . GLY A 1 68 ? -12.393 -0.233  12.363  1.00 18.45 ? 48  GLY A O   1 
ATOM   416 N N   . SER A 1 69 ? -10.199 0.255   12.487  1.00 15.62 ? 49  SER A N   1 
ATOM   417 C CA  . SER A 1 69 ? -10.390 1.616   11.993  1.00 14.12 ? 49  SER A CA  1 
ATOM   418 C C   . SER A 1 69 ? -10.016 1.843   10.534  1.00 11.80 ? 49  SER A C   1 
ATOM   419 O O   . SER A 1 69 ? -9.030  1.302   10.020  1.00 8.58  ? 49  SER A O   1 
ATOM   420 C CB  . SER A 1 69 ? -9.735  2.667   12.905  1.00 15.14 ? 49  SER A CB  1 
ATOM   421 O OG  . SER A 1 69 ? -8.583  2.171   13.559  1.00 19.26 ? 49  SER A OG  1 
ATOM   422 N N   . VAL A 1 70 ? -10.832 2.667   9.893   1.00 10.52 ? 50  VAL A N   1 
ATOM   423 C CA  . VAL A 1 70 ? -10.675 3.027   8.494   1.00 8.73  ? 50  VAL A CA  1 
ATOM   424 C C   . VAL A 1 70 ? -9.499  3.982   8.324   1.00 7.68  ? 50  VAL A C   1 
ATOM   425 O O   . VAL A 1 70 ? -9.329  4.929   9.102   1.00 7.52  ? 50  VAL A O   1 
ATOM   426 C CB  . VAL A 1 70 ? -11.968 3.687   7.964   1.00 9.47  ? 50  VAL A CB  1 
ATOM   427 C CG1 . VAL A 1 70 ? -11.808 4.106   6.513   1.00 7.89  ? 50  VAL A CG1 1 
ATOM   428 C CG2 . VAL A 1 70 ? -13.148 2.730   8.118   1.00 9.33  ? 50  VAL A CG2 1 
ATOM   429 N N   . LEU A 1 71 ? -8.692  3.728   7.299   1.00 7.57  ? 51  LEU A N   1 
ATOM   430 C CA  . LEU A 1 71 ? -7.549  4.577   6.979   1.00 6.11  ? 51  LEU A CA  1 
ATOM   431 C C   . LEU A 1 71 ? -7.964  5.714   6.052   1.00 6.82  ? 51  LEU A C   1 
ATOM   432 O O   . LEU A 1 71 ? -8.620  5.488   5.027   1.00 5.13  ? 51  LEU A O   1 
ATOM   433 C CB  . LEU A 1 71 ? -6.454  3.745   6.321   1.00 5.52  ? 51  LEU A CB  1 
ATOM   434 C CG  . LEU A 1 71 ? -5.972  2.469   7.014   1.00 5.16  ? 51  LEU A CG  1 
ATOM   435 C CD1 . LEU A 1 71 ? -4.754  1.960   6.279   1.00 2.85  ? 51  LEU A CD1 1 
ATOM   436 C CD2 . LEU A 1 71 ? -5.654  2.708   8.495   1.00 5.90  ? 51  LEU A CD2 1 
ATOM   437 N N   . LYS A 1 72 ? -7.577  6.932   6.412   1.00 6.21  ? 52  LYS A N   1 
ATOM   438 C CA  . LYS A 1 72 ? -7.912  8.105   5.605   1.00 7.20  ? 52  LYS A CA  1 
ATOM   439 C C   . LYS A 1 72 ? -6.839  8.338   4.555   1.00 7.11  ? 52  LYS A C   1 
ATOM   440 O O   . LYS A 1 72 ? -5.652  8.221   4.847   1.00 6.95  ? 52  LYS A O   1 
ATOM   441 C CB  . LYS A 1 72 ? -8.072  9.337   6.483   1.00 7.85  ? 52  LYS A CB  1 
ATOM   442 C CG  . LYS A 1 72 ? -9.186  9.198   7.501   1.00 7.32  ? 52  LYS A CG  1 
ATOM   443 C CD  . LYS A 1 72 ? -9.358  10.485  8.269   1.00 10.73 ? 52  LYS A CD  1 
ATOM   444 C CE  . LYS A 1 72 ? -10.381 10.317  9.372   1.00 12.20 ? 52  LYS A CE  1 
ATOM   445 N NZ  . LYS A 1 72 ? -10.651 11.633  9.999   1.00 14.13 ? 52  LYS A NZ  1 
ATOM   446 N N   . ASP A 1 73 ? -7.271  8.676   3.342   1.00 7.55  ? 53  ASP A N   1 
ATOM   447 C CA  . ASP A 1 73 ? -6.387  8.778   2.178   1.00 8.45  ? 53  ASP A CA  1 
ATOM   448 C C   . ASP A 1 73 ? -5.194  9.708   2.378   1.00 9.31  ? 53  ASP A C   1 
ATOM   449 O O   . ASP A 1 73 ? -4.085  9.412   1.931   1.00 8.02  ? 53  ASP A O   1 
ATOM   450 C CB  . ASP A 1 73 ? -7.167  9.245   0.945   1.00 8.63  ? 53  ASP A CB  1 
ATOM   451 C CG  . ASP A 1 73 ? -7.962  8.138   0.284   1.00 10.71 ? 53  ASP A CG  1 
ATOM   452 O OD1 . ASP A 1 73 ? -7.887  6.969   0.721   1.00 11.02 ? 53  ASP A OD1 1 
ATOM   453 O OD2 . ASP A 1 73 ? -8.678  8.446   -0.693  1.00 12.58 ? 53  ASP A OD2 1 
ATOM   454 N N   . HIS A 1 74 ? -5.422  10.827  3.062   1.00 10.59 ? 54  HIS A N   1 
ATOM   455 C CA  . HIS A 1 74 ? -4.415  11.874  3.154   1.00 11.26 ? 54  HIS A CA  1 
ATOM   456 C C   . HIS A 1 74 ? -3.245  11.536  4.071   1.00 11.59 ? 54  HIS A C   1 
ATOM   457 O O   . HIS A 1 74 ? -2.160  12.092  3.918   1.00 12.99 ? 54  HIS A O   1 
ATOM   458 C CB  . HIS A 1 74 ? -5.043  13.202  3.588   1.00 11.90 ? 54  HIS A CB  1 
ATOM   459 C CG  . HIS A 1 74 ? -4.129  14.373  3.417   1.00 16.61 ? 54  HIS A CG  1 
ATOM   460 N ND1 . HIS A 1 74 ? -4.078  15.112  2.255   1.00 21.63 ? 54  HIS A ND1 1 
ATOM   461 C CD2 . HIS A 1 74 ? -3.210  14.918  4.251   1.00 19.52 ? 54  HIS A CD2 1 
ATOM   462 C CE1 . HIS A 1 74 ? -3.176  16.068  2.385   1.00 22.73 ? 54  HIS A CE1 1 
ATOM   463 N NE2 . HIS A 1 74 ? -2.628  15.968  3.583   1.00 22.43 ? 54  HIS A NE2 1 
ATOM   464 N N   . ILE A 1 75 ? -3.475  10.626  5.010   1.00 9.70  ? 55  ILE A N   1 
ATOM   465 C CA  . ILE A 1 75 ? -2.517  10.320  6.075   1.00 8.25  ? 55  ILE A CA  1 
ATOM   466 C C   . ILE A 1 75 ? -1.523  9.235   5.630   1.00 8.37  ? 55  ILE A C   1 
ATOM   467 O O   . ILE A 1 75 ? -1.866  8.357   4.834   1.00 5.42  ? 55  ILE A O   1 
ATOM   468 C CB  . ILE A 1 75 ? -3.276  9.953   7.376   1.00 8.17  ? 55  ILE A CB  1 
ATOM   469 C CG1 . ILE A 1 75 ? -4.083  11.174  7.861   1.00 8.96  ? 55  ILE A CG1 1 
ATOM   470 C CG2 . ILE A 1 75 ? -2.324  9.457   8.465   1.00 8.30  ? 55  ILE A CG2 1 
ATOM   471 C CD1 . ILE A 1 75 ? -5.058  10.889  8.982   1.00 6.82  ? 55  ILE A CD1 1 
ATOM   472 N N   . SER A 1 76 ? -0.282  9.321   6.111   1.00 7.17  ? 56  SER A N   1 
ATOM   473 C CA  . SER A 1 76 ? 0.758   8.376   5.691   1.00 7.13  ? 56  SER A CA  1 
ATOM   474 C C   . SER A 1 76 ? 0.607   6.996   6.344   1.00 6.14  ? 56  SER A C   1 
ATOM   475 O O   . SER A 1 76 ? 0.016   6.857   7.426   1.00 6.40  ? 56  SER A O   1 
ATOM   476 C CB  . SER A 1 76 ? 2.164   8.960   5.920   1.00 6.80  ? 56  SER A CB  1 
ATOM   477 O OG  . SER A 1 76 ? 2.544   8.916   7.295   1.00 7.39  ? 56  SER A OG  1 
ATOM   478 N N   . LEU A 1 77 ? 1.134   5.975   5.676   1.00 6.71  ? 57  LEU A N   1 
ATOM   479 C CA  . LEU A 1 77 ? 1.154   4.630   6.238   1.00 5.62  ? 57  LEU A CA  1 
ATOM   480 C C   . LEU A 1 77 ? 1.873   4.611   7.590   1.00 5.89  ? 57  LEU A C   1 
ATOM   481 O O   . LEU A 1 77 ? 1.346   4.073   8.560   1.00 6.98  ? 57  LEU A O   1 
ATOM   482 C CB  . LEU A 1 77 ? 1.783   3.627   5.251   1.00 5.39  ? 57  LEU A CB  1 
ATOM   483 C CG  . LEU A 1 77 ? 1.007   3.378   3.950   1.00 5.64  ? 57  LEU A CG  1 
ATOM   484 C CD1 . LEU A 1 77 ? 1.806   2.474   3.038   1.00 5.60  ? 57  LEU A CD1 1 
ATOM   485 C CD2 . LEU A 1 77 ? -0.392  2.776   4.201   1.00 4.50  ? 57  LEU A CD2 1 
ATOM   486 N N   . GLU A 1 78 ? 3.060   5.212   7.662   1.00 6.53  ? 58  GLU A N   1 
ATOM   487 C CA  . GLU A 1 78 ? 3.824   5.236   8.926   1.00 7.11  ? 58  GLU A CA  1 
ATOM   488 C C   . GLU A 1 78 ? 3.112   5.924   10.092  1.00 6.92  ? 58  GLU A C   1 
ATOM   489 O O   . GLU A 1 78 ? 3.308   5.530   11.248  1.00 5.76  ? 58  GLU A O   1 
ATOM   490 C CB  . GLU A 1 78 ? 5.232   5.814   8.734   1.00 8.02  ? 58  GLU A CB  1 
ATOM   491 C CG  . GLU A 1 78 ? 5.287   7.278   8.309   1.00 7.71  ? 58  GLU A CG  1 
ATOM   492 C CD  . GLU A 1 78 ? 6.651   7.677   7.759   1.00 12.91 ? 58  GLU A CD  1 
ATOM   493 O OE1 . GLU A 1 78 ? 6.747   8.734   7.099   1.00 17.78 ? 58  GLU A OE1 1 
ATOM   494 O OE2 . GLU A 1 78 ? 7.626   6.933   7.978   1.00 18.22 ? 58  GLU A OE2 1 
ATOM   495 N N   . ASP A 1 79 ? 2.289   6.930   9.794   1.00 5.59  ? 59  ASP A N   1 
ATOM   496 C CA  . ASP A 1 79 ? 1.471   7.580   10.816  1.00 7.50  ? 59  ASP A CA  1 
ATOM   497 C C   . ASP A 1 79 ? 0.366   6.692   11.365  1.00 7.74  ? 59  ASP A C   1 
ATOM   498 O O   . ASP A 1 79 ? -0.045  6.854   12.515  1.00 7.16  ? 59  ASP A O   1 
ATOM   499 C CB  . ASP A 1 79 ? 0.923   8.927   10.339  1.00 6.97  ? 59  ASP A CB  1 
ATOM   500 C CG  . ASP A 1 79 ? 2.011   9.991   10.252  1.00 10.80 ? 59  ASP A CG  1 
ATOM   501 O OD1 . ASP A 1 79 ? 3.147   9.716   10.697  1.00 10.94 ? 59  ASP A OD1 1 
ATOM   502 O OD2 . ASP A 1 79 ? 1.737   11.096  9.747   1.00 10.75 ? 59  ASP A OD2 1 
ATOM   503 N N   . TYR A 1 80 ? -0.093  5.745   10.547  1.00 6.71  ? 60  TYR A N   1 
ATOM   504 C CA  . TYR A 1 80 ? -1.026  4.725   11.007  1.00 7.34  ? 60  TYR A CA  1 
ATOM   505 C C   . TYR A 1 80 ? -0.295  3.524   11.611  1.00 7.25  ? 60  TYR A C   1 
ATOM   506 O O   . TYR A 1 80 ? -0.921  2.524   11.967  1.00 7.41  ? 60  TYR A O   1 
ATOM   507 C CB  . TYR A 1 80 ? -1.932  4.262   9.861   1.00 6.73  ? 60  TYR A CB  1 
ATOM   508 C CG  . TYR A 1 80 ? -3.136  5.135   9.622   1.00 5.46  ? 60  TYR A CG  1 
ATOM   509 C CD1 . TYR A 1 80 ? -4.137  5.258   10.589  1.00 5.38  ? 60  TYR A CD1 1 
ATOM   510 C CD2 . TYR A 1 80 ? -3.307  5.796   8.405   1.00 3.96  ? 60  TYR A CD2 1 
ATOM   511 C CE1 . TYR A 1 80 ? -5.267  6.037   10.363  1.00 5.70  ? 60  TYR A CE1 1 
ATOM   512 C CE2 . TYR A 1 80 ? -4.444  6.571   8.167   1.00 6.55  ? 60  TYR A CE2 1 
ATOM   513 C CZ  . TYR A 1 80 ? -5.403  6.705   9.158   1.00 4.72  ? 60  TYR A CZ  1 
ATOM   514 O OH  . TYR A 1 80 ? -6.521  7.484   8.925   1.00 4.05  ? 60  TYR A OH  1 
ATOM   515 N N   . GLU A 1 81 ? 1.028   3.641   11.736  1.00 8.05  ? 61  GLU A N   1 
ATOM   516 C CA  . GLU A 1 81 ? 1.872   2.557   12.223  1.00 7.99  ? 61  GLU A CA  1 
ATOM   517 C C   . GLU A 1 81 ? 1.785   1.299   11.345  1.00 8.01  ? 61  GLU A C   1 
ATOM   518 O O   . GLU A 1 81 ? 1.857   0.174   11.837  1.00 8.40  ? 61  GLU A O   1 
ATOM   519 C CB  . GLU A 1 81 ? 1.603   2.267   13.710  1.00 9.38  ? 61  GLU A CB  1 
ATOM   520 C CG  . GLU A 1 81 ? 2.277   3.299   14.629  1.00 14.10 ? 61  GLU A CG  1 
ATOM   521 C CD  . GLU A 1 81 ? 1.723   3.333   16.039  1.00 19.85 ? 61  GLU A CD  1 
ATOM   522 O OE1 . GLU A 1 81 ? 2.034   4.307   16.764  1.00 20.97 ? 61  GLU A OE1 1 
ATOM   523 O OE2 . GLU A 1 81 ? 0.984   2.401   16.433  1.00 24.98 ? 61  GLU A OE2 1 
ATOM   524 N N   . VAL A 1 82 ? 1.626   1.523   10.040  1.00 6.35  ? 62  VAL A N   1 
ATOM   525 C CA  . VAL A 1 82 ? 1.683   0.458   9.045   1.00 7.36  ? 62  VAL A CA  1 
ATOM   526 C C   . VAL A 1 82 ? 3.146   0.201   8.710   1.00 7.22  ? 62  VAL A C   1 
ATOM   527 O O   . VAL A 1 82 ? 3.858   1.075   8.184   1.00 7.82  ? 62  VAL A O   1 
ATOM   528 C CB  . VAL A 1 82 ? 0.852   0.769   7.772   1.00 7.19  ? 62  VAL A CB  1 
ATOM   529 C CG1 . VAL A 1 82 ? 0.868   -0.418  6.828   1.00 6.85  ? 62  VAL A CG1 1 
ATOM   530 C CG2 . VAL A 1 82 ? -0.588  1.103   8.143   1.00 7.78  ? 62  VAL A CG2 1 
ATOM   531 N N   . HIS A 1 83 ? 3.590   -1.000  9.067   1.00 7.75  ? 63  HIS A N   1 
ATOM   532 C CA  . HIS A 1 83 ? 4.980   -1.411  8.922   1.00 6.88  ? 63  HIS A CA  1 
ATOM   533 C C   . HIS A 1 83 ? 5.094   -2.583  7.959   1.00 6.76  ? 63  HIS A C   1 
ATOM   534 O O   . HIS A 1 83 ? 4.097   -3.027  7.374   1.00 5.93  ? 63  HIS A O   1 
ATOM   535 C CB  . HIS A 1 83 ? 5.555   -1.821  10.286  1.00 7.12  ? 63  HIS A CB  1 
ATOM   536 C CG  . HIS A 1 83 ? 5.325   -0.820  11.379  1.00 8.01  ? 63  HIS A CG  1 
ATOM   537 N ND1 . HIS A 1 83 ? 5.542   0.533   11.219  1.00 8.66  ? 63  HIS A ND1 1 
ATOM   538 C CD2 . HIS A 1 83 ? 4.929   -0.987  12.661  1.00 4.69  ? 63  HIS A CD2 1 
ATOM   539 C CE1 . HIS A 1 83 ? 5.278   1.155   12.353  1.00 5.67  ? 63  HIS A CE1 1 
ATOM   540 N NE2 . HIS A 1 83 ? 4.894   0.257   13.240  1.00 6.96  ? 63  HIS A NE2 1 
ATOM   541 N N   . ASP A 1 84 ? 6.314   -3.090  7.803   1.00 6.24  ? 64  ASP A N   1 
ATOM   542 C CA  . ASP A 1 84 ? 6.551   -4.296  7.025   1.00 5.44  ? 64  ASP A CA  1 
ATOM   543 C C   . ASP A 1 84 ? 5.779   -5.444  7.689   1.00 4.66  ? 64  ASP A C   1 
ATOM   544 O O   . ASP A 1 84 ? 5.808   -5.596  8.907   1.00 4.53  ? 64  ASP A O   1 
ATOM   545 C CB  . ASP A 1 84 ? 8.059   -4.577  6.953   1.00 6.96  ? 64  ASP A CB  1 
ATOM   546 C CG  . ASP A 1 84 ? 8.407   -5.764  6.073   1.00 7.03  ? 64  ASP A CG  1 
ATOM   547 O OD1 . ASP A 1 84 ? 7.951   -5.816  4.909   1.00 4.78  ? 64  ASP A OD1 1 
ATOM   548 O OD2 . ASP A 1 84 ? 9.172   -6.642  6.543   1.00 7.52  ? 64  ASP A OD2 1 
ATOM   549 N N   . GLN A 1 85 ? 5.057   -6.213  6.871   1.00 4.35  ? 65  GLN A N   1 
ATOM   550 C CA  . GLN A 1 85 ? 4.207   -7.326  7.319   1.00 5.19  ? 65  GLN A CA  1 
ATOM   551 C C   . GLN A 1 85 ? 2.936   -6.938  8.091   1.00 4.13  ? 65  GLN A C   1 
ATOM   552 O O   . GLN A 1 85 ? 2.210   -7.820  8.557   1.00 2.88  ? 65  GLN A O   1 
ATOM   553 C CB  . GLN A 1 85 ? 5.016   -8.389  8.107   1.00 5.38  ? 65  GLN A CB  1 
ATOM   554 C CG  . GLN A 1 85 ? 6.235   -8.950  7.343   1.00 7.58  ? 65  GLN A CG  1 
ATOM   555 C CD  . GLN A 1 85 ? 5.889   -9.377  5.927   1.00 10.41 ? 65  GLN A CD  1 
ATOM   556 O OE1 . GLN A 1 85 ? 5.115   -10.312 5.716   1.00 12.25 ? 65  GLN A OE1 1 
ATOM   557 N NE2 . GLN A 1 85 ? 6.470   -8.694  4.948   1.00 9.19  ? 65  GLN A NE2 1 
ATOM   558 N N   . THR A 1 86 ? 2.650   -5.646  8.223   1.00 5.17  ? 66  THR A N   1 
ATOM   559 C CA  . THR A 1 86 ? 1.372   -5.226  8.805   1.00 4.57  ? 66  THR A CA  1 
ATOM   560 C C   . THR A 1 86 ? 0.213   -5.709  7.924   1.00 4.90  ? 66  THR A C   1 
ATOM   561 O O   . THR A 1 86 ? 0.267   -5.589  6.695   1.00 3.60  ? 66  THR A O   1 
ATOM   562 C CB  . THR A 1 86 ? 1.264   -3.687  8.981   1.00 5.83  ? 66  THR A CB  1 
ATOM   563 O OG1 . THR A 1 86 ? 2.097   -3.261  10.058  1.00 5.44  ? 66  THR A OG1 1 
ATOM   564 C CG2 . THR A 1 86 ? -0.166  -3.271  9.296   1.00 5.83  ? 66  THR A CG2 1 
ATOM   565 N N   . ASN A 1 87 ? -0.820  -6.258  8.561   1.00 4.41  ? 67  ASN A N   1 
ATOM   566 C CA  . ASN A 1 87 ? -2.042  -6.637  7.844   1.00 5.55  ? 67  ASN A CA  1 
ATOM   567 C C   . ASN A 1 87 ? -3.089  -5.528  7.809   1.00 5.04  ? 67  ASN A C   1 
ATOM   568 O O   . ASN A 1 87 ? -3.356  -4.883  8.825   1.00 6.14  ? 67  ASN A O   1 
ATOM   569 C CB  . ASN A 1 87 ? -2.647  -7.919  8.424   1.00 5.05  ? 67  ASN A CB  1 
ATOM   570 C CG  . ASN A 1 87 ? -1.778  -9.121  8.192   1.00 9.20  ? 67  ASN A CG  1 
ATOM   571 O OD1 . ASN A 1 87 ? -1.977  -9.861  7.234   1.00 9.42  ? 67  ASN A OD1 1 
ATOM   572 N ND2 . ASN A 1 87 ? -0.789  -9.320  9.062   1.00 11.08 ? 67  ASN A ND2 1 
ATOM   573 N N   . LEU A 1 88 ? -3.665  -5.312  6.626   1.00 5.53  ? 68  LEU A N   1 
ATOM   574 C CA  . LEU A 1 88 ? -4.796  -4.407  6.450   1.00 4.43  ? 68  LEU A CA  1 
ATOM   575 C C   . LEU A 1 88 ? -5.992  -5.196  5.942   1.00 5.61  ? 68  LEU A C   1 
ATOM   576 O O   . LEU A 1 88 ? -5.819  -6.215  5.276   1.00 7.89  ? 68  LEU A O   1 
ATOM   577 C CB  . LEU A 1 88 ? -4.462  -3.305  5.437   1.00 3.58  ? 68  LEU A CB  1 
ATOM   578 C CG  . LEU A 1 88 ? -3.301  -2.351  5.730   1.00 3.32  ? 68  LEU A CG  1 
ATOM   579 C CD1 . LEU A 1 88 ? -3.175  -1.314  4.609   1.00 2.00  ? 68  LEU A CD1 1 
ATOM   580 C CD2 . LEU A 1 88 ? -3.520  -1.671  7.052   1.00 3.33  ? 68  LEU A CD2 1 
ATOM   581 N N   . GLU A 1 89 ? -7.200  -4.728  6.256   1.00 5.12  ? 69  GLU A N   1 
ATOM   582 C CA  . GLU A 1 89 ? -8.422  -5.396  5.800   1.00 5.17  ? 69  GLU A CA  1 
ATOM   583 C C   . GLU A 1 89 ? -9.047  -4.586  4.672   1.00 4.14  ? 69  GLU A C   1 
ATOM   584 O O   . GLU A 1 89 ? -9.293  -3.395  4.835   1.00 3.06  ? 69  GLU A O   1 
ATOM   585 C CB  . GLU A 1 89 ? -9.417  -5.571  6.952   1.00 6.32  ? 69  GLU A CB  1 
ATOM   586 C CG  . GLU A 1 89 ? -8.985  -6.580  8.023   1.00 11.22 ? 69  GLU A CG  1 
ATOM   587 C CD  . GLU A 1 89 ? -7.836  -6.078  8.899   1.00 21.02 ? 69  GLU A CD  1 
ATOM   588 O OE1 . GLU A 1 89 ? -6.794  -6.776  8.986   1.00 23.83 ? 69  GLU A OE1 1 
ATOM   589 O OE2 . GLU A 1 89 ? -7.972  -4.986  9.496   1.00 23.72 ? 69  GLU A OE2 1 
ATOM   590 N N   . LEU A 1 90 ? -9.271  -5.238  3.532   1.00 2.94  ? 70  LEU A N   1 
ATOM   591 C CA  . LEU A 1 90 ? -9.860  -4.592  2.351   1.00 3.50  ? 70  LEU A CA  1 
ATOM   592 C C   . LEU A 1 90 ? -11.354 -4.843  2.283   1.00 3.67  ? 70  LEU A C   1 
ATOM   593 O O   . LEU A 1 90 ? -11.802 -5.978  2.466   1.00 3.92  ? 70  LEU A O   1 
ATOM   594 C CB  . LEU A 1 90 ? -9.222  -5.150  1.070   1.00 3.85  ? 70  LEU A CB  1 
ATOM   595 C CG  . LEU A 1 90 ? -9.743  -4.703  -0.309  1.00 3.70  ? 70  LEU A CG  1 
ATOM   596 C CD1 . LEU A 1 90 ? -9.306  -3.275  -0.628  1.00 5.81  ? 70  LEU A CD1 1 
ATOM   597 C CD2 . LEU A 1 90 ? -9.266  -5.685  -1.389  1.00 9.66  ? 70  LEU A CD2 1 
ATOM   598 N N   . TYR A 1 91 ? -12.107 -3.779  2.018   1.00 4.52  ? 71  TYR A N   1 
ATOM   599 C CA  . TYR A 1 91 ? -13.542 -3.851  1.720   1.00 5.86  ? 71  TYR A CA  1 
ATOM   600 C C   . TYR A 1 91 ? -13.816 -3.152  0.396   1.00 5.91  ? 71  TYR A C   1 
ATOM   601 O O   . TYR A 1 91 ? -13.139 -2.188  0.035   1.00 6.75  ? 71  TYR A O   1 
ATOM   602 C CB  . TYR A 1 91 ? -14.371 -3.190  2.824   1.00 5.92  ? 71  TYR A CB  1 
ATOM   603 C CG  . TYR A 1 91 ? -14.249 -3.859  4.181   1.00 8.00  ? 71  TYR A CG  1 
ATOM   604 C CD1 . TYR A 1 91 ? -13.140 -3.631  4.989   1.00 10.68 ? 71  TYR A CD1 1 
ATOM   605 C CD2 . TYR A 1 91 ? -15.253 -4.704  4.659   1.00 9.53  ? 71  TYR A CD2 1 
ATOM   606 C CE1 . TYR A 1 91 ? -13.012 -4.240  6.229   1.00 10.55 ? 71  TYR A CE1 1 
ATOM   607 C CE2 . TYR A 1 91 ? -15.135 -5.326  5.919   1.00 10.91 ? 71  TYR A CE2 1 
ATOM   608 C CZ  . TYR A 1 91 ? -14.009 -5.085  6.687   1.00 8.88  ? 71  TYR A CZ  1 
ATOM   609 O OH  . TYR A 1 91 ? -13.864 -5.670  7.928   1.00 13.19 ? 71  TYR A OH  1 
ATOM   610 N N   . TYR A 1 92 ? -14.803 -3.646  -0.332  1.00 6.26  ? 72  TYR A N   1 
ATOM   611 C CA  . TYR A 1 92 ? -15.277 -2.963  -1.526  1.00 7.40  ? 72  TYR A CA  1 
ATOM   612 C C   . TYR A 1 92 ? -16.619 -2.330  -1.213  1.00 8.08  ? 72  TYR A C   1 
ATOM   613 O O   . TYR A 1 92 ? -17.486 -2.964  -0.606  1.00 7.53  ? 72  TYR A O   1 
ATOM   614 C CB  . TYR A 1 92 ? -15.467 -3.942  -2.682  1.00 7.72  ? 72  TYR A CB  1 
ATOM   615 C CG  . TYR A 1 92 ? -14.222 -4.656  -3.152  1.00 7.74  ? 72  TYR A CG  1 
ATOM   616 C CD1 . TYR A 1 92 ? -13.694 -5.730  -2.429  1.00 9.80  ? 72  TYR A CD1 1 
ATOM   617 C CD2 . TYR A 1 92 ? -13.586 -4.285  -4.342  1.00 8.43  ? 72  TYR A CD2 1 
ATOM   618 C CE1 . TYR A 1 92 ? -12.554 -6.402  -2.857  1.00 7.09  ? 72  TYR A CE1 1 
ATOM   619 C CE2 . TYR A 1 92 ? -12.441 -4.965  -4.792  1.00 9.47  ? 72  TYR A CE2 1 
ATOM   620 C CZ  . TYR A 1 92 ? -11.929 -6.018  -4.040  1.00 8.09  ? 72  TYR A CZ  1 
ATOM   621 O OH  . TYR A 1 92 ? -10.811 -6.714  -4.477  1.00 8.66  ? 72  TYR A OH  1 
ATOM   622 N N   . LEU A 1 93 ? -16.772 -1.081  -1.630  1.00 8.27  ? 73  LEU A N   1 
ATOM   623 C CA  . LEU A 1 93 ? -18.036 -0.361  -1.577  1.00 9.64  ? 73  LEU A CA  1 
ATOM   624 C C   . LEU A 1 93 ? -19.133 -1.138  -2.293  1.00 10.25 ? 73  LEU A C   1 
ATOM   625 O O   . LEU A 1 93 ? -20.261 -1.280  -1.788  1.00 9.55  ? 73  LEU A O   1 
ATOM   626 C CB  . LEU A 1 93 ? -17.855 1.009   -2.236  1.00 9.96  ? 73  LEU A CB  1 
ATOM   627 C CG  . LEU A 1 93 ? -17.635 2.291   -1.423  1.00 11.83 ? 73  LEU A CG  1 
ATOM   628 C CD1 . LEU A 1 93 ? -17.003 2.061   -0.066  1.00 13.07 ? 73  LEU A CD1 1 
ATOM   629 C CD2 . LEU A 1 93 ? -16.835 3.266   -2.245  1.00 12.40 ? 73  LEU A CD2 1 
ATOM   630 O OXT . LEU A 1 93 ? -18.902 -1.649  -3.391  1.00 10.71 ? 73  LEU A OXT 1 
ATOM   631 N N   . SER B 2 1  ? 2.447   -9.940  -4.602  1.00 26.76 ? 37  SER C N   1 
ATOM   632 C CA  . SER B 2 1  ? 2.368   -10.579 -5.945  1.00 25.83 ? 37  SER C CA  1 
ATOM   633 C C   . SER B 2 1  ? 3.354   -9.980  -6.960  1.00 25.38 ? 37  SER C C   1 
ATOM   634 O O   . SER B 2 1  ? 3.383   -10.414 -8.111  1.00 25.88 ? 37  SER C O   1 
ATOM   635 C CB  . SER B 2 1  ? 0.925   -10.536 -6.482  1.00 26.70 ? 37  SER C CB  1 
ATOM   636 O OG  . SER B 2 1  ? 0.397   -9.212  -6.565  1.00 26.64 ? 37  SER C OG  1 
ATOM   637 N N   . LEU B 2 2  ? 4.167   -9.013  -6.523  1.00 23.32 ? 38  LEU C N   1 
ATOM   638 C CA  . LEU B 2 2  ? 5.080   -8.263  -7.409  1.00 22.29 ? 38  LEU C CA  1 
ATOM   639 C C   . LEU B 2 2  ? 6.470   -8.007  -6.820  1.00 20.60 ? 38  LEU C C   1 
ATOM   640 O O   . LEU B 2 2  ? 6.616   -7.789  -5.615  1.00 21.30 ? 38  LEU C O   1 
ATOM   641 C CB  . LEU B 2 2  ? 4.451   -6.916  -7.792  1.00 21.30 ? 38  LEU C CB  1 
ATOM   642 C CG  . LEU B 2 2  ? 3.769   -6.676  -9.142  1.00 22.64 ? 38  LEU C CG  1 
ATOM   643 C CD1 . LEU B 2 2  ? 2.659   -7.662  -9.474  1.00 23.50 ? 38  LEU C CD1 1 
ATOM   644 C CD2 . LEU B 2 2  ? 3.236   -5.250  -9.189  1.00 21.36 ? 38  LEU C CD2 1 
ATOM   645 N N   . SER B 2 3  ? 7.489   -8.002  -7.680  1.00 20.03 ? 39  SER C N   1 
ATOM   646 C CA  . SER B 2 3  ? 8.855   -7.690  -7.257  1.00 17.75 ? 39  SER C CA  1 
ATOM   647 C C   . SER B 2 3  ? 9.047   -6.187  -7.056  1.00 16.45 ? 39  SER C C   1 
ATOM   648 O O   . SER B 2 3  ? 8.201   -5.392  -7.472  1.00 15.28 ? 39  SER C O   1 
ATOM   649 C CB  . SER B 2 3  ? 9.874   -8.224  -8.273  1.00 18.90 ? 39  SER C CB  1 
ATOM   650 O OG  . SER B 2 3  ? 9.964   -7.387  -9.416  1.00 18.61 ? 39  SER C OG  1 
ATOM   651 N N   . ILE B 2 4  ? 10.156  -5.796  -6.425  1.00 15.54 ? 40  ILE C N   1 
ATOM   652 C CA  . ILE B 2 4  ? 10.480  -4.373  -6.259  1.00 14.29 ? 40  ILE C CA  1 
ATOM   653 C C   . ILE B 2 4  ? 10.602  -3.691  -7.626  1.00 14.45 ? 40  ILE C C   1 
ATOM   654 O O   . ILE B 2 4  ? 10.093  -2.582  -7.817  1.00 13.87 ? 40  ILE C O   1 
ATOM   655 C CB  . ILE B 2 4  ? 11.754  -4.134  -5.395  1.00 14.41 ? 40  ILE C CB  1 
ATOM   656 C CG1 . ILE B 2 4  ? 11.508  -4.537  -3.937  1.00 13.97 ? 40  ILE C CG1 1 
ATOM   657 C CG2 . ILE B 2 4  ? 12.174  -2.678  -5.409  1.00 13.34 ? 40  ILE C CG2 1 
ATOM   658 N N   . GLU B 2 5  ? 11.249  -4.375  -8.573  1.00 13.91 ? 41  GLU C N   1 
ATOM   659 C CA  . GLU B 2 5  ? 11.426  -3.853  -9.924  1.00 13.83 ? 41  GLU C CA  1 
ATOM   660 C C   . GLU B 2 5  ? 10.082  -3.588  -10.607 1.00 13.22 ? 41  GLU C C   1 
ATOM   661 O O   . GLU B 2 5  ? 9.883   -2.519  -11.181 1.00 13.29 ? 41  GLU C O   1 
ATOM   662 C CB  . GLU B 2 5  ? 12.279  -4.812  -10.767 1.00 15.13 ? 41  GLU C CB  1 
ATOM   663 O OE2 . GLU B 2 5  ? 13.489  -6.634  -8.287  1.00 32.10 ? 41  GLU C OE2 1 
ATOM   664 N N   . GLU B 2 6  ? 9.162   -4.551  -10.519 1.00 11.87 ? 42  GLU C N   1 
ATOM   665 C CA  . GLU B 2 6  ? 7.831   -4.424  -11.116 1.00 12.36 ? 42  GLU C CA  1 
ATOM   666 C C   . GLU B 2 6  ? 6.982   -3.367  -10.404 1.00 10.98 ? 42  GLU C C   1 
ATOM   667 O O   . GLU B 2 6  ? 6.282   -2.578  -11.050 1.00 10.77 ? 42  GLU C O   1 
ATOM   668 C CB  . GLU B 2 6  ? 7.104   -5.770  -11.112 1.00 12.94 ? 42  GLU C CB  1 
ATOM   669 C CG  . GLU B 2 6  ? 7.671   -6.783  -12.091 1.00 17.04 ? 42  GLU C CG  1 
ATOM   670 C CD  . GLU B 2 6  ? 7.135   -8.185  -11.860 1.00 22.46 ? 42  GLU C CD  1 
ATOM   671 O OE1 . GLU B 2 6  ? 6.754   -8.842  -12.850 1.00 24.41 ? 42  GLU C OE1 1 
ATOM   672 O OE2 . GLU B 2 6  ? 7.094   -8.633  -10.689 1.00 24.40 ? 42  GLU C OE2 1 
ATOM   673 N N   . THR B 2 7  ? 7.060   -3.350  -9.076  1.00 9.74  ? 43  THR C N   1 
ATOM   674 C CA  . THR B 2 7  ? 6.359   -2.350  -8.270  1.00 7.79  ? 43  THR C CA  1 
ATOM   675 C C   . THR B 2 7  ? 6.821   -0.937  -8.649  1.00 7.80  ? 43  THR C C   1 
ATOM   676 O O   . THR B 2 7  ? 6.006   -0.026  -8.768  1.00 7.63  ? 43  THR C O   1 
ATOM   677 C CB  . THR B 2 7  ? 6.595   -2.586  -6.766  1.00 9.18  ? 43  THR C CB  1 
ATOM   678 O OG1 . THR B 2 7  ? 6.144   -3.896  -6.411  1.00 6.50  ? 43  THR C OG1 1 
ATOM   679 C CG2 . THR B 2 7  ? 5.849   -1.557  -5.933  1.00 5.93  ? 43  THR C CG2 1 
ATOM   680 N N   . ASN B 2 8  ? 8.129   -0.770  -8.851  1.00 7.08  ? 44  ASN C N   1 
ATOM   681 C CA  . ASN B 2 8  ? 8.694   0.528   -9.245  1.00 7.10  ? 44  ASN C CA  1 
ATOM   682 C C   . ASN B 2 8  ? 8.279   1.032   -10.628 1.00 6.36  ? 44  ASN C C   1 
ATOM   683 O O   . ASN B 2 8  ? 8.236   2.236   -10.854 1.00 7.05  ? 44  ASN C O   1 
ATOM   684 C CB  . ASN B 2 8  ? 10.220  0.525   -9.110  1.00 7.58  ? 44  ASN C CB  1 
ATOM   685 C CG  . ASN B 2 8  ? 10.675  0.918   -7.718  1.00 7.29  ? 44  ASN C CG  1 
ATOM   686 O OD1 . ASN B 2 8  ? 9.907   1.493   -6.939  1.00 6.58  ? 44  ASN C OD1 1 
ATOM   687 N ND2 . ASN B 2 8  ? 11.935  0.628   -7.403  1.00 7.48  ? 44  ASN C ND2 1 
ATOM   688 N N   . GLU B 2 9  ? 7.978   0.114   -11.544 1.00 6.57  ? 45  GLU C N   1 
ATOM   689 C CA  . GLU B 2 9  ? 7.433   0.479   -12.844 1.00 7.41  ? 45  GLU C CA  1 
ATOM   690 C C   . GLU B 2 9  ? 6.082   1.155   -12.641 1.00 6.37  ? 45  GLU C C   1 
ATOM   691 O O   . GLU B 2 9  ? 5.787   2.177   -13.262 1.00 7.09  ? 45  GLU C O   1 
ATOM   692 C CB  . GLU B 2 9  ? 7.260   -0.755  -13.740 1.00 7.14  ? 45  GLU C CB  1 
ATOM   693 C CG  . GLU B 2 9  ? 8.504   -1.632  -13.915 1.00 10.53 ? 45  GLU C CG  1 
ATOM   694 C CD  . GLU B 2 9  ? 9.540   -1.044  -14.850 1.00 11.18 ? 45  GLU C CD  1 
ATOM   695 O OE2 . GLU B 2 9  ? 9.655   0.198   -14.938 1.00 13.72 ? 45  GLU C OE2 1 
ATOM   696 N N   . LEU B 2 10 ? 5.272   0.574   -11.760 1.00 7.04  ? 46  LEU C N   1 
ATOM   697 C CA  . LEU B 2 10 ? 3.964   1.121   -11.415 1.00 6.50  ? 46  LEU C CA  1 
ATOM   698 C C   . LEU B 2 10 ? 4.106   2.470   -10.715 1.00 6.23  ? 46  LEU C C   1 
ATOM   699 O O   . LEU B 2 10 ? 3.450   3.440   -11.094 1.00 6.56  ? 46  LEU C O   1 
ATOM   700 C CB  . LEU B 2 10 ? 3.164   0.127   -10.552 1.00 5.35  ? 46  LEU C CB  1 
ATOM   701 C CG  . LEU B 2 10 ? 2.889   -1.276  -11.121 1.00 9.02  ? 46  LEU C CG  1 
ATOM   702 C CD1 . LEU B 2 10 ? 1.938   -2.055  -10.222 1.00 11.24 ? 46  LEU C CD1 1 
ATOM   703 C CD2 . LEU B 2 10 ? 2.334   -1.218  -12.523 1.00 11.76 ? 46  LEU C CD2 1 
ATOM   704 N N   . ARG B 2 11 ? 4.978   2.527   -9.710  1.00 6.28  ? 47  ARG C N   1 
ATOM   705 C CA  . ARG B 2 11 ? 5.267   3.772   -9.001  1.00 5.73  ? 47  ARG C CA  1 
ATOM   706 C C   . ARG B 2 11 ? 5.721   4.898   -9.926  1.00 6.58  ? 47  ARG C C   1 
ATOM   707 O O   . ARG B 2 11 ? 5.184   6.008   -9.862  1.00 7.56  ? 47  ARG C O   1 
ATOM   708 C CB  . ARG B 2 11 ? 6.299   3.535   -7.898  1.00 5.37  ? 47  ARG C CB  1 
ATOM   709 C CG  . ARG B 2 11 ? 5.770   2.671   -6.751  1.00 4.85  ? 47  ARG C CG  1 
ATOM   710 C CD  . ARG B 2 11 ? 6.809   2.460   -5.679  1.00 4.64  ? 47  ARG C CD  1 
ATOM   711 N NE  . ARG B 2 11 ? 7.041   3.687   -4.926  1.00 5.79  ? 47  ARG C NE  1 
ATOM   712 C CZ  . ARG B 2 11 ? 6.419   4.026   -3.796  1.00 7.01  ? 47  ARG C CZ  1 
ATOM   713 N NH1 . ARG B 2 11 ? 6.722   5.180   -3.228  1.00 5.00  ? 47  ARG C NH1 1 
ATOM   714 N NH2 . ARG B 2 11 ? 5.523   3.214   -3.215  1.00 3.36  ? 47  ARG C NH2 1 
ATOM   715 N N   . ALA B 2 12 ? 6.711   4.609   -10.772 1.00 8.10  ? 48  ALA C N   1 
ATOM   716 C CA  . ALA B 2 12 ? 7.221   5.580   -11.740 1.00 8.87  ? 48  ALA C CA  1 
ATOM   717 C C   . ALA B 2 12 ? 6.111   6.090   -12.652 1.00 8.84  ? 48  ALA C C   1 
ATOM   718 O O   . ALA B 2 12 ? 6.005   7.293   -12.880 1.00 9.23  ? 48  ALA C O   1 
ATOM   719 C CB  . ALA B 2 12 ? 8.371   4.995   -12.558 1.00 8.92  ? 48  ALA C CB  1 
ATOM   720 N N   . SER B 2 13 ? 5.276   5.178   -13.151 1.00 9.34  ? 49  SER C N   1 
ATOM   721 C CA  . SER B 2 13 ? 4.139   5.548   -13.989 1.00 10.58 ? 49  SER C CA  1 
ATOM   722 C C   . SER B 2 13 ? 3.203   6.527   -13.276 1.00 10.81 ? 49  SER C C   1 
ATOM   723 O O   . SER B 2 13 ? 2.711   7.484   -13.882 1.00 11.42 ? 49  SER C O   1 
ATOM   724 C CB  . SER B 2 13 ? 3.364   4.298   -14.412 1.00 11.06 ? 49  SER C CB  1 
ATOM   725 O OG  . SER B 2 13 ? 2.358   4.636   -15.345 1.00 12.42 ? 49  SER C OG  1 
ATOM   726 N N   . LEU B 2 14 ? 2.980   6.282   -11.984 1.00 11.50 ? 50  LEU C N   1 
ATOM   727 C CA  . LEU B 2 14 ? 2.101   7.109   -11.148 1.00 11.20 ? 50  LEU C CA  1 
ATOM   728 C C   . LEU B 2 14 ? 2.788   8.375   -10.630 1.00 11.12 ? 50  LEU C C   1 
ATOM   729 O O   . LEU B 2 14 ? 2.158   9.200   -9.961  1.00 10.55 ? 50  LEU C O   1 
ATOM   730 C CB  . LEU B 2 14 ? 1.581   6.292   -9.964  1.00 10.04 ? 50  LEU C CB  1 
ATOM   731 C CG  . LEU B 2 14 ? 0.674   5.097   -10.274 1.00 10.48 ? 50  LEU C CG  1 
ATOM   732 C CD1 . LEU B 2 14 ? 0.514   4.209   -9.044  1.00 8.64  ? 50  LEU C CD1 1 
ATOM   733 C CD2 . LEU B 2 14 ? -0.690  5.531   -10.825 1.00 12.00 ? 50  LEU C CD2 1 
ATOM   734 N N   . GLY B 2 15 ? 4.075   8.513   -10.933 1.00 10.83 ? 51  GLY C N   1 
ATOM   735 C CA  . GLY B 2 15 ? 4.869   9.663   -10.486 1.00 10.48 ? 51  GLY C CA  1 
ATOM   736 C C   . GLY B 2 15 ? 5.256   9.628   -9.016  1.00 11.30 ? 51  GLY C C   1 
ATOM   737 O O   . GLY B 2 15 ? 5.546   10.668  -8.429  1.00 10.48 ? 51  GLY C O   1 
ATOM   738 N N   . LEU B 2 16 ? 5.275   8.439   -8.414  1.00 10.53 ? 52  LEU C N   1 
ATOM   739 C CA  . LEU B 2 16 ? 5.681   8.298   -7.013  1.00 11.55 ? 52  LEU C CA  1 
ATOM   740 C C   . LEU B 2 16 ? 7.188   8.086   -6.896  1.00 12.89 ? 52  LEU C C   1 
ATOM   741 O O   . LEU B 2 16 ? 7.827   7.609   -7.842  1.00 13.86 ? 52  LEU C O   1 
ATOM   742 C CB  . LEU B 2 16 ? 4.963   7.115   -6.350  1.00 10.59 ? 52  LEU C CB  1 
ATOM   743 C CG  . LEU B 2 16 ? 3.452   6.936   -6.528  1.00 10.30 ? 52  LEU C CG  1 
ATOM   744 C CD1 . LEU B 2 16 ? 2.997   5.636   -5.872  1.00 2.55  ? 52  LEU C CD1 1 
ATOM   745 C CD2 . LEU B 2 16 ? 2.677   8.123   -5.981  1.00 13.29 ? 52  LEU C CD2 1 
ATOM   746 N N   . LYS B 2 17 ? 7.743   8.416   -5.728  1.00 13.85 ? 53  LYS C N   1 
ATOM   747 C CA  . LYS B 2 17 ? 9.153   8.158   -5.424  1.00 14.59 ? 53  LYS C CA  1 
ATOM   748 C C   . LYS B 2 17 ? 9.452   6.664   -5.514  1.00 15.45 ? 53  LYS C C   1 
ATOM   749 O O   . LYS B 2 17 ? 8.649   5.841   -5.087  1.00 16.03 ? 53  LYS C O   1 
ATOM   750 C CB  . LYS B 2 17 ? 9.502   8.667   -4.018  1.00 15.66 ? 53  LYS C CB  1 
ATOM   751 N N   . LEU B 2 18 ? 10.608  6.310   -6.065  1.00 15.01 ? 54  LEU C N   1 
ATOM   752 C CA  . LEU B 2 18 ? 10.946  4.903   -6.231  1.00 14.97 ? 54  LEU C CA  1 
ATOM   753 C C   . LEU B 2 18 ? 11.349  4.248   -4.917  1.00 15.77 ? 54  LEU C C   1 
ATOM   754 O O   . LEU B 2 18 ? 11.884  4.905   -4.016  1.00 14.91 ? 54  LEU C O   1 
ATOM   755 C CB  . LEU B 2 18 ? 12.054  4.730   -7.275  1.00 15.61 ? 54  LEU C CB  1 
ATOM   756 C CG  . LEU B 2 18 ? 11.828  5.390   -8.639  1.00 16.85 ? 54  LEU C CG  1 
ATOM   757 C CD1 . LEU B 2 18 ? 13.119  5.415   -9.445  1.00 18.54 ? 54  LEU C CD1 1 
ATOM   758 C CD2 . LEU B 2 18 ? 10.695  4.716   -9.421  1.00 18.80 ? 54  LEU C CD2 1 
ATOM   759 N N   . ILE B 2 19 ? 11.074  2.953   -4.810  1.00 15.47 ? 55  ILE C N   1 
ATOM   760 C CA  . ILE B 2 19 ? 11.597  2.150   -3.720  1.00 17.07 ? 55  ILE C CA  1 
ATOM   761 C C   . ILE B 2 19 ? 13.084  1.859   -3.978  1.00 19.75 ? 55  ILE C C   1 
ATOM   762 O O   . ILE B 2 19 ? 13.433  1.271   -5.012  1.00 19.31 ? 55  ILE C O   1 
ATOM   763 C CB  . ILE B 2 19 ? 10.821  0.823   -3.570  1.00 15.89 ? 55  ILE C CB  1 
ATOM   764 C CG1 . ILE B 2 19 ? 9.318   1.084   -3.374  1.00 15.64 ? 55  ILE C CG1 1 
ATOM   765 C CG2 . ILE B 2 19 ? 11.372  0.022   -2.414  1.00 14.55 ? 55  ILE C CG2 1 
ATOM   766 C CD1 . ILE B 2 19 ? 8.451   -0.174  -3.452  1.00 17.04 ? 55  ILE C CD1 1 
ATOM   767 N N   . PRO B 2 20 ? 13.964  2.272   -3.038  1.00 21.95 ? 56  PRO C N   1 
ATOM   768 C CA  . PRO B 2 20 ? 15.405  1.987   -3.092  1.00 23.30 ? 56  PRO C CA  1 
ATOM   769 C C   . PRO B 2 20 ? 15.713  0.501   -3.298  1.00 25.07 ? 56  PRO C C   1 
ATOM   770 O O   . PRO B 2 20 ? 14.950  -0.344  -2.828  1.00 25.14 ? 56  PRO C O   1 
ATOM   771 C CB  . PRO B 2 20 ? 15.895  2.443   -1.713  1.00 23.16 ? 56  PRO C CB  1 
ATOM   772 C CG  . PRO B 2 20 ? 14.963  3.532   -1.346  1.00 22.22 ? 56  PRO C CG  1 
ATOM   773 C CD  . PRO B 2 20 ? 13.620  3.069   -1.845  1.00 21.71 ? 56  PRO C CD  1 
ATOM   774 N N   . PRO B 2 21 ? 16.815  0.182   -4.015  1.00 26.77 ? 57  PRO C N   1 
ATOM   775 C CA  . PRO B 2 21 ? 17.231  -1.200  -4.296  1.00 27.80 ? 57  PRO C CA  1 
ATOM   776 C C   . PRO B 2 21 ? 17.397  -2.068  -3.046  1.00 28.60 ? 57  PRO C C   1 
ATOM   777 O O   . PRO B 2 21 ? 18.159  -1.717  -2.142  1.00 30.13 ? 57  PRO C O   1 
ATOM   778 C CB  . PRO B 2 21 ? 18.589  -1.029  -4.995  1.00 27.84 ? 57  PRO C CB  1 
ATOM   779 C CG  . PRO B 2 21 ? 19.015  0.383   -4.710  1.00 27.67 ? 57  PRO C CG  1 
ATOM   780 C CD  . PRO B 2 21 ? 17.740  1.153   -4.630  1.00 27.43 ? 57  PRO C CD  1 
HETATM 781 O O   . HOH C 3 .  ? -1.028  -12.676 -7.075  1.00 33.23 ? 74  HOH A O   1 
HETATM 782 O O   . HOH C 3 .  ? -12.535 13.050  12.020  1.00 23.21 ? 75  HOH A O   1 
HETATM 783 O O   . HOH C 3 .  ? 20.388  9.524   -0.308  1.00 33.14 ? 76  HOH A O   1 
HETATM 784 O O   . HOH C 3 .  ? -2.883  -12.919 9.285   1.00 26.91 ? 78  HOH A O   1 
HETATM 785 O O   . HOH C 3 .  ? 0.098   10.342  -6.479  1.00 38.03 ? 79  HOH A O   1 
HETATM 786 O O   . HOH C 3 .  ? 22.228  6.497   0.687   1.00 17.95 ? 80  HOH A O   1 
HETATM 787 O O   . HOH C 3 .  ? 0.971   -14.019 -6.073  1.00 27.41 ? 101 HOH A O   1 
HETATM 788 O O   . HOH C 3 .  ? -11.303 6.983   4.703   1.00 28.02 ? 102 HOH A O   1 
HETATM 789 O O   . HOH C 3 .  ? -15.334 0.056   6.960   1.00 27.96 ? 103 HOH A O   1 
HETATM 790 O O   . HOH C 3 .  ? 23.458  3.156   5.218   1.00 29.15 ? 104 HOH A O   1 
HETATM 791 O O   . HOH C 3 .  ? 10.890  9.277   4.307   1.00 27.44 ? 105 HOH A O   1 
HETATM 792 O O   . HOH C 3 .  ? -4.167  -16.211 0.081   1.00 2.00  ? 106 HOH A O   1 
HETATM 793 O O   . HOH C 3 .  ? -1.595  -12.210 -4.510  1.00 30.64 ? 107 HOH A O   1 
HETATM 794 O O   . HOH C 3 .  ? 6.508   -11.427 -1.235  1.00 31.78 ? 108 HOH A O   1 
HETATM 795 O O   . HOH C 3 .  ? 0.861   -11.339 -2.914  1.00 28.22 ? 109 HOH A O   1 
HETATM 796 O O   . HOH C 3 .  ? 4.453   5.930   14.050  1.00 47.37 ? 110 HOH A O   1 
HETATM 797 O O   . HOH C 3 .  ? 1.999   12.472  4.611   1.00 21.67 ? 111 HOH A O   1 
HETATM 798 O O   . HOH C 3 .  ? -12.164 3.523   15.063  1.00 27.63 ? 112 HOH A O   1 
HETATM 799 O O   . HOH C 3 .  ? -11.726 6.400   -11.104 1.00 32.70 ? 113 HOH A O   1 
HETATM 800 O O   . HOH C 3 .  ? 7.669   -10.876 -3.412  1.00 30.90 ? 114 HOH A O   1 
HETATM 801 O O   . HOH C 3 .  ? 5.599   10.527  0.216   1.00 28.54 ? 115 HOH A O   1 
HETATM 802 O O   . HOH C 3 .  ? 5.792   11.419  10.330  1.00 28.24 ? 116 HOH A O   1 
HETATM 803 O O   . HOH C 3 .  ? 19.899  2.211   3.570   1.00 33.84 ? 117 HOH A O   1 
HETATM 804 O O   . HOH C 3 .  ? -3.023  8.345   -10.814 1.00 29.78 ? 118 HOH A O   1 
HETATM 805 O O   . HOH C 3 .  ? -13.584 -9.554  -1.210  1.00 2.00  ? 119 HOH A O   1 
HETATM 806 O O   . HOH C 3 .  ? -12.625 -17.964 0.415   1.00 2.76  ? 120 HOH A O   1 
HETATM 807 O O   . HOH C 3 .  ? -1.222  13.045  0.979   1.00 23.50 ? 121 HOH A O   1 
HETATM 808 O O   . HOH C 3 .  ? -18.539 1.374   -6.052  1.00 26.58 ? 122 HOH A O   1 
HETATM 809 O O   . HOH C 3 .  ? 9.497   2.835   4.884   1.00 5.35  ? 123 HOH A O   1 
HETATM 810 O O   . HOH C 3 .  ? 1.867   11.821  0.513   1.00 34.94 ? 124 HOH A O   1 
HETATM 811 O O   . HOH C 3 .  ? 8.544   3.839   7.923   1.00 23.54 ? 125 HOH A O   1 
HETATM 812 O O   . HOH C 3 .  ? 3.953   -16.294 4.208   1.00 36.96 ? 126 HOH A O   1 
HETATM 813 O O   . HOH C 3 .  ? 4.043   -4.616  -4.723  1.00 3.94  ? 127 HOH A O   1 
HETATM 814 O O   . HOH C 3 .  ? 10.153  8.081   17.107  1.00 31.23 ? 128 HOH A O   1 
HETATM 815 O O   . HOH C 3 .  ? -2.961  -5.122  11.407  1.00 28.03 ? 129 HOH A O   1 
HETATM 816 O O   . HOH C 3 .  ? 11.623  10.013  11.936  1.00 37.43 ? 130 HOH A O   1 
HETATM 817 O O   . HOH C 3 .  ? -13.513 11.741  8.579   1.00 35.92 ? 131 HOH A O   1 
HETATM 818 O O   . HOH C 3 .  ? -1.262  8.509   -13.016 1.00 34.32 ? 132 HOH A O   1 
HETATM 819 O O   . HOH C 3 .  ? 6.247   2.557   8.342   1.00 11.26 ? 133 HOH A O   1 
HETATM 820 O O   . HOH C 3 .  ? 3.509   -16.702 -3.786  1.00 41.61 ? 134 HOH A O   1 
HETATM 821 O O   . HOH C 3 .  ? -10.437 6.194   -8.321  1.00 7.33  ? 135 HOH A O   1 
HETATM 822 O O   . HOH C 3 .  ? 2.165   2.695   -2.666  1.00 4.96  ? 136 HOH A O   1 
HETATM 823 O O   . HOH C 3 .  ? 6.434   3.558   22.970  1.00 24.68 ? 137 HOH A O   1 
HETATM 824 O O   . HOH C 3 .  ? -4.242  -13.435 -3.560  1.00 25.62 ? 138 HOH A O   1 
HETATM 825 O O   . HOH C 3 .  ? -12.981 10.562  6.377   1.00 30.86 ? 139 HOH A O   1 
HETATM 826 O O   . HOH C 3 .  ? -10.943 6.929   9.632   1.00 25.25 ? 140 HOH A O   1 
HETATM 827 O O   . HOH C 3 .  ? 5.174   8.187   12.715  1.00 41.04 ? 141 HOH A O   1 
HETATM 828 O O   . HOH C 3 .  ? 3.948   7.990   18.128  1.00 28.70 ? 142 HOH A O   1 
HETATM 829 O O   . HOH C 3 .  ? -0.776  -14.354 9.009   1.00 30.66 ? 143 HOH A O   1 
HETATM 830 O O   . HOH C 3 .  ? -10.913 -5.718  12.815  1.00 22.09 ? 144 HOH A O   1 
HETATM 831 O O   . HOH C 3 .  ? 3.959   13.435  -1.720  1.00 29.90 ? 145 HOH A O   1 
HETATM 832 O O   . HOH C 3 .  ? -12.992 7.966   -3.035  1.00 39.57 ? 146 HOH A O   1 
HETATM 833 O O   . HOH C 3 .  ? 3.783   16.547  -2.221  1.00 31.79 ? 147 HOH A O   1 
HETATM 834 O O   . HOH C 3 .  ? -7.173  -9.669  8.303   1.00 31.04 ? 148 HOH A O   1 
HETATM 835 O O   . HOH C 3 .  ? -20.796 0.098   -5.629  1.00 29.21 ? 149 HOH A O   1 
HETATM 836 O O   . HOH C 3 .  ? -13.719 1.807   13.792  1.00 28.11 ? 150 HOH A O   1 
HETATM 837 O O   . HOH C 3 .  ? -6.801  15.417  1.782   1.00 41.97 ? 151 HOH A O   1 
HETATM 838 O O   . HOH C 3 .  ? -5.447  13.537  0.398   1.00 30.81 ? 152 HOH A O   1 
HETATM 839 O O   . HOH C 3 .  ? 6.031   2.840   14.981  1.00 43.99 ? 153 HOH A O   1 
HETATM 840 O O   . HOH C 3 .  ? -10.886 10.846  4.425   1.00 28.90 ? 154 HOH A O   1 
HETATM 841 O O   . HOH C 3 .  ? 0.433   11.689  7.591   1.00 11.08 ? 155 HOH A O   1 
HETATM 842 O O   . HOH C 3 .  ? -5.287  -8.089  11.167  1.00 28.43 ? 156 HOH A O   1 
HETATM 843 O O   . HOH C 3 .  ? -3.058  10.138  -4.007  1.00 33.41 ? 157 HOH A O   1 
HETATM 844 O O   . HOH C 3 .  ? 12.309  10.606  16.997  1.00 35.84 ? 158 HOH A O   1 
HETATM 845 O O   . HOH C 3 .  ? -9.878  -4.011  10.495  1.00 20.90 ? 159 HOH A O   1 
HETATM 846 O O   . HOH C 3 .  ? -11.308 -9.352  -3.272  1.00 9.96  ? 160 HOH A O   1 
HETATM 847 O O   . HOH C 3 .  ? -4.891  -5.439  13.659  1.00 33.65 ? 161 HOH A O   1 
HETATM 848 O O   . HOH C 3 .  ? -2.046  -11.245 -10.474 1.00 28.30 ? 162 HOH A O   1 
HETATM 849 O O   . HOH C 3 .  ? 7.781   -6.290  10.678  1.00 12.17 ? 163 HOH A O   1 
HETATM 850 O O   . HOH C 3 .  ? 0.985   -4.021  12.410  1.00 7.92  ? 164 HOH A O   1 
HETATM 851 O O   . HOH C 3 .  ? -11.367 14.950  10.451  1.00 11.22 ? 165 HOH A O   1 
HETATM 852 O O   . HOH C 3 .  ? 8.668   -1.903  9.090   1.00 9.50  ? 166 HOH A O   1 
HETATM 853 O O   . HOH C 3 .  ? -10.750 -12.998 -3.671  1.00 13.36 ? 167 HOH A O   1 
HETATM 854 O O   . HOH C 3 .  ? 14.547  -0.414  0.859   1.00 15.40 ? 168 HOH A O   1 
HETATM 855 O O   . HOH C 3 .  ? -16.670 -1.206  -4.935  1.00 11.48 ? 169 HOH A O   1 
HETATM 856 O O   . HOH C 3 .  ? 11.872  3.028   7.142   1.00 7.02  ? 170 HOH A O   1 
HETATM 857 O O   . HOH C 3 .  ? -9.695  3.627   3.385   1.00 12.05 ? 171 HOH A O   1 
HETATM 858 O O   . HOH C 3 .  ? 25.146  8.216   3.692   1.00 20.87 ? 172 HOH A O   1 
HETATM 859 O O   . HOH C 3 .  ? 1.712   -1.651  13.790  1.00 12.40 ? 173 HOH A O   1 
HETATM 860 O O   . HOH C 3 .  ? 1.793   -10.451 8.269   1.00 15.12 ? 174 HOH A O   1 
HETATM 861 O O   . HOH C 3 .  ? -10.512 -6.003  -7.206  1.00 10.92 ? 175 HOH A O   1 
HETATM 862 O O   . HOH C 3 .  ? 9.625   -7.316  3.305   1.00 16.84 ? 176 HOH A O   1 
HETATM 863 O O   . HOH C 3 .  ? -10.155 8.868   2.908   1.00 16.41 ? 177 HOH A O   1 
HETATM 864 O O   . HOH C 3 .  ? 2.445   9.514   -0.921  1.00 18.33 ? 178 HOH A O   1 
HETATM 865 O O   . HOH C 3 .  ? -8.150  11.910  3.997   1.00 15.77 ? 179 HOH A O   1 
HETATM 866 O O   . HOH C 3 .  ? -4.620  3.102   -9.467  1.00 17.15 ? 180 HOH A O   1 
HETATM 867 O O   . HOH C 3 .  ? 5.253   3.945   11.970  1.00 20.90 ? 181 HOH A O   1 
HETATM 868 O O   . HOH C 3 .  ? 11.906  11.567  14.368  1.00 10.16 ? 182 HOH A O   1 
HETATM 869 O O   . HOH C 3 .  ? -16.308 -2.761  -7.100  1.00 15.22 ? 183 HOH A O   1 
HETATM 870 O O   . HOH C 3 .  ? -16.312 -5.748  0.744   1.00 17.26 ? 184 HOH A O   1 
HETATM 871 O O   . HOH C 3 .  ? 11.147  -2.660  8.146   1.00 17.82 ? 185 HOH A O   1 
HETATM 872 O O   . HOH C 3 .  ? 0.703   8.612   14.335  1.00 20.83 ? 186 HOH A O   1 
HETATM 873 O O   . HOH C 3 .  ? -8.596  6.973   -2.989  1.00 20.23 ? 187 HOH A O   1 
HETATM 874 O O   . HOH C 3 .  ? -9.521  -19.854 -0.785  1.00 16.98 ? 188 HOH A O   1 
HETATM 875 O O   . HOH C 3 .  ? -11.142 -15.608 -3.756  1.00 18.43 ? 189 HOH A O   1 
HETATM 876 O O   . HOH C 3 .  ? 2.291   12.313  12.459  1.00 16.68 ? 190 HOH A O   1 
HETATM 877 O O   . HOH C 3 .  ? -4.558  6.040   -10.018 1.00 12.53 ? 191 HOH A O   1 
HETATM 878 O O   . HOH C 3 .  ? -6.545  -12.920 5.080   1.00 20.15 ? 192 HOH A O   1 
HETATM 879 O O   . HOH C 3 .  ? -13.877 -3.109  -8.243  1.00 15.28 ? 193 HOH A O   1 
HETATM 880 O O   . HOH C 3 .  ? 0.572   -12.072 6.490   1.00 18.54 ? 194 HOH A O   1 
HETATM 881 O O   . HOH C 3 .  ? 13.715  -2.437  3.427   1.00 20.54 ? 195 HOH A O   1 
HETATM 882 O O   . HOH C 3 .  ? -10.877 5.103   -1.484  1.00 15.01 ? 196 HOH A O   1 
HETATM 883 O O   . HOH C 3 .  ? -19.197 -4.381  -4.023  1.00 23.46 ? 197 HOH A O   1 
HETATM 884 O O   . HOH C 3 .  ? -22.217 -1.372  -3.548  1.00 22.29 ? 198 HOH A O   1 
HETATM 885 O O   . HOH C 3 .  ? -1.208  5.238   14.683  1.00 24.31 ? 199 HOH A O   1 
HETATM 886 O O   . HOH C 3 .  ? -6.115  7.047   -4.107  1.00 14.83 ? 200 HOH A O   1 
HETATM 887 O O   . HOH C 3 .  ? 5.131   8.658   -1.380  1.00 15.28 ? 201 HOH A O   1 
HETATM 888 O O   . HOH C 3 .  ? 0.597   -13.805 1.279   1.00 26.65 ? 203 HOH A O   1 
HETATM 889 O O   . HOH C 3 .  ? 10.066  -6.794  9.267   1.00 17.77 ? 204 HOH A O   1 
HETATM 890 O O   . HOH C 3 .  ? -12.565 -3.815  -11.922 1.00 27.22 ? 205 HOH A O   1 
HETATM 891 O O   . HOH C 3 .  ? 4.525   10.802  7.602   1.00 19.43 ? 206 HOH A O   1 
HETATM 892 O O   . HOH C 3 .  ? -10.662 8.012   -4.386  1.00 18.51 ? 207 HOH A O   1 
HETATM 893 O O   . HOH C 3 .  ? -4.350  -2.944  14.588  1.00 15.95 ? 208 HOH A O   1 
HETATM 894 O O   . HOH C 3 .  ? -2.830  11.078  -1.180  1.00 27.42 ? 209 HOH A O   1 
HETATM 895 O O   . HOH C 3 .  ? 4.767   11.292  3.845   1.00 21.41 ? 210 HOH A O   1 
HETATM 896 O O   . HOH C 3 .  ? -14.269 -1.763  -10.594 1.00 22.48 ? 211 HOH A O   1 
HETATM 897 O O   . HOH C 3 .  ? -20.207 -2.626  -5.810  1.00 36.04 ? 212 HOH A O   1 
HETATM 898 O O   . HOH C 3 .  ? 20.714  4.643   4.912   1.00 27.03 ? 213 HOH A O   1 
HETATM 899 O O   . HOH C 3 .  ? -0.756  -8.478  -9.481  1.00 28.35 ? 214 HOH A O   1 
HETATM 900 O O   . HOH C 3 .  ? -6.909  7.921   -6.757  1.00 22.63 ? 215 HOH A O   1 
HETATM 901 O O   . HOH C 3 .  ? -12.944 -5.788  -8.552  1.00 23.65 ? 216 HOH A O   1 
HETATM 902 O O   . HOH C 3 .  ? -17.480 -5.367  -5.613  1.00 23.02 ? 217 HOH A O   1 
HETATM 903 O O   . HOH C 3 .  ? 5.186   1.523   16.852  1.00 27.00 ? 218 HOH A O   1 
HETATM 904 O O   . HOH C 3 .  ? -4.168  -10.567 10.242  1.00 22.24 ? 219 HOH A O   1 
HETATM 905 O O   . HOH C 3 .  ? 2.402   6.792   15.531  1.00 34.74 ? 220 HOH A O   1 
HETATM 906 O O   . HOH C 3 .  ? 11.606  -0.912  6.233   1.00 32.76 ? 221 HOH A O   1 
HETATM 907 O O   . HOH C 3 .  ? 11.523  8.708   -1.322  1.00 31.12 ? 222 HOH A O   1 
HETATM 908 O O   . HOH C 3 .  ? -1.525  18.582  1.897   1.00 29.23 ? 223 HOH A O   1 
HETATM 909 O O   . HOH C 3 .  ? 4.672   -12.175 7.481   1.00 15.12 ? 224 HOH A O   1 
HETATM 910 O O   . HOH C 3 .  ? 10.063  -9.125  6.480   1.00 20.44 ? 225 HOH A O   1 
HETATM 911 O O   . HOH C 3 .  ? -12.763 4.012   11.737  1.00 17.50 ? 226 HOH A O   1 
HETATM 912 O O   . HOH C 3 .  ? -13.658 4.951   -11.582 1.00 19.79 ? 227 HOH A O   1 
HETATM 913 O O   . HOH C 3 .  ? 9.133   9.952   6.932   1.00 28.31 ? 228 HOH A O   1 
HETATM 914 O O   . HOH C 3 .  ? -13.092 -17.786 -2.620  1.00 24.24 ? 229 HOH A O   1 
HETATM 915 O O   . HOH D 3 .  ? 4.065   1.023   -3.890  1.00 4.67  ? 4   HOH C O   1 
HETATM 916 O O   . HOH D 3 .  ? 12.540  8.269   -6.893  1.00 19.09 ? 26  HOH C O   1 
HETATM 917 O O   . HOH D 3 .  ? 12.006  -0.899  -11.945 1.00 19.81 ? 32  HOH C O   1 
HETATM 918 O O   . HOH D 3 .  ? 13.777  -0.908  -9.454  1.00 15.01 ? 58  HOH C O   1 
HETATM 919 O O   . HOH D 3 .  ? 5.908   9.864   -3.929  1.00 14.81 ? 59  HOH C O   1 
HETATM 920 O O   . HOH D 3 .  ? 9.059   8.263   -9.914  1.00 18.36 ? 60  HOH C O   1 
HETATM 921 O O   . HOH D 3 .  ? 4.603   -3.567  -13.612 1.00 23.17 ? 61  HOH C O   1 
HETATM 922 O O   . HOH D 3 .  ? 4.330   -7.191  -4.072  1.00 11.42 ? 62  HOH C O   1 
HETATM 923 O O   . HOH D 3 .  ? -2.369  -10.362 -7.185  1.00 37.65 ? 63  HOH C O   1 
HETATM 924 O O   . HOH D 3 .  ? -0.434  9.382   -9.250  1.00 26.83 ? 64  HOH C O   1 
HETATM 925 O O   . HOH D 3 .  ? 15.116  2.479   -6.734  1.00 22.45 ? 72  HOH C O   1 
HETATM 926 O O   . HOH D 3 .  ? 0.109   5.503   -15.723 1.00 22.96 ? 86  HOH C O   1 
HETATM 927 O O   . HOH D 3 .  ? 7.842   9.015   -12.486 1.00 28.20 ? 95  HOH C O   1 
HETATM 928 O O   . HOH D 3 .  ? 12.030  -8.180  -5.239  1.00 28.70 ? 98  HOH C O   1 
HETATM 929 O O   . HOH D 3 .  ? 8.646   11.436  -7.805  1.00 32.27 ? 106 HOH C O   1 
HETATM 930 O O   . HOH D 3 .  ? -0.253  8.675   -16.405 1.00 28.41 ? 109 HOH C O   1 
HETATM 931 O O   . HOH D 3 .  ? 4.958   -11.154 -4.019  1.00 41.53 ? 119 HOH C O   1 
HETATM 932 O O   . HOH D 3 .  ? 11.125  -8.392  -11.653 1.00 22.95 ? 127 HOH C O   1 
HETATM 933 O O   . HOH D 3 .  ? 3.009   -5.591  -12.953 0.50 24.19 ? 133 HOH C O   1 
HETATM 934 O O   . HOH D 3 .  ? 14.621  6.269   -4.707  1.00 31.48 ? 135 HOH C O   1 
HETATM 935 O O   . HOH D 3 .  ? 18.925  1.410   -0.077  1.00 45.77 ? 155 HOH C O   1 
HETATM 936 O O   . HOH D 3 .  ? 5.230   8.636   -15.355 1.00 18.42 ? 162 HOH C O   1 
HETATM 937 O O   . HOH D 3 .  ? 1.811   9.960   -13.627 1.00 33.72 ? 202 HOH C O   1 
# 
loop_
_pdbx_poly_seq_scheme.asym_id 
_pdbx_poly_seq_scheme.entity_id 
_pdbx_poly_seq_scheme.seq_id 
_pdbx_poly_seq_scheme.mon_id 
_pdbx_poly_seq_scheme.ndb_seq_num 
_pdbx_poly_seq_scheme.pdb_seq_num 
_pdbx_poly_seq_scheme.auth_seq_num 
_pdbx_poly_seq_scheme.pdb_mon_id 
_pdbx_poly_seq_scheme.auth_mon_id 
_pdbx_poly_seq_scheme.pdb_strand_id 
_pdbx_poly_seq_scheme.pdb_ins_code 
_pdbx_poly_seq_scheme.hetero 
A 1 1  MET 1  81  ?   ?   ?   A . n 
A 1 2  GLY 2  82  ?   ?   ?   A . n 
A 1 3  SER 3  83  ?   ?   ?   A . n 
A 1 4  SER 4  84  ?   ?   ?   A . n 
A 1 5  HIS 5  85  ?   ?   ?   A . n 
A 1 6  HIS 6  86  ?   ?   ?   A . n 
A 1 7  HIS 7  87  ?   ?   ?   A . n 
A 1 8  HIS 8  88  ?   ?   ?   A . n 
A 1 9  HIS 9  89  ?   ?   ?   A . n 
A 1 10 HIS 10 90  ?   ?   ?   A . n 
A 1 11 SER 11 91  ?   ?   ?   A . n 
A 1 12 SER 12 92  ?   ?   ?   A . n 
A 1 13 GLY 13 93  ?   ?   ?   A . n 
A 1 14 LEU 14 94  94  LEU LEU A . n 
A 1 15 VAL 15 95  95  VAL VAL A . n 
A 1 16 PRO 16 96  96  PRO PRO A . n 
A 1 17 ARG 17 97  97  ARG ARG A . n 
A 1 18 GLY 18 98  98  GLY GLY A . n 
A 1 19 SER 19 99  99  SER SER A . n 
A 1 20 HIS 20 100 100 HIS HIS A . n 
A 1 21 MET 21 1   1   MET MET A . n 
A 1 22 ILE 22 2   2   ILE ILE A . n 
A 1 23 GLU 23 3   3   GLU GLU A . n 
A 1 24 VAL 24 4   4   VAL VAL A . n 
A 1 25 VAL 25 5   5   VAL VAL A . n 
A 1 26 VAL 26 6   6   VAL VAL A . n 
A 1 27 ASN 27 7   7   ASN ASN A . n 
A 1 28 ASP 28 8   8   ASP ASP A . n 
A 1 29 ARG 29 9   9   ARG ARG A . n 
A 1 30 LEU 30 10  10  LEU LEU A . n 
A 1 31 GLY 31 11  11  GLY GLY A . n 
A 1 32 LYS 32 12  12  LYS LYS A . n 
A 1 33 LYS 33 13  13  LYS LYS A . n 
A 1 34 VAL 34 14  14  VAL VAL A . n 
A 1 35 ARG 35 15  15  ARG ARG A . n 
A 1 36 VAL 36 16  16  VAL VAL A . n 
A 1 37 LYS 37 17  17  LYS LYS A . n 
A 1 38 CYS 38 18  18  CYS CYS A . n 
A 1 39 LEU 39 19  19  LEU LEU A . n 
A 1 40 GLY 40 20  20  GLY GLY A . n 
A 1 41 GLU 41 21  21  GLU GLU A . n 
A 1 42 ASP 42 22  22  ASP ASP A . n 
A 1 43 SER 43 23  23  SER SER A . n 
A 1 44 VAL 44 24  24  VAL VAL A . n 
A 1 45 GLY 45 25  25  GLY GLY A . n 
A 1 46 ASP 46 26  26  ASP ASP A . n 
A 1 47 PHE 47 27  27  PHE PHE A . n 
A 1 48 LYS 48 28  28  LYS LYS A . n 
A 1 49 LYS 49 29  29  LYS LYS A . n 
A 1 50 VAL 50 30  30  VAL VAL A . n 
A 1 51 LEU 51 31  31  LEU LEU A . n 
A 1 52 SER 52 32  32  SER SER A . n 
A 1 53 LEU 53 33  33  LEU LEU A . n 
A 1 54 GLN 54 34  34  GLN GLN A . n 
A 1 55 ILE 55 35  35  ILE ILE A . n 
A 1 56 GLY 56 36  36  GLY GLY A . n 
A 1 57 THR 57 37  37  THR THR A . n 
A 1 58 GLN 58 38  38  GLN GLN A . n 
A 1 59 PRO 59 39  39  PRO PRO A . n 
A 1 60 ASN 60 40  40  ASN ASN A . n 
A 1 61 LYS 61 41  41  LYS LYS A . n 
A 1 62 ILE 62 42  42  ILE ILE A . n 
A 1 63 VAL 63 43  43  VAL VAL A . n 
A 1 64 LEU 64 44  44  LEU LEU A . n 
A 1 65 GLN 65 45  45  GLN GLN A . n 
A 1 66 LYS 66 46  46  LYS LYS A . n 
A 1 67 GLY 67 47  47  GLY GLY A . n 
A 1 68 GLY 68 48  48  GLY GLY A . n 
A 1 69 SER 69 49  49  SER SER A . n 
A 1 70 VAL 70 50  50  VAL VAL A . n 
A 1 71 LEU 71 51  51  LEU LEU A . n 
A 1 72 LYS 72 52  52  LYS LYS A . n 
A 1 73 ASP 73 53  53  ASP ASP A . n 
A 1 74 HIS 74 54  54  HIS HIS A . n 
A 1 75 ILE 75 55  55  ILE ILE A . n 
A 1 76 SER 76 56  56  SER SER A . n 
A 1 77 LEU 77 57  57  LEU LEU A . n 
A 1 78 GLU 78 58  58  GLU GLU A . n 
A 1 79 ASP 79 59  59  ASP ASP A . n 
A 1 80 TYR 80 60  60  TYR TYR A . n 
A 1 81 GLU 81 61  61  GLU GLU A . n 
A 1 82 VAL 82 62  62  VAL VAL A . n 
A 1 83 HIS 83 63  63  HIS HIS A . n 
A 1 84 ASP 84 64  64  ASP ASP A . n 
A 1 85 GLN 85 65  65  GLN GLN A . n 
A 1 86 THR 86 66  66  THR THR A . n 
A 1 87 ASN 87 67  67  ASN ASN A . n 
A 1 88 LEU 88 68  68  LEU LEU A . n 
A 1 89 GLU 89 69  69  GLU GLU A . n 
A 1 90 LEU 90 70  70  LEU LEU A . n 
A 1 91 TYR 91 71  71  TYR TYR A . n 
A 1 92 TYR 92 72  72  TYR TYR A . n 
A 1 93 LEU 93 73  73  LEU LEU A . n 
B 2 1  SER 1  37  37  SER SER C . n 
B 2 2  LEU 2  38  38  LEU LEU C . n 
B 2 3  SER 3  39  39  SER SER C . n 
B 2 4  ILE 4  40  40  ILE ILE C . n 
B 2 5  GLU 5  41  41  GLU GLU C . n 
B 2 6  GLU 6  42  42  GLU GLU C . n 
B 2 7  THR 7  43  43  THR THR C . n 
B 2 8  ASN 8  44  44  ASN ASN C . n 
B 2 9  GLU 9  45  45  GLU GLU C . n 
B 2 10 LEU 10 46  46  LEU LEU C . n 
B 2 11 ARG 11 47  47  ARG ARG C . n 
B 2 12 ALA 12 48  48  ALA ALA C . n 
B 2 13 SER 13 49  49  SER SER C . n 
B 2 14 LEU 14 50  50  LEU LEU C . n 
B 2 15 GLY 15 51  51  GLY GLY C . n 
B 2 16 LEU 16 52  52  LEU LEU C . n 
B 2 17 LYS 17 53  53  LYS LYS C . n 
B 2 18 LEU 18 54  54  LEU LEU C . n 
B 2 19 ILE 19 55  55  ILE ILE C . n 
B 2 20 PRO 20 56  56  PRO PRO C . n 
B 2 21 PRO 21 57  57  PRO PRO C . n 
# 
loop_
_pdbx_nonpoly_scheme.asym_id 
_pdbx_nonpoly_scheme.entity_id 
_pdbx_nonpoly_scheme.mon_id 
_pdbx_nonpoly_scheme.ndb_seq_num 
_pdbx_nonpoly_scheme.pdb_seq_num 
_pdbx_nonpoly_scheme.auth_seq_num 
_pdbx_nonpoly_scheme.pdb_mon_id 
_pdbx_nonpoly_scheme.auth_mon_id 
_pdbx_nonpoly_scheme.pdb_strand_id 
_pdbx_nonpoly_scheme.pdb_ins_code 
C 3 HOH 1   74  74  HOH HOH A . 
C 3 HOH 2   75  75  HOH HOH A . 
C 3 HOH 3   76  76  HOH HOH A . 
C 3 HOH 4   78  78  HOH HOH A . 
C 3 HOH 5   79  79  HOH HOH A . 
C 3 HOH 6   80  80  HOH HOH A . 
C 3 HOH 7   101 101 HOH HOH A . 
C 3 HOH 8   102 102 HOH HOH A . 
C 3 HOH 9   103 103 HOH HOH A . 
C 3 HOH 10  104 104 HOH HOH A . 
C 3 HOH 11  105 105 HOH HOH A . 
C 3 HOH 12  106 1   HOH HOH A . 
C 3 HOH 13  107 107 HOH HOH A . 
C 3 HOH 14  108 108 HOH HOH A . 
C 3 HOH 15  109 1   HOH HOH A . 
C 3 HOH 16  110 110 HOH HOH A . 
C 3 HOH 17  111 111 HOH HOH A . 
C 3 HOH 18  112 112 HOH HOH A . 
C 3 HOH 19  113 113 HOH HOH A . 
C 3 HOH 20  114 114 HOH HOH A . 
C 3 HOH 21  115 115 HOH HOH A . 
C 3 HOH 22  116 116 HOH HOH A . 
C 3 HOH 23  117 117 HOH HOH A . 
C 3 HOH 24  118 118 HOH HOH A . 
C 3 HOH 25  119 2   HOH HOH A . 
C 3 HOH 26  120 3   HOH HOH A . 
C 3 HOH 27  121 121 HOH HOH A . 
C 3 HOH 28  122 122 HOH HOH A . 
C 3 HOH 29  123 5   HOH HOH A . 
C 3 HOH 30  124 124 HOH HOH A . 
C 3 HOH 31  125 125 HOH HOH A . 
C 3 HOH 32  126 126 HOH HOH A . 
C 3 HOH 33  127 6   HOH HOH A . 
C 3 HOH 34  128 128 HOH HOH A . 
C 3 HOH 35  129 129 HOH HOH A . 
C 3 HOH 36  130 130 HOH HOH A . 
C 3 HOH 37  131 131 HOH HOH A . 
C 3 HOH 38  132 132 HOH HOH A . 
C 3 HOH 39  133 7   HOH HOH A . 
C 3 HOH 40  134 134 HOH HOH A . 
C 3 HOH 41  135 8   HOH HOH A . 
C 3 HOH 42  136 9   HOH HOH A . 
C 3 HOH 43  137 137 HOH HOH A . 
C 3 HOH 44  138 138 HOH HOH A . 
C 3 HOH 45  139 139 HOH HOH A . 
C 3 HOH 46  140 140 HOH HOH A . 
C 3 HOH 47  141 141 HOH HOH A . 
C 3 HOH 48  142 142 HOH HOH A . 
C 3 HOH 49  143 143 HOH HOH A . 
C 3 HOH 50  144 144 HOH HOH A . 
C 3 HOH 51  145 145 HOH HOH A . 
C 3 HOH 52  146 146 HOH HOH A . 
C 3 HOH 53  147 147 HOH HOH A . 
C 3 HOH 54  148 148 HOH HOH A . 
C 3 HOH 55  149 149 HOH HOH A . 
C 3 HOH 56  150 150 HOH HOH A . 
C 3 HOH 57  151 151 HOH HOH A . 
C 3 HOH 58  152 152 HOH HOH A . 
C 3 HOH 59  153 153 HOH HOH A . 
C 3 HOH 60  154 154 HOH HOH A . 
C 3 HOH 61  155 10  HOH HOH A . 
C 3 HOH 62  156 156 HOH HOH A . 
C 3 HOH 63  157 157 HOH HOH A . 
C 3 HOH 64  158 158 HOH HOH A . 
C 3 HOH 65  159 159 HOH HOH A . 
C 3 HOH 66  160 11  HOH HOH A . 
C 3 HOH 67  161 161 HOH HOH A . 
C 3 HOH 68  162 84  HOH HOH A . 
C 3 HOH 69  163 12  HOH HOH A . 
C 3 HOH 70  164 13  HOH HOH A . 
C 3 HOH 71  165 14  HOH HOH A . 
C 3 HOH 72  166 15  HOH HOH A . 
C 3 HOH 73  167 16  HOH HOH A . 
C 3 HOH 74  168 17  HOH HOH A . 
C 3 HOH 75  169 18  HOH HOH A . 
C 3 HOH 76  170 19  HOH HOH A . 
C 3 HOH 77  171 20  HOH HOH A . 
C 3 HOH 78  172 21  HOH HOH A . 
C 3 HOH 79  173 22  HOH HOH A . 
C 3 HOH 80  174 23  HOH HOH A . 
C 3 HOH 81  175 24  HOH HOH A . 
C 3 HOH 82  176 25  HOH HOH A . 
C 3 HOH 83  177 27  HOH HOH A . 
C 3 HOH 84  178 28  HOH HOH A . 
C 3 HOH 85  179 29  HOH HOH A . 
C 3 HOH 86  180 30  HOH HOH A . 
C 3 HOH 87  181 33  HOH HOH A . 
C 3 HOH 88  182 34  HOH HOH A . 
C 3 HOH 89  183 35  HOH HOH A . 
C 3 HOH 90  184 36  HOH HOH A . 
C 3 HOH 91  185 37  HOH HOH A . 
C 3 HOH 92  186 38  HOH HOH A . 
C 3 HOH 93  187 40  HOH HOH A . 
C 3 HOH 94  188 41  HOH HOH A . 
C 3 HOH 95  189 43  HOH HOH A . 
C 3 HOH 96  190 45  HOH HOH A . 
C 3 HOH 97  191 46  HOH HOH A . 
C 3 HOH 98  192 48  HOH HOH A . 
C 3 HOH 99  193 49  HOH HOH A . 
C 3 HOH 100 194 50  HOH HOH A . 
C 3 HOH 101 195 52  HOH HOH A . 
C 3 HOH 102 196 53  HOH HOH A . 
C 3 HOH 103 197 54  HOH HOH A . 
C 3 HOH 104 198 55  HOH HOH A . 
C 3 HOH 105 199 56  HOH HOH A . 
C 3 HOH 106 200 57  HOH HOH A . 
C 3 HOH 107 201 58  HOH HOH A . 
C 3 HOH 108 203 62  HOH HOH A . 
C 3 HOH 109 204 63  HOH HOH A . 
C 3 HOH 110 205 64  HOH HOH A . 
C 3 HOH 111 206 65  HOH HOH A . 
C 3 HOH 112 207 66  HOH HOH A . 
C 3 HOH 113 208 67  HOH HOH A . 
C 3 HOH 114 209 68  HOH HOH A . 
C 3 HOH 115 210 69  HOH HOH A . 
C 3 HOH 116 211 70  HOH HOH A . 
C 3 HOH 117 212 71  HOH HOH A . 
C 3 HOH 118 213 73  HOH HOH A . 
C 3 HOH 119 214 81  HOH HOH A . 
C 3 HOH 120 215 82  HOH HOH A . 
C 3 HOH 121 216 83  HOH HOH A . 
C 3 HOH 122 217 85  HOH HOH A . 
C 3 HOH 123 218 87  HOH HOH A . 
C 3 HOH 124 219 88  HOH HOH A . 
C 3 HOH 125 220 89  HOH HOH A . 
C 3 HOH 126 221 90  HOH HOH A . 
C 3 HOH 127 222 91  HOH HOH A . 
C 3 HOH 128 223 92  HOH HOH A . 
C 3 HOH 129 224 93  HOH HOH A . 
C 3 HOH 130 225 94  HOH HOH A . 
C 3 HOH 131 226 96  HOH HOH A . 
C 3 HOH 132 227 97  HOH HOH A . 
C 3 HOH 133 228 99  HOH HOH A . 
C 3 HOH 134 229 100 HOH HOH A . 
D 3 HOH 1   4   4   HOH HOH C . 
D 3 HOH 2   26  26  HOH HOH C . 
D 3 HOH 3   32  32  HOH HOH C . 
D 3 HOH 4   58  39  HOH HOH C . 
D 3 HOH 5   59  42  HOH HOH C . 
D 3 HOH 6   60  60  HOH HOH C . 
D 3 HOH 7   61  61  HOH HOH C . 
D 3 HOH 8   62  44  HOH HOH C . 
D 3 HOH 9   63  47  HOH HOH C . 
D 3 HOH 10  64  51  HOH HOH C . 
D 3 HOH 11  72  72  HOH HOH C . 
D 3 HOH 12  86  86  HOH HOH C . 
D 3 HOH 13  95  95  HOH HOH C . 
D 3 HOH 14  98  98  HOH HOH C . 
D 3 HOH 15  106 106 HOH HOH C . 
D 3 HOH 16  109 109 HOH HOH C . 
D 3 HOH 17  119 119 HOH HOH C . 
D 3 HOH 18  127 127 HOH HOH C . 
D 3 HOH 19  133 133 HOH HOH C . 
D 3 HOH 20  135 135 HOH HOH C . 
D 3 HOH 21  155 155 HOH HOH C . 
D 3 HOH 22  162 162 HOH HOH C . 
D 3 HOH 23  202 59  HOH HOH C . 
# 
_pdbx_struct_assembly.id                   1 
_pdbx_struct_assembly.details              author_and_software_defined_assembly 
_pdbx_struct_assembly.method_details       PISA 
_pdbx_struct_assembly.oligomeric_details   dimeric 
_pdbx_struct_assembly.oligomeric_count     2 
# 
_pdbx_struct_assembly_gen.assembly_id       1 
_pdbx_struct_assembly_gen.oper_expression   1 
_pdbx_struct_assembly_gen.asym_id_list      A,B,C,D 
# 
loop_
_pdbx_struct_assembly_prop.biol_id 
_pdbx_struct_assembly_prop.type 
_pdbx_struct_assembly_prop.value 
_pdbx_struct_assembly_prop.details 
1 'ABSA (A^2)' 1130 ? 
1 MORE         -8   ? 
1 'SSA (A^2)'  5910 ? 
# 
_pdbx_struct_oper_list.id                   1 
_pdbx_struct_oper_list.type                 'identity operation' 
_pdbx_struct_oper_list.name                 1_555 
_pdbx_struct_oper_list.symmetry_operation   x,y,z 
_pdbx_struct_oper_list.matrix[1][1]         1.0000000000 
_pdbx_struct_oper_list.matrix[1][2]         0.0000000000 
_pdbx_struct_oper_list.matrix[1][3]         0.0000000000 
_pdbx_struct_oper_list.vector[1]            0.0000000000 
_pdbx_struct_oper_list.matrix[2][1]         0.0000000000 
_pdbx_struct_oper_list.matrix[2][2]         1.0000000000 
_pdbx_struct_oper_list.matrix[2][3]         0.0000000000 
_pdbx_struct_oper_list.vector[2]            0.0000000000 
_pdbx_struct_oper_list.matrix[3][1]         0.0000000000 
_pdbx_struct_oper_list.matrix[3][2]         0.0000000000 
_pdbx_struct_oper_list.matrix[3][3]         1.0000000000 
_pdbx_struct_oper_list.vector[3]            0.0000000000 
# 
loop_
_pdbx_audit_revision_history.ordinal 
_pdbx_audit_revision_history.data_content_type 
_pdbx_audit_revision_history.major_revision 
_pdbx_audit_revision_history.minor_revision 
_pdbx_audit_revision_history.revision_date 
1 'Structure model' 1 0 2011-06-01 
2 'Structure model' 1 1 2011-07-13 
3 'Structure model' 1 2 2023-09-06 
# 
_pdbx_audit_revision_details.ordinal             1 
_pdbx_audit_revision_details.revision_ordinal    1 
_pdbx_audit_revision_details.data_content_type   'Structure model' 
_pdbx_audit_revision_details.provider            repository 
_pdbx_audit_revision_details.type                'Initial release' 
_pdbx_audit_revision_details.description         ? 
_pdbx_audit_revision_details.details             ? 
# 
loop_
_pdbx_audit_revision_group.ordinal 
_pdbx_audit_revision_group.revision_ordinal 
_pdbx_audit_revision_group.data_content_type 
_pdbx_audit_revision_group.group 
1 2 'Structure model' 'Version format compliance' 
2 3 'Structure model' 'Data collection'           
3 3 'Structure model' 'Database references'       
4 3 'Structure model' 'Refinement description'    
# 
loop_
_pdbx_audit_revision_category.ordinal 
_pdbx_audit_revision_category.revision_ordinal 
_pdbx_audit_revision_category.data_content_type 
_pdbx_audit_revision_category.category 
1 3 'Structure model' chem_comp_atom                
2 3 'Structure model' chem_comp_bond                
3 3 'Structure model' database_2                    
4 3 'Structure model' pdbx_initial_refinement_model 
5 3 'Structure model' struct_ref_seq_dif            
# 
loop_
_pdbx_audit_revision_item.ordinal 
_pdbx_audit_revision_item.revision_ordinal 
_pdbx_audit_revision_item.data_content_type 
_pdbx_audit_revision_item.item 
1 3 'Structure model' '_database_2.pdbx_DOI'                
2 3 'Structure model' '_database_2.pdbx_database_accession' 
3 3 'Structure model' '_struct_ref_seq_dif.details'         
# 
loop_
_software.name 
_software.classification 
_software.version 
_software.citation_id 
_software.pdbx_ordinal 
MAR345dtb 'data collection' .        ? 1 
MOLREP    phasing           .        ? 2 
REFMAC    refinement        5.2.0019 ? 3 
XDS       'data reduction'  .        ? 4 
XSCALE    'data scaling'    .        ? 5 
# 
loop_
_pdbx_unobs_or_zero_occ_atoms.id 
_pdbx_unobs_or_zero_occ_atoms.PDB_model_num 
_pdbx_unobs_or_zero_occ_atoms.polymer_flag 
_pdbx_unobs_or_zero_occ_atoms.occupancy_flag 
_pdbx_unobs_or_zero_occ_atoms.auth_asym_id 
_pdbx_unobs_or_zero_occ_atoms.auth_comp_id 
_pdbx_unobs_or_zero_occ_atoms.auth_seq_id 
_pdbx_unobs_or_zero_occ_atoms.PDB_ins_code 
_pdbx_unobs_or_zero_occ_atoms.auth_atom_id 
_pdbx_unobs_or_zero_occ_atoms.label_alt_id 
_pdbx_unobs_or_zero_occ_atoms.label_asym_id 
_pdbx_unobs_or_zero_occ_atoms.label_comp_id 
_pdbx_unobs_or_zero_occ_atoms.label_seq_id 
_pdbx_unobs_or_zero_occ_atoms.label_atom_id 
1  1 Y 1 A GLN 38 ? CD  ? A GLN 58 CD  
2  1 Y 1 A GLN 38 ? OE1 ? A GLN 58 OE1 
3  1 Y 1 A GLN 38 ? NE2 ? A GLN 58 NE2 
4  1 Y 1 C ILE 40 ? CD1 ? B ILE 4  CD1 
5  1 Y 1 C GLU 41 ? CG  ? B GLU 5  CG  
6  1 Y 1 C GLU 41 ? CD  ? B GLU 5  CD  
7  1 Y 1 C GLU 41 ? OE1 ? B GLU 5  OE1 
8  1 Y 1 C GLU 45 ? OE1 ? B GLU 9  OE1 
9  1 Y 1 C LYS 53 ? CG  ? B LYS 17 CG  
10 1 Y 1 C LYS 53 ? CD  ? B LYS 17 CD  
11 1 Y 1 C LYS 53 ? CE  ? B LYS 17 CE  
12 1 Y 1 C LYS 53 ? NZ  ? B LYS 17 NZ  
# 
loop_
_pdbx_unobs_or_zero_occ_residues.id 
_pdbx_unobs_or_zero_occ_residues.PDB_model_num 
_pdbx_unobs_or_zero_occ_residues.polymer_flag 
_pdbx_unobs_or_zero_occ_residues.occupancy_flag 
_pdbx_unobs_or_zero_occ_residues.auth_asym_id 
_pdbx_unobs_or_zero_occ_residues.auth_comp_id 
_pdbx_unobs_or_zero_occ_residues.auth_seq_id 
_pdbx_unobs_or_zero_occ_residues.PDB_ins_code 
_pdbx_unobs_or_zero_occ_residues.label_asym_id 
_pdbx_unobs_or_zero_occ_residues.label_comp_id 
_pdbx_unobs_or_zero_occ_residues.label_seq_id 
1  1 Y 1 A MET 81 ? A MET 1  
2  1 Y 1 A GLY 82 ? A GLY 2  
3  1 Y 1 A SER 83 ? A SER 3  
4  1 Y 1 A SER 84 ? A SER 4  
5  1 Y 1 A HIS 85 ? A HIS 5  
6  1 Y 1 A HIS 86 ? A HIS 6  
7  1 Y 1 A HIS 87 ? A HIS 7  
8  1 Y 1 A HIS 88 ? A HIS 8  
9  1 Y 1 A HIS 89 ? A HIS 9  
10 1 Y 1 A HIS 90 ? A HIS 10 
11 1 Y 1 A SER 91 ? A SER 11 
12 1 Y 1 A SER 92 ? A SER 12 
13 1 Y 1 A GLY 93 ? A GLY 13 
# 
loop_
_chem_comp_atom.comp_id 
_chem_comp_atom.atom_id 
_chem_comp_atom.type_symbol 
_chem_comp_atom.pdbx_aromatic_flag 
_chem_comp_atom.pdbx_stereo_config 
_chem_comp_atom.pdbx_ordinal 
ALA N    N N N 1   
ALA CA   C N S 2   
ALA C    C N N 3   
ALA O    O N N 4   
ALA CB   C N N 5   
ALA OXT  O N N 6   
ALA H    H N N 7   
ALA H2   H N N 8   
ALA HA   H N N 9   
ALA HB1  H N N 10  
ALA HB2  H N N 11  
ALA HB3  H N N 12  
ALA HXT  H N N 13  
ARG N    N N N 14  
ARG CA   C N S 15  
ARG C    C N N 16  
ARG O    O N N 17  
ARG CB   C N N 18  
ARG CG   C N N 19  
ARG CD   C N N 20  
ARG NE   N N N 21  
ARG CZ   C N N 22  
ARG NH1  N N N 23  
ARG NH2  N N N 24  
ARG OXT  O N N 25  
ARG H    H N N 26  
ARG H2   H N N 27  
ARG HA   H N N 28  
ARG HB2  H N N 29  
ARG HB3  H N N 30  
ARG HG2  H N N 31  
ARG HG3  H N N 32  
ARG HD2  H N N 33  
ARG HD3  H N N 34  
ARG HE   H N N 35  
ARG HH11 H N N 36  
ARG HH12 H N N 37  
ARG HH21 H N N 38  
ARG HH22 H N N 39  
ARG HXT  H N N 40  
ASN N    N N N 41  
ASN CA   C N S 42  
ASN C    C N N 43  
ASN O    O N N 44  
ASN CB   C N N 45  
ASN CG   C N N 46  
ASN OD1  O N N 47  
ASN ND2  N N N 48  
ASN OXT  O N N 49  
ASN H    H N N 50  
ASN H2   H N N 51  
ASN HA   H N N 52  
ASN HB2  H N N 53  
ASN HB3  H N N 54  
ASN HD21 H N N 55  
ASN HD22 H N N 56  
ASN HXT  H N N 57  
ASP N    N N N 58  
ASP CA   C N S 59  
ASP C    C N N 60  
ASP O    O N N 61  
ASP CB   C N N 62  
ASP CG   C N N 63  
ASP OD1  O N N 64  
ASP OD2  O N N 65  
ASP OXT  O N N 66  
ASP H    H N N 67  
ASP H2   H N N 68  
ASP HA   H N N 69  
ASP HB2  H N N 70  
ASP HB3  H N N 71  
ASP HD2  H N N 72  
ASP HXT  H N N 73  
CYS N    N N N 74  
CYS CA   C N R 75  
CYS C    C N N 76  
CYS O    O N N 77  
CYS CB   C N N 78  
CYS SG   S N N 79  
CYS OXT  O N N 80  
CYS H    H N N 81  
CYS H2   H N N 82  
CYS HA   H N N 83  
CYS HB2  H N N 84  
CYS HB3  H N N 85  
CYS HG   H N N 86  
CYS HXT  H N N 87  
GLN N    N N N 88  
GLN CA   C N S 89  
GLN C    C N N 90  
GLN O    O N N 91  
GLN CB   C N N 92  
GLN CG   C N N 93  
GLN CD   C N N 94  
GLN OE1  O N N 95  
GLN NE2  N N N 96  
GLN OXT  O N N 97  
GLN H    H N N 98  
GLN H2   H N N 99  
GLN HA   H N N 100 
GLN HB2  H N N 101 
GLN HB3  H N N 102 
GLN HG2  H N N 103 
GLN HG3  H N N 104 
GLN HE21 H N N 105 
GLN HE22 H N N 106 
GLN HXT  H N N 107 
GLU N    N N N 108 
GLU CA   C N S 109 
GLU C    C N N 110 
GLU O    O N N 111 
GLU CB   C N N 112 
GLU CG   C N N 113 
GLU CD   C N N 114 
GLU OE1  O N N 115 
GLU OE2  O N N 116 
GLU OXT  O N N 117 
GLU H    H N N 118 
GLU H2   H N N 119 
GLU HA   H N N 120 
GLU HB2  H N N 121 
GLU HB3  H N N 122 
GLU HG2  H N N 123 
GLU HG3  H N N 124 
GLU HE2  H N N 125 
GLU HXT  H N N 126 
GLY N    N N N 127 
GLY CA   C N N 128 
GLY C    C N N 129 
GLY O    O N N 130 
GLY OXT  O N N 131 
GLY H    H N N 132 
GLY H2   H N N 133 
GLY HA2  H N N 134 
GLY HA3  H N N 135 
GLY HXT  H N N 136 
HIS N    N N N 137 
HIS CA   C N S 138 
HIS C    C N N 139 
HIS O    O N N 140 
HIS CB   C N N 141 
HIS CG   C Y N 142 
HIS ND1  N Y N 143 
HIS CD2  C Y N 144 
HIS CE1  C Y N 145 
HIS NE2  N Y N 146 
HIS OXT  O N N 147 
HIS H    H N N 148 
HIS H2   H N N 149 
HIS HA   H N N 150 
HIS HB2  H N N 151 
HIS HB3  H N N 152 
HIS HD1  H N N 153 
HIS HD2  H N N 154 
HIS HE1  H N N 155 
HIS HE2  H N N 156 
HIS HXT  H N N 157 
HOH O    O N N 158 
HOH H1   H N N 159 
HOH H2   H N N 160 
ILE N    N N N 161 
ILE CA   C N S 162 
ILE C    C N N 163 
ILE O    O N N 164 
ILE CB   C N S 165 
ILE CG1  C N N 166 
ILE CG2  C N N 167 
ILE CD1  C N N 168 
ILE OXT  O N N 169 
ILE H    H N N 170 
ILE H2   H N N 171 
ILE HA   H N N 172 
ILE HB   H N N 173 
ILE HG12 H N N 174 
ILE HG13 H N N 175 
ILE HG21 H N N 176 
ILE HG22 H N N 177 
ILE HG23 H N N 178 
ILE HD11 H N N 179 
ILE HD12 H N N 180 
ILE HD13 H N N 181 
ILE HXT  H N N 182 
LEU N    N N N 183 
LEU CA   C N S 184 
LEU C    C N N 185 
LEU O    O N N 186 
LEU CB   C N N 187 
LEU CG   C N N 188 
LEU CD1  C N N 189 
LEU CD2  C N N 190 
LEU OXT  O N N 191 
LEU H    H N N 192 
LEU H2   H N N 193 
LEU HA   H N N 194 
LEU HB2  H N N 195 
LEU HB3  H N N 196 
LEU HG   H N N 197 
LEU HD11 H N N 198 
LEU HD12 H N N 199 
LEU HD13 H N N 200 
LEU HD21 H N N 201 
LEU HD22 H N N 202 
LEU HD23 H N N 203 
LEU HXT  H N N 204 
LYS N    N N N 205 
LYS CA   C N S 206 
LYS C    C N N 207 
LYS O    O N N 208 
LYS CB   C N N 209 
LYS CG   C N N 210 
LYS CD   C N N 211 
LYS CE   C N N 212 
LYS NZ   N N N 213 
LYS OXT  O N N 214 
LYS H    H N N 215 
LYS H2   H N N 216 
LYS HA   H N N 217 
LYS HB2  H N N 218 
LYS HB3  H N N 219 
LYS HG2  H N N 220 
LYS HG3  H N N 221 
LYS HD2  H N N 222 
LYS HD3  H N N 223 
LYS HE2  H N N 224 
LYS HE3  H N N 225 
LYS HZ1  H N N 226 
LYS HZ2  H N N 227 
LYS HZ3  H N N 228 
LYS HXT  H N N 229 
MET N    N N N 230 
MET CA   C N S 231 
MET C    C N N 232 
MET O    O N N 233 
MET CB   C N N 234 
MET CG   C N N 235 
MET SD   S N N 236 
MET CE   C N N 237 
MET OXT  O N N 238 
MET H    H N N 239 
MET H2   H N N 240 
MET HA   H N N 241 
MET HB2  H N N 242 
MET HB3  H N N 243 
MET HG2  H N N 244 
MET HG3  H N N 245 
MET HE1  H N N 246 
MET HE2  H N N 247 
MET HE3  H N N 248 
MET HXT  H N N 249 
PHE N    N N N 250 
PHE CA   C N S 251 
PHE C    C N N 252 
PHE O    O N N 253 
PHE CB   C N N 254 
PHE CG   C Y N 255 
PHE CD1  C Y N 256 
PHE CD2  C Y N 257 
PHE CE1  C Y N 258 
PHE CE2  C Y N 259 
PHE CZ   C Y N 260 
PHE OXT  O N N 261 
PHE H    H N N 262 
PHE H2   H N N 263 
PHE HA   H N N 264 
PHE HB2  H N N 265 
PHE HB3  H N N 266 
PHE HD1  H N N 267 
PHE HD2  H N N 268 
PHE HE1  H N N 269 
PHE HE2  H N N 270 
PHE HZ   H N N 271 
PHE HXT  H N N 272 
PRO N    N N N 273 
PRO CA   C N S 274 
PRO C    C N N 275 
PRO O    O N N 276 
PRO CB   C N N 277 
PRO CG   C N N 278 
PRO CD   C N N 279 
PRO OXT  O N N 280 
PRO H    H N N 281 
PRO HA   H N N 282 
PRO HB2  H N N 283 
PRO HB3  H N N 284 
PRO HG2  H N N 285 
PRO HG3  H N N 286 
PRO HD2  H N N 287 
PRO HD3  H N N 288 
PRO HXT  H N N 289 
SER N    N N N 290 
SER CA   C N S 291 
SER C    C N N 292 
SER O    O N N 293 
SER CB   C N N 294 
SER OG   O N N 295 
SER OXT  O N N 296 
SER H    H N N 297 
SER H2   H N N 298 
SER HA   H N N 299 
SER HB2  H N N 300 
SER HB3  H N N 301 
SER HG   H N N 302 
SER HXT  H N N 303 
THR N    N N N 304 
THR CA   C N S 305 
THR C    C N N 306 
THR O    O N N 307 
THR CB   C N R 308 
THR OG1  O N N 309 
THR CG2  C N N 310 
THR OXT  O N N 311 
THR H    H N N 312 
THR H2   H N N 313 
THR HA   H N N 314 
THR HB   H N N 315 
THR HG1  H N N 316 
THR HG21 H N N 317 
THR HG22 H N N 318 
THR HG23 H N N 319 
THR HXT  H N N 320 
TYR N    N N N 321 
TYR CA   C N S 322 
TYR C    C N N 323 
TYR O    O N N 324 
TYR CB   C N N 325 
TYR CG   C Y N 326 
TYR CD1  C Y N 327 
TYR CD2  C Y N 328 
TYR CE1  C Y N 329 
TYR CE2  C Y N 330 
TYR CZ   C Y N 331 
TYR OH   O N N 332 
TYR OXT  O N N 333 
TYR H    H N N 334 
TYR H2   H N N 335 
TYR HA   H N N 336 
TYR HB2  H N N 337 
TYR HB3  H N N 338 
TYR HD1  H N N 339 
TYR HD2  H N N 340 
TYR HE1  H N N 341 
TYR HE2  H N N 342 
TYR HH   H N N 343 
TYR HXT  H N N 344 
VAL N    N N N 345 
VAL CA   C N S 346 
VAL C    C N N 347 
VAL O    O N N 348 
VAL CB   C N N 349 
VAL CG1  C N N 350 
VAL CG2  C N N 351 
VAL OXT  O N N 352 
VAL H    H N N 353 
VAL H2   H N N 354 
VAL HA   H N N 355 
VAL HB   H N N 356 
VAL HG11 H N N 357 
VAL HG12 H N N 358 
VAL HG13 H N N 359 
VAL HG21 H N N 360 
VAL HG22 H N N 361 
VAL HG23 H N N 362 
VAL HXT  H N N 363 
# 
loop_
_chem_comp_bond.comp_id 
_chem_comp_bond.atom_id_1 
_chem_comp_bond.atom_id_2 
_chem_comp_bond.value_order 
_chem_comp_bond.pdbx_aromatic_flag 
_chem_comp_bond.pdbx_stereo_config 
_chem_comp_bond.pdbx_ordinal 
ALA N   CA   sing N N 1   
ALA N   H    sing N N 2   
ALA N   H2   sing N N 3   
ALA CA  C    sing N N 4   
ALA CA  CB   sing N N 5   
ALA CA  HA   sing N N 6   
ALA C   O    doub N N 7   
ALA C   OXT  sing N N 8   
ALA CB  HB1  sing N N 9   
ALA CB  HB2  sing N N 10  
ALA CB  HB3  sing N N 11  
ALA OXT HXT  sing N N 12  
ARG N   CA   sing N N 13  
ARG N   H    sing N N 14  
ARG N   H2   sing N N 15  
ARG CA  C    sing N N 16  
ARG CA  CB   sing N N 17  
ARG CA  HA   sing N N 18  
ARG C   O    doub N N 19  
ARG C   OXT  sing N N 20  
ARG CB  CG   sing N N 21  
ARG CB  HB2  sing N N 22  
ARG CB  HB3  sing N N 23  
ARG CG  CD   sing N N 24  
ARG CG  HG2  sing N N 25  
ARG CG  HG3  sing N N 26  
ARG CD  NE   sing N N 27  
ARG CD  HD2  sing N N 28  
ARG CD  HD3  sing N N 29  
ARG NE  CZ   sing N N 30  
ARG NE  HE   sing N N 31  
ARG CZ  NH1  sing N N 32  
ARG CZ  NH2  doub N N 33  
ARG NH1 HH11 sing N N 34  
ARG NH1 HH12 sing N N 35  
ARG NH2 HH21 sing N N 36  
ARG NH2 HH22 sing N N 37  
ARG OXT HXT  sing N N 38  
ASN N   CA   sing N N 39  
ASN N   H    sing N N 40  
ASN N   H2   sing N N 41  
ASN CA  C    sing N N 42  
ASN CA  CB   sing N N 43  
ASN CA  HA   sing N N 44  
ASN C   O    doub N N 45  
ASN C   OXT  sing N N 46  
ASN CB  CG   sing N N 47  
ASN CB  HB2  sing N N 48  
ASN CB  HB3  sing N N 49  
ASN CG  OD1  doub N N 50  
ASN CG  ND2  sing N N 51  
ASN ND2 HD21 sing N N 52  
ASN ND2 HD22 sing N N 53  
ASN OXT HXT  sing N N 54  
ASP N   CA   sing N N 55  
ASP N   H    sing N N 56  
ASP N   H2   sing N N 57  
ASP CA  C    sing N N 58  
ASP CA  CB   sing N N 59  
ASP CA  HA   sing N N 60  
ASP C   O    doub N N 61  
ASP C   OXT  sing N N 62  
ASP CB  CG   sing N N 63  
ASP CB  HB2  sing N N 64  
ASP CB  HB3  sing N N 65  
ASP CG  OD1  doub N N 66  
ASP CG  OD2  sing N N 67  
ASP OD2 HD2  sing N N 68  
ASP OXT HXT  sing N N 69  
CYS N   CA   sing N N 70  
CYS N   H    sing N N 71  
CYS N   H2   sing N N 72  
CYS CA  C    sing N N 73  
CYS CA  CB   sing N N 74  
CYS CA  HA   sing N N 75  
CYS C   O    doub N N 76  
CYS C   OXT  sing N N 77  
CYS CB  SG   sing N N 78  
CYS CB  HB2  sing N N 79  
CYS CB  HB3  sing N N 80  
CYS SG  HG   sing N N 81  
CYS OXT HXT  sing N N 82  
GLN N   CA   sing N N 83  
GLN N   H    sing N N 84  
GLN N   H2   sing N N 85  
GLN CA  C    sing N N 86  
GLN CA  CB   sing N N 87  
GLN CA  HA   sing N N 88  
GLN C   O    doub N N 89  
GLN C   OXT  sing N N 90  
GLN CB  CG   sing N N 91  
GLN CB  HB2  sing N N 92  
GLN CB  HB3  sing N N 93  
GLN CG  CD   sing N N 94  
GLN CG  HG2  sing N N 95  
GLN CG  HG3  sing N N 96  
GLN CD  OE1  doub N N 97  
GLN CD  NE2  sing N N 98  
GLN NE2 HE21 sing N N 99  
GLN NE2 HE22 sing N N 100 
GLN OXT HXT  sing N N 101 
GLU N   CA   sing N N 102 
GLU N   H    sing N N 103 
GLU N   H2   sing N N 104 
GLU CA  C    sing N N 105 
GLU CA  CB   sing N N 106 
GLU CA  HA   sing N N 107 
GLU C   O    doub N N 108 
GLU C   OXT  sing N N 109 
GLU CB  CG   sing N N 110 
GLU CB  HB2  sing N N 111 
GLU CB  HB3  sing N N 112 
GLU CG  CD   sing N N 113 
GLU CG  HG2  sing N N 114 
GLU CG  HG3  sing N N 115 
GLU CD  OE1  doub N N 116 
GLU CD  OE2  sing N N 117 
GLU OE2 HE2  sing N N 118 
GLU OXT HXT  sing N N 119 
GLY N   CA   sing N N 120 
GLY N   H    sing N N 121 
GLY N   H2   sing N N 122 
GLY CA  C    sing N N 123 
GLY CA  HA2  sing N N 124 
GLY CA  HA3  sing N N 125 
GLY C   O    doub N N 126 
GLY C   OXT  sing N N 127 
GLY OXT HXT  sing N N 128 
HIS N   CA   sing N N 129 
HIS N   H    sing N N 130 
HIS N   H2   sing N N 131 
HIS CA  C    sing N N 132 
HIS CA  CB   sing N N 133 
HIS CA  HA   sing N N 134 
HIS C   O    doub N N 135 
HIS C   OXT  sing N N 136 
HIS CB  CG   sing N N 137 
HIS CB  HB2  sing N N 138 
HIS CB  HB3  sing N N 139 
HIS CG  ND1  sing Y N 140 
HIS CG  CD2  doub Y N 141 
HIS ND1 CE1  doub Y N 142 
HIS ND1 HD1  sing N N 143 
HIS CD2 NE2  sing Y N 144 
HIS CD2 HD2  sing N N 145 
HIS CE1 NE2  sing Y N 146 
HIS CE1 HE1  sing N N 147 
HIS NE2 HE2  sing N N 148 
HIS OXT HXT  sing N N 149 
HOH O   H1   sing N N 150 
HOH O   H2   sing N N 151 
ILE N   CA   sing N N 152 
ILE N   H    sing N N 153 
ILE N   H2   sing N N 154 
ILE CA  C    sing N N 155 
ILE CA  CB   sing N N 156 
ILE CA  HA   sing N N 157 
ILE C   O    doub N N 158 
ILE C   OXT  sing N N 159 
ILE CB  CG1  sing N N 160 
ILE CB  CG2  sing N N 161 
ILE CB  HB   sing N N 162 
ILE CG1 CD1  sing N N 163 
ILE CG1 HG12 sing N N 164 
ILE CG1 HG13 sing N N 165 
ILE CG2 HG21 sing N N 166 
ILE CG2 HG22 sing N N 167 
ILE CG2 HG23 sing N N 168 
ILE CD1 HD11 sing N N 169 
ILE CD1 HD12 sing N N 170 
ILE CD1 HD13 sing N N 171 
ILE OXT HXT  sing N N 172 
LEU N   CA   sing N N 173 
LEU N   H    sing N N 174 
LEU N   H2   sing N N 175 
LEU CA  C    sing N N 176 
LEU CA  CB   sing N N 177 
LEU CA  HA   sing N N 178 
LEU C   O    doub N N 179 
LEU C   OXT  sing N N 180 
LEU CB  CG   sing N N 181 
LEU CB  HB2  sing N N 182 
LEU CB  HB3  sing N N 183 
LEU CG  CD1  sing N N 184 
LEU CG  CD2  sing N N 185 
LEU CG  HG   sing N N 186 
LEU CD1 HD11 sing N N 187 
LEU CD1 HD12 sing N N 188 
LEU CD1 HD13 sing N N 189 
LEU CD2 HD21 sing N N 190 
LEU CD2 HD22 sing N N 191 
LEU CD2 HD23 sing N N 192 
LEU OXT HXT  sing N N 193 
LYS N   CA   sing N N 194 
LYS N   H    sing N N 195 
LYS N   H2   sing N N 196 
LYS CA  C    sing N N 197 
LYS CA  CB   sing N N 198 
LYS CA  HA   sing N N 199 
LYS C   O    doub N N 200 
LYS C   OXT  sing N N 201 
LYS CB  CG   sing N N 202 
LYS CB  HB2  sing N N 203 
LYS CB  HB3  sing N N 204 
LYS CG  CD   sing N N 205 
LYS CG  HG2  sing N N 206 
LYS CG  HG3  sing N N 207 
LYS CD  CE   sing N N 208 
LYS CD  HD2  sing N N 209 
LYS CD  HD3  sing N N 210 
LYS CE  NZ   sing N N 211 
LYS CE  HE2  sing N N 212 
LYS CE  HE3  sing N N 213 
LYS NZ  HZ1  sing N N 214 
LYS NZ  HZ2  sing N N 215 
LYS NZ  HZ3  sing N N 216 
LYS OXT HXT  sing N N 217 
MET N   CA   sing N N 218 
MET N   H    sing N N 219 
MET N   H2   sing N N 220 
MET CA  C    sing N N 221 
MET CA  CB   sing N N 222 
MET CA  HA   sing N N 223 
MET C   O    doub N N 224 
MET C   OXT  sing N N 225 
MET CB  CG   sing N N 226 
MET CB  HB2  sing N N 227 
MET CB  HB3  sing N N 228 
MET CG  SD   sing N N 229 
MET CG  HG2  sing N N 230 
MET CG  HG3  sing N N 231 
MET SD  CE   sing N N 232 
MET CE  HE1  sing N N 233 
MET CE  HE2  sing N N 234 
MET CE  HE3  sing N N 235 
MET OXT HXT  sing N N 236 
PHE N   CA   sing N N 237 
PHE N   H    sing N N 238 
PHE N   H2   sing N N 239 
PHE CA  C    sing N N 240 
PHE CA  CB   sing N N 241 
PHE CA  HA   sing N N 242 
PHE C   O    doub N N 243 
PHE C   OXT  sing N N 244 
PHE CB  CG   sing N N 245 
PHE CB  HB2  sing N N 246 
PHE CB  HB3  sing N N 247 
PHE CG  CD1  doub Y N 248 
PHE CG  CD2  sing Y N 249 
PHE CD1 CE1  sing Y N 250 
PHE CD1 HD1  sing N N 251 
PHE CD2 CE2  doub Y N 252 
PHE CD2 HD2  sing N N 253 
PHE CE1 CZ   doub Y N 254 
PHE CE1 HE1  sing N N 255 
PHE CE2 CZ   sing Y N 256 
PHE CE2 HE2  sing N N 257 
PHE CZ  HZ   sing N N 258 
PHE OXT HXT  sing N N 259 
PRO N   CA   sing N N 260 
PRO N   CD   sing N N 261 
PRO N   H    sing N N 262 
PRO CA  C    sing N N 263 
PRO CA  CB   sing N N 264 
PRO CA  HA   sing N N 265 
PRO C   O    doub N N 266 
PRO C   OXT  sing N N 267 
PRO CB  CG   sing N N 268 
PRO CB  HB2  sing N N 269 
PRO CB  HB3  sing N N 270 
PRO CG  CD   sing N N 271 
PRO CG  HG2  sing N N 272 
PRO CG  HG3  sing N N 273 
PRO CD  HD2  sing N N 274 
PRO CD  HD3  sing N N 275 
PRO OXT HXT  sing N N 276 
SER N   CA   sing N N 277 
SER N   H    sing N N 278 
SER N   H2   sing N N 279 
SER CA  C    sing N N 280 
SER CA  CB   sing N N 281 
SER CA  HA   sing N N 282 
SER C   O    doub N N 283 
SER C   OXT  sing N N 284 
SER CB  OG   sing N N 285 
SER CB  HB2  sing N N 286 
SER CB  HB3  sing N N 287 
SER OG  HG   sing N N 288 
SER OXT HXT  sing N N 289 
THR N   CA   sing N N 290 
THR N   H    sing N N 291 
THR N   H2   sing N N 292 
THR CA  C    sing N N 293 
THR CA  CB   sing N N 294 
THR CA  HA   sing N N 295 
THR C   O    doub N N 296 
THR C   OXT  sing N N 297 
THR CB  OG1  sing N N 298 
THR CB  CG2  sing N N 299 
THR CB  HB   sing N N 300 
THR OG1 HG1  sing N N 301 
THR CG2 HG21 sing N N 302 
THR CG2 HG22 sing N N 303 
THR CG2 HG23 sing N N 304 
THR OXT HXT  sing N N 305 
TYR N   CA   sing N N 306 
TYR N   H    sing N N 307 
TYR N   H2   sing N N 308 
TYR CA  C    sing N N 309 
TYR CA  CB   sing N N 310 
TYR CA  HA   sing N N 311 
TYR C   O    doub N N 312 
TYR C   OXT  sing N N 313 
TYR CB  CG   sing N N 314 
TYR CB  HB2  sing N N 315 
TYR CB  HB3  sing N N 316 
TYR CG  CD1  doub Y N 317 
TYR CG  CD2  sing Y N 318 
TYR CD1 CE1  sing Y N 319 
TYR CD1 HD1  sing N N 320 
TYR CD2 CE2  doub Y N 321 
TYR CD2 HD2  sing N N 322 
TYR CE1 CZ   doub Y N 323 
TYR CE1 HE1  sing N N 324 
TYR CE2 CZ   sing Y N 325 
TYR CE2 HE2  sing N N 326 
TYR CZ  OH   sing N N 327 
TYR OH  HH   sing N N 328 
TYR OXT HXT  sing N N 329 
VAL N   CA   sing N N 330 
VAL N   H    sing N N 331 
VAL N   H2   sing N N 332 
VAL CA  C    sing N N 333 
VAL CA  CB   sing N N 334 
VAL CA  HA   sing N N 335 
VAL C   O    doub N N 336 
VAL C   OXT  sing N N 337 
VAL CB  CG1  sing N N 338 
VAL CB  CG2  sing N N 339 
VAL CB  HB   sing N N 340 
VAL CG1 HG11 sing N N 341 
VAL CG1 HG12 sing N N 342 
VAL CG1 HG13 sing N N 343 
VAL CG2 HG21 sing N N 344 
VAL CG2 HG22 sing N N 345 
VAL CG2 HG23 sing N N 346 
VAL OXT HXT  sing N N 347 
# 
_pdbx_entity_nonpoly.entity_id   3 
_pdbx_entity_nonpoly.name        water 
_pdbx_entity_nonpoly.comp_id     HOH 
# 
_pdbx_initial_refinement_model.id               1 
_pdbx_initial_refinement_model.entity_id_list   ? 
_pdbx_initial_refinement_model.type             'experimental model' 
_pdbx_initial_refinement_model.source_name      PDB 
_pdbx_initial_refinement_model.accession_code   1UBI 
_pdbx_initial_refinement_model.details          'PDB entry 1UBI' 
# 
